data_3NAK
#
_entry.id   3NAK
#
_cell.length_a   57.991
_cell.length_b   72.272
_cell.length_c   83.652
_cell.angle_alpha   85.45
_cell.angle_beta   84.04
_cell.angle_gamma   75.89
#
_symmetry.space_group_name_H-M   'P 1'
#
loop_
_entity.id
_entity.type
_entity.pdbx_description
1 polymer Lactoperoxidase
2 branched alpha-D-mannopyranose-(1-4)-2-acetamido-2-deoxy-beta-D-glucopyranose-(1-4)-2-acetamido-2-deoxy-beta-D-glucopyranose
3 branched beta-D-mannopyranose-(1-4)-2-acetamido-2-deoxy-beta-D-glucopyranose-(1-4)-2-acetamido-2-deoxy-beta-D-glucopyranose
4 branched 2-acetamido-2-deoxy-beta-D-glucopyranose-(1-4)-2-acetamido-2-deoxy-beta-D-glucopyranose
5 non-polymer 'CALCIUM ION'
6 non-polymer 'PROTOPORPHYRIN IX CONTAINING FE'
7 non-polymer 1-(OXIDOSULFANYL)METHANAMINE
8 non-polymer 'FORMIC ACID'
9 water water
#
_entity_poly.entity_id   1
_entity_poly.type   'polypeptide(L)'
_entity_poly.pdbx_seq_one_letter_code
;SWEVGCGAPVPLVTCDEQSPYRTITGDCNNRRSPALGAANRALARWLPAEYEDGLAVPFGWTQRKTRNGFRVPLAREVSN
KIVGYLDEEGVLDQNRSLLFMQWGQIVDHDLDFAPETELGSSEHSKVQCEEYCVQGDECFPIMFPKNDPKLKTQGKCMPF
FRAGFVCPTPPYQSLARDQINAVTSFLDASLVYGSEP(SEP)LASRLRNLSSPLGLMAVNQEAWDHGLAYPPFNNVKPSP
CEFINTTAHVPCFQAGDSRASEQILLATVHTLLLREHNRLARELKRLNPHWDGEMLYQEARKILGAFIQIITFRDYLPIV
LGSEMQKWIPPYQGYNNSVDPRISNVFTFAFRFGHMEVPSTVSRLDENYQPWGPEAELPLHTLFFNTWRIIKDGGIDPLV
RGLLAKNSKLMNQNKMVTSELRNKLFQPTHKVHGFDLAAINLQRCRDHGMPGYNSWRGFCGLSQPKTLKGLQAVLKNKVL
AKKLLDLYKTPDNIDIWIGGNAEPMVERGRVGPLLACLLGRQFQQIRDGDRFWWENPGVFTEKQRDSLQKVSFSRLICDN
THITKVPLHAFQANNYPHDFVDCSAVDKLDLSPWASREN
;
_entity_poly.pdbx_strand_id   A,B
#
loop_
_chem_comp.id
_chem_comp.type
_chem_comp.name
_chem_comp.formula
BMA D-saccharide, beta linking beta-D-mannopyranose 'C6 H12 O6'
CA non-polymer 'CALCIUM ION' 'Ca 2'
FMT non-polymer 'FORMIC ACID' 'C H2 O2'
HEM non-polymer 'PROTOPORPHYRIN IX CONTAINING FE' 'C34 H32 Fe N4 O4'
MAN D-saccharide, alpha linking alpha-D-mannopyranose 'C6 H12 O6'
NAG D-saccharide, beta linking 2-acetamido-2-deoxy-beta-D-glucopyranose 'C8 H15 N O6'
OSM non-polymer 1-(OXIDOSULFANYL)METHANAMINE 'C H5 N O S'
#
# COMPACT_ATOMS: atom_id res chain seq x y z
N SER A 1 -5.28 28.74 -27.33
CA SER A 1 -5.60 27.85 -26.18
C SER A 1 -5.61 26.38 -26.63
N TRP A 2 -6.71 25.68 -26.38
CA TRP A 2 -6.90 24.28 -26.82
C TRP A 2 -5.97 23.32 -26.07
N GLU A 3 -6.03 21.99 -26.28
CA GLU A 3 -6.71 21.26 -27.36
C GLU A 3 -8.24 21.41 -27.46
N VAL A 4 -8.73 21.32 -28.70
CA VAL A 4 -10.15 21.54 -29.05
C VAL A 4 -11.07 20.35 -28.71
N GLY A 5 -10.48 19.16 -28.62
CA GLY A 5 -11.24 17.95 -28.26
C GLY A 5 -10.39 16.84 -27.64
N CYS A 6 -9.86 17.10 -26.44
CA CYS A 6 -8.98 16.14 -25.74
C CYS A 6 -9.75 14.94 -25.19
N GLY A 7 -9.00 13.97 -24.67
CA GLY A 7 -9.56 12.81 -23.98
C GLY A 7 -10.05 11.66 -24.85
N ALA A 8 -10.29 10.53 -24.20
CA ALA A 8 -10.92 9.37 -24.84
C ALA A 8 -12.18 9.03 -24.03
N PRO A 9 -13.36 8.99 -24.68
CA PRO A 9 -14.62 8.73 -24.00
C PRO A 9 -15.11 7.30 -24.24
N VAL A 10 -16.31 7.21 -24.81
CA VAL A 10 -16.81 6.02 -25.45
C VAL A 10 -16.71 6.43 -26.92
N PRO A 11 -15.57 6.11 -27.55
CA PRO A 11 -15.13 6.69 -28.84
C PRO A 11 -15.93 6.20 -30.05
N LEU A 12 -17.01 5.46 -29.78
CA LEU A 12 -17.75 4.76 -30.83
C LEU A 12 -19.26 5.04 -30.79
N VAL A 13 -19.64 6.26 -31.19
CA VAL A 13 -21.06 6.64 -31.27
C VAL A 13 -21.35 7.62 -32.42
N THR A 14 -22.04 7.12 -33.45
CA THR A 14 -22.51 7.97 -34.56
C THR A 14 -24.03 8.07 -34.55
N CYS A 15 -24.55 9.22 -34.96
CA CYS A 15 -25.94 9.58 -34.73
C CYS A 15 -26.96 8.98 -35.71
N ASP A 16 -28.16 8.71 -35.19
CA ASP A 16 -29.28 8.25 -36.00
C ASP A 16 -30.16 9.42 -36.45
N GLU A 17 -30.23 10.45 -35.61
CA GLU A 17 -30.92 11.71 -35.94
C GLU A 17 -32.40 11.57 -36.28
N GLN A 18 -32.81 10.37 -36.63
CA GLN A 18 -34.21 10.09 -36.90
C GLN A 18 -34.89 9.26 -35.80
N SER A 19 -34.10 8.83 -34.81
CA SER A 19 -34.61 8.09 -33.66
C SER A 19 -35.24 9.02 -32.64
N PRO A 20 -36.39 8.63 -32.06
CA PRO A 20 -37.02 9.42 -31.02
C PRO A 20 -36.55 9.04 -29.62
N TYR A 21 -35.33 8.53 -29.52
CA TYR A 21 -34.82 8.05 -28.24
C TYR A 21 -33.46 8.63 -27.89
N ARG A 22 -33.27 8.98 -26.62
CA ARG A 22 -31.99 9.48 -26.15
C ARG A 22 -30.98 8.35 -26.12
N THR A 23 -29.71 8.65 -26.44
CA THR A 23 -28.64 7.68 -26.29
C THR A 23 -28.29 7.54 -24.83
N ILE A 24 -27.98 6.32 -24.41
CA ILE A 24 -27.58 6.07 -23.04
C ILE A 24 -26.47 7.01 -22.62
N THR A 25 -25.49 7.21 -23.51
CA THR A 25 -24.33 8.07 -23.25
C THR A 25 -24.65 9.56 -23.30
N GLY A 26 -25.76 9.92 -23.91
CA GLY A 26 -26.17 11.31 -24.01
C GLY A 26 -25.66 12.01 -25.25
N ASP A 27 -24.93 11.28 -26.08
CA ASP A 27 -24.48 11.77 -27.37
C ASP A 27 -25.67 12.09 -28.26
N CYS A 28 -25.42 12.76 -29.38
CA CYS A 28 -26.41 12.94 -30.45
C CYS A 28 -27.68 13.72 -30.05
N ASN A 29 -27.66 14.34 -28.89
CA ASN A 29 -28.73 15.26 -28.48
C ASN A 29 -28.64 16.49 -29.36
N ASN A 30 -27.42 17.03 -29.45
CA ASN A 30 -27.15 18.23 -30.24
C ASN A 30 -26.64 17.88 -31.63
N ARG A 31 -27.36 18.32 -32.65
CA ARG A 31 -27.00 17.99 -34.02
C ARG A 31 -25.73 18.72 -34.49
N ARG A 32 -25.53 19.94 -34.01
CA ARG A 32 -24.40 20.76 -34.45
C ARG A 32 -23.09 20.31 -33.79
N SER A 33 -23.07 20.28 -32.46
CA SER A 33 -21.92 19.77 -31.71
C SER A 33 -22.38 18.59 -30.86
N PRO A 34 -22.22 17.36 -31.39
CA PRO A 34 -22.87 16.14 -30.94
C PRO A 34 -22.38 15.52 -29.64
N ALA A 35 -21.22 15.93 -29.16
CA ALA A 35 -20.68 15.42 -27.90
C ALA A 35 -21.08 16.31 -26.72
N LEU A 36 -21.87 17.34 -27.02
CA LEU A 36 -22.30 18.31 -26.03
C LEU A 36 -23.33 17.72 -25.12
N GLY A 37 -22.98 17.58 -23.85
CA GLY A 37 -23.88 17.06 -22.82
C GLY A 37 -23.74 15.56 -22.57
N ALA A 38 -22.84 14.93 -23.31
CA ALA A 38 -22.61 13.50 -23.21
C ALA A 38 -21.94 13.18 -21.89
N ALA A 39 -21.62 11.90 -21.68
CA ALA A 39 -20.95 11.44 -20.48
C ALA A 39 -19.46 11.21 -20.70
N ASN A 40 -18.72 11.21 -19.58
CA ASN A 40 -17.25 11.04 -19.54
C ASN A 40 -16.42 12.15 -20.18
N ARG A 41 -16.86 13.39 -20.01
CA ARG A 41 -16.11 14.53 -20.52
C ARG A 41 -16.01 15.65 -19.48
N ALA A 42 -15.10 16.58 -19.74
CA ALA A 42 -14.83 17.69 -18.84
C ALA A 42 -16.10 18.41 -18.44
N LEU A 43 -16.23 18.64 -17.14
CA LEU A 43 -17.24 19.56 -16.62
C LEU A 43 -16.97 20.91 -17.26
N ALA A 44 -18.04 21.59 -17.65
CA ALA A 44 -17.93 22.90 -18.25
C ALA A 44 -17.29 23.86 -17.24
N ARG A 45 -16.57 24.87 -17.73
CA ARG A 45 -15.99 25.89 -16.86
C ARG A 45 -16.67 27.23 -17.09
N TRP A 46 -17.40 27.70 -16.09
CA TRP A 46 -18.02 29.01 -16.17
C TRP A 46 -16.99 30.11 -15.92
N LEU A 47 -16.03 29.80 -15.05
CA LEU A 47 -14.93 30.70 -14.74
C LEU A 47 -13.61 29.93 -14.74
N PRO A 48 -12.51 30.58 -15.17
CA PRO A 48 -11.22 29.92 -15.35
C PRO A 48 -10.72 29.28 -14.06
N ALA A 49 -10.14 28.08 -14.19
CA ALA A 49 -9.67 27.30 -13.05
C ALA A 49 -8.63 28.05 -12.24
N GLU A 50 -8.64 27.84 -10.92
CA GLU A 50 -7.69 28.50 -10.03
C GLU A 50 -6.85 27.52 -9.24
N TYR A 51 -5.59 27.37 -9.65
CA TYR A 51 -4.61 26.51 -8.98
C TYR A 51 -3.40 27.35 -8.56
N GLU A 52 -2.67 26.92 -7.53
CA GLU A 52 -1.52 27.69 -7.05
C GLU A 52 -0.38 27.76 -8.09
N ASP A 53 -0.20 26.68 -8.84
CA ASP A 53 0.74 26.64 -9.97
C ASP A 53 0.04 27.11 -11.23
N GLY A 54 -1.23 27.50 -11.09
CA GLY A 54 -2.05 27.94 -12.19
C GLY A 54 -2.53 26.82 -13.10
N LEU A 55 -2.06 25.60 -12.86
CA LEU A 55 -2.30 24.48 -13.78
C LEU A 55 -3.06 23.28 -13.23
N ALA A 56 -2.67 22.78 -12.05
CA ALA A 56 -3.22 21.52 -11.56
C ALA A 56 -3.13 21.31 -10.04
N VAL A 57 -2.16 21.96 -9.41
CA VAL A 57 -1.90 21.76 -7.98
C VAL A 57 -2.92 22.54 -7.13
N PRO A 58 -3.59 21.85 -6.18
CA PRO A 58 -4.65 22.49 -5.37
C PRO A 58 -4.11 23.53 -4.40
N PHE A 59 -4.97 24.47 -4.00
CA PHE A 59 -4.62 25.44 -2.95
C PHE A 59 -4.67 24.74 -1.60
N GLY A 60 -3.52 24.64 -0.95
CA GLY A 60 -3.40 23.92 0.33
C GLY A 60 -2.42 22.79 0.24
N TRP A 61 -1.91 22.56 -0.97
CA TRP A 61 -0.97 21.49 -1.24
C TRP A 61 0.40 21.78 -0.63
N THR A 62 0.95 22.95 -0.95
CA THR A 62 2.28 23.34 -0.49
C THR A 62 2.18 24.36 0.64
N GLN A 63 2.98 24.14 1.68
CA GLN A 63 2.88 24.94 2.90
C GLN A 63 3.44 26.37 2.77
N ARG A 64 4.57 26.48 2.06
CA ARG A 64 5.23 27.77 1.84
C ARG A 64 4.41 28.74 0.97
N LYS A 65 3.71 28.21 -0.02
CA LYS A 65 2.92 29.03 -0.93
C LYS A 65 1.60 29.44 -0.29
N THR A 66 1.02 30.53 -0.78
CA THR A 66 -0.20 31.08 -0.20
C THR A 66 -1.24 31.47 -1.24
N ARG A 67 -2.47 31.71 -0.80
CA ARG A 67 -3.51 32.21 -1.66
C ARG A 67 -3.80 33.65 -1.29
N ASN A 68 -3.50 34.57 -2.21
CA ASN A 68 -3.66 36.00 -1.99
C ASN A 68 -2.99 36.57 -0.74
N GLY A 69 -1.82 36.01 -0.42
CA GLY A 69 -1.02 36.48 0.71
C GLY A 69 -1.43 35.91 2.06
N PHE A 70 -2.27 34.89 2.05
CA PHE A 70 -2.68 34.20 3.25
C PHE A 70 -2.64 32.71 3.05
N ARG A 71 -2.30 31.98 4.10
CA ARG A 71 -2.38 30.52 4.09
C ARG A 71 -3.84 30.08 4.11
N VAL A 72 -4.19 29.19 3.21
CA VAL A 72 -5.51 28.57 3.20
C VAL A 72 -5.68 27.74 4.47
N PRO A 73 -6.87 27.80 5.09
CA PRO A 73 -7.16 27.06 6.31
C PRO A 73 -7.38 25.57 6.06
N LEU A 74 -7.02 24.73 7.02
CA LEU A 74 -7.16 23.29 6.89
C LEU A 74 -8.62 22.91 6.68
N ALA A 75 -8.84 21.96 5.78
CA ALA A 75 -10.20 21.58 5.40
C ALA A 75 -11.08 21.35 6.62
N ARG A 76 -10.59 20.55 7.56
CA ARG A 76 -11.36 20.20 8.78
C ARG A 76 -11.45 21.35 9.79
N GLU A 77 -10.44 22.21 9.85
CA GLU A 77 -10.48 23.33 10.80
C GLU A 77 -11.64 24.26 10.48
N VAL A 78 -11.90 24.44 9.19
CA VAL A 78 -13.06 25.21 8.74
C VAL A 78 -14.32 24.55 9.29
N SER A 79 -14.38 23.22 9.21
CA SER A 79 -15.55 22.47 9.68
C SER A 79 -15.72 22.54 11.19
N ASN A 80 -14.71 22.12 11.94
CA ASN A 80 -14.77 22.08 13.40
C ASN A 80 -15.28 23.38 14.00
N LYS A 81 -14.83 24.51 13.47
CA LYS A 81 -15.17 25.81 14.04
C LYS A 81 -16.52 26.36 13.57
N ILE A 82 -16.85 26.11 12.30
CA ILE A 82 -18.06 26.70 11.70
C ILE A 82 -19.19 25.72 11.43
N VAL A 83 -18.85 24.56 10.86
CA VAL A 83 -19.85 23.64 10.34
C VAL A 83 -20.63 22.82 11.40
N GLY A 84 -19.92 22.30 12.41
CA GLY A 84 -20.54 21.40 13.38
C GLY A 84 -21.40 22.01 14.47
N TYR A 85 -22.30 21.18 15.00
CA TYR A 85 -23.18 21.57 16.09
C TYR A 85 -23.52 20.35 16.92
N LEU A 86 -23.84 20.56 18.20
CA LEU A 86 -24.18 19.45 19.08
C LEU A 86 -25.69 19.22 19.21
N ASP A 87 -26.42 20.25 19.62
CA ASP A 87 -27.85 20.09 19.95
C ASP A 87 -28.71 19.96 18.70
N GLU A 88 -29.26 18.77 18.48
CA GLU A 88 -30.06 18.47 17.30
C GLU A 88 -31.51 18.92 17.43
N GLU A 89 -31.85 19.55 18.56
CA GLU A 89 -33.22 19.96 18.79
C GLU A 89 -33.55 21.24 18.03
N GLY A 90 -34.65 21.20 17.27
CA GLY A 90 -35.14 22.37 16.57
C GLY A 90 -34.50 22.58 15.22
N VAL A 91 -33.68 21.63 14.77
CA VAL A 91 -33.07 21.74 13.43
C VAL A 91 -33.96 21.22 12.33
N LEU A 92 -35.12 20.68 12.70
CA LEU A 92 -36.03 20.14 11.70
C LEU A 92 -36.73 21.27 10.94
N ASP A 93 -37.00 21.00 9.67
CA ASP A 93 -37.67 21.94 8.79
C ASP A 93 -39.16 21.70 8.96
N GLN A 94 -39.88 22.75 9.34
CA GLN A 94 -41.29 22.63 9.65
C GLN A 94 -42.19 22.67 8.42
N ASN A 95 -41.61 22.96 7.26
CA ASN A 95 -42.39 23.05 6.03
C ASN A 95 -41.81 22.25 4.86
N ARG A 96 -40.94 21.28 5.17
CA ARG A 96 -40.44 20.35 4.15
C ARG A 96 -40.12 18.94 4.66
N SER A 97 -40.53 17.95 3.88
CA SER A 97 -40.36 16.56 4.24
C SER A 97 -38.98 16.01 3.88
N LEU A 98 -38.61 14.91 4.55
CA LEU A 98 -37.38 14.18 4.28
C LEU A 98 -37.25 13.94 2.79
N LEU A 99 -38.38 13.92 2.09
CA LEU A 99 -38.40 13.76 0.65
C LEU A 99 -37.79 14.97 -0.04
N PHE A 100 -37.95 16.15 0.54
CA PHE A 100 -37.36 17.37 -0.01
C PHE A 100 -35.84 17.20 -0.04
N MET A 101 -35.29 16.62 1.02
CA MET A 101 -33.89 16.25 1.02
C MET A 101 -33.68 15.14 0.02
N GLN A 102 -34.51 14.12 0.09
CA GLN A 102 -34.30 12.95 -0.74
C GLN A 102 -34.26 13.20 -2.23
N TRP A 103 -35.19 13.99 -2.74
CA TRP A 103 -35.26 14.24 -4.17
C TRP A 103 -34.08 15.06 -4.63
N GLY A 104 -33.58 15.93 -3.76
CA GLY A 104 -32.36 16.65 -4.06
C GLY A 104 -31.26 15.72 -4.50
N GLN A 105 -31.07 14.62 -3.76
CA GLN A 105 -30.03 13.64 -4.04
C GLN A 105 -30.27 12.86 -5.31
N ILE A 106 -31.54 12.65 -5.66
CA ILE A 106 -31.90 11.91 -6.87
C ILE A 106 -31.57 12.67 -8.14
N VAL A 107 -32.07 13.90 -8.26
CA VAL A 107 -31.79 14.75 -9.43
C VAL A 107 -30.30 14.91 -9.60
N ASP A 108 -29.65 15.47 -8.59
CA ASP A 108 -28.22 15.67 -8.61
C ASP A 108 -27.50 14.45 -9.16
N HIS A 109 -27.81 13.28 -8.62
CA HIS A 109 -27.15 12.04 -9.02
C HIS A 109 -27.45 11.69 -10.48
N ASP A 110 -28.59 12.14 -10.96
CA ASP A 110 -28.95 12.05 -12.36
C ASP A 110 -28.05 12.97 -13.20
N LEU A 111 -27.78 14.16 -12.64
CA LEU A 111 -27.08 15.24 -13.35
C LEU A 111 -25.54 15.20 -13.34
N ASP A 112 -24.91 14.81 -12.24
CA ASP A 112 -23.44 14.78 -12.20
C ASP A 112 -22.75 13.72 -11.33
N PHE A 113 -21.50 13.41 -11.68
CA PHE A 113 -20.63 12.50 -10.95
C PHE A 113 -19.21 12.82 -11.36
N ALA A 114 -18.32 12.94 -10.38
CA ALA A 114 -16.91 13.16 -10.68
C ALA A 114 -16.08 12.07 -10.01
N PRO A 115 -15.84 10.97 -10.73
CA PRO A 115 -15.28 9.73 -10.18
C PRO A 115 -13.91 9.93 -9.54
N GLU A 116 -13.65 9.21 -8.45
CA GLU A 116 -12.40 9.33 -7.71
C GLU A 116 -11.24 8.74 -8.50
N THR A 117 -10.02 9.00 -8.02
CA THR A 117 -8.81 8.56 -8.70
C THR A 117 -8.18 7.34 -8.06
N GLU A 118 -8.99 6.36 -7.67
CA GLU A 118 -8.43 5.11 -7.16
C GLU A 118 -7.91 4.27 -8.32
N LEU A 119 -6.87 4.78 -8.98
CA LEU A 119 -6.19 4.10 -10.07
C LEU A 119 -5.32 2.99 -9.49
N GLY A 120 -5.30 1.85 -10.18
CA GLY A 120 -4.50 0.70 -9.77
C GLY A 120 -5.33 -0.53 -9.43
N SER A 121 -4.65 -1.66 -9.19
CA SER A 121 -5.31 -2.95 -8.83
C SER A 121 -4.72 -3.63 -7.58
N SER A 122 -3.39 -3.78 -7.53
CA SER A 122 -2.68 -4.27 -6.33
C SER A 122 -1.62 -3.25 -5.92
N GLU A 123 -2.00 -2.36 -5.01
CA GLU A 123 -1.35 -1.06 -4.84
C GLU A 123 -0.84 -0.74 -3.44
N HIS A 124 0.25 0.04 -3.38
CA HIS A 124 0.78 0.59 -2.13
C HIS A 124 0.58 2.12 -2.10
N SER A 125 0.11 2.70 -3.21
CA SER A 125 -0.23 4.12 -3.26
C SER A 125 -1.47 4.42 -2.43
N LYS A 126 -2.34 3.43 -2.31
CA LYS A 126 -3.50 3.50 -1.44
C LYS A 126 -3.06 3.44 0.01
N VAL A 127 -2.02 2.65 0.27
CA VAL A 127 -1.52 2.41 1.62
C VAL A 127 -0.76 3.60 2.20
N GLN A 128 0.14 4.21 1.42
CA GLN A 128 0.94 5.34 1.91
C GLN A 128 0.06 6.56 2.16
N CYS A 129 -1.10 6.57 1.53
CA CYS A 129 -2.08 7.63 1.76
C CYS A 129 -2.81 7.38 3.08
N GLU A 130 -3.43 6.20 3.21
CA GLU A 130 -4.22 5.88 4.38
C GLU A 130 -3.40 5.73 5.66
N GLU A 131 -2.30 4.99 5.58
CA GLU A 131 -1.51 4.66 6.76
C GLU A 131 -0.57 5.79 7.18
N TYR A 132 0.15 6.36 6.22
CA TYR A 132 1.20 7.32 6.54
C TYR A 132 0.80 8.76 6.31
N CYS A 133 -0.30 8.95 5.61
CA CYS A 133 -0.76 10.29 5.23
C CYS A 133 0.37 11.00 4.50
N VAL A 134 0.79 10.42 3.39
CA VAL A 134 1.85 11.02 2.59
C VAL A 134 1.23 11.68 1.38
N GLN A 135 1.33 13.00 1.34
CA GLN A 135 0.82 13.81 0.26
C GLN A 135 1.68 13.64 -0.98
N GLY A 136 1.06 13.61 -2.14
CA GLY A 136 1.79 13.45 -3.38
C GLY A 136 1.04 12.64 -4.40
N ASP A 137 1.13 13.05 -5.66
CA ASP A 137 0.41 12.43 -6.76
C ASP A 137 -1.10 12.52 -6.57
N GLU A 138 -1.78 11.38 -6.58
CA GLU A 138 -3.24 11.37 -6.51
C GLU A 138 -3.79 11.33 -5.10
N CYS A 139 -2.88 11.32 -4.12
CA CYS A 139 -3.26 11.37 -2.71
C CYS A 139 -3.14 12.80 -2.17
N PHE A 140 -4.25 13.33 -1.65
CA PHE A 140 -4.31 14.67 -1.09
C PHE A 140 -5.00 14.56 0.29
N PRO A 141 -4.21 14.31 1.36
CA PRO A 141 -4.75 14.05 2.69
C PRO A 141 -5.40 15.25 3.35
N ILE A 142 -6.41 14.97 4.18
CA ILE A 142 -7.07 15.96 5.01
C ILE A 142 -6.50 15.85 6.40
N MET A 143 -5.58 16.75 6.74
CA MET A 143 -4.88 16.72 8.02
C MET A 143 -5.79 17.10 9.17
N PHE A 144 -5.40 16.71 10.37
CA PHE A 144 -6.11 17.10 11.57
C PHE A 144 -5.38 18.24 12.26
N PRO A 145 -6.09 19.32 12.59
CA PRO A 145 -5.50 20.39 13.36
C PRO A 145 -5.28 19.99 14.81
N LYS A 146 -4.52 20.81 15.54
CA LYS A 146 -4.30 20.64 16.97
C LYS A 146 -5.62 20.43 17.71
N ASN A 147 -5.59 19.57 18.72
CA ASN A 147 -6.75 19.29 19.57
C ASN A 147 -8.02 18.85 18.83
N ASP A 148 -7.84 17.94 17.86
CA ASP A 148 -8.96 17.29 17.20
C ASP A 148 -9.14 15.94 17.87
N PRO A 149 -10.36 15.66 18.35
CA PRO A 149 -10.60 14.41 19.07
C PRO A 149 -10.33 13.19 18.20
N LYS A 150 -10.19 13.40 16.90
CA LYS A 150 -9.97 12.31 15.95
C LYS A 150 -8.51 11.90 15.87
N LEU A 151 -7.64 12.69 16.47
CA LEU A 151 -6.22 12.35 16.55
C LEU A 151 -6.00 11.14 17.46
N LYS A 152 -6.72 11.12 18.58
CA LYS A 152 -6.61 10.03 19.54
C LYS A 152 -7.13 8.74 18.96
N THR A 153 -8.19 8.82 18.16
CA THR A 153 -8.84 7.60 17.69
C THR A 153 -8.47 7.14 16.27
N GLN A 154 -8.41 8.09 15.34
CA GLN A 154 -8.27 7.76 13.91
C GLN A 154 -6.86 7.83 13.35
N GLY A 155 -6.08 8.82 13.76
CA GLY A 155 -4.71 8.93 13.27
C GLY A 155 -4.25 10.36 13.08
N LYS A 156 -3.54 10.61 12.00
CA LYS A 156 -3.03 11.95 11.70
C LYS A 156 -3.82 12.69 10.61
N CYS A 157 -4.59 11.94 9.82
CA CYS A 157 -5.37 12.51 8.71
C CYS A 157 -6.56 11.66 8.29
N MET A 158 -7.35 12.19 7.37
CA MET A 158 -8.38 11.41 6.69
C MET A 158 -7.95 11.21 5.25
N PRO A 159 -7.83 9.95 4.81
CA PRO A 159 -7.48 9.68 3.42
C PRO A 159 -8.36 10.49 2.49
N PHE A 160 -7.77 11.04 1.44
CA PHE A 160 -8.50 11.79 0.44
C PHE A 160 -7.81 11.69 -0.91
N PHE A 161 -8.55 11.29 -1.93
CA PHE A 161 -8.01 11.16 -3.27
C PHE A 161 -8.56 12.23 -4.19
N ARG A 162 -7.70 12.76 -5.05
CA ARG A 162 -8.08 13.77 -6.03
C ARG A 162 -9.11 13.20 -7.00
N ALA A 163 -9.82 14.09 -7.69
CA ALA A 163 -10.81 13.69 -8.69
C ALA A 163 -10.17 13.41 -10.05
N GLY A 164 -10.83 12.58 -10.85
CA GLY A 164 -10.34 12.19 -12.16
C GLY A 164 -10.36 13.33 -13.16
N PHE A 165 -9.39 13.35 -14.06
CA PHE A 165 -9.25 14.45 -15.00
C PHE A 165 -9.25 14.02 -16.47
N VAL A 166 -9.29 15.00 -17.37
CA VAL A 166 -9.42 14.76 -18.80
C VAL A 166 -8.13 14.36 -19.48
N CYS A 167 -8.24 14.02 -20.76
CA CYS A 167 -7.17 13.37 -21.51
C CYS A 167 -6.94 12.00 -20.82
N PRO A 168 -5.71 11.67 -20.41
CA PRO A 168 -5.55 10.50 -19.52
C PRO A 168 -5.35 10.86 -18.03
N THR A 169 -5.20 9.82 -17.18
CA THR A 169 -5.12 10.00 -15.70
C THR A 169 -3.71 10.04 -15.04
N PRO A 170 -2.65 9.55 -15.73
CA PRO A 170 -1.30 9.96 -15.35
C PRO A 170 -1.16 11.49 -15.48
N PRO A 171 -0.45 12.13 -14.52
CA PRO A 171 -0.34 13.60 -14.34
C PRO A 171 -0.44 14.45 -15.62
N TYR A 172 0.70 14.73 -16.26
CA TYR A 172 0.77 15.48 -17.53
C TYR A 172 0.52 17.00 -17.34
N GLN A 173 0.67 17.79 -18.41
CA GLN A 173 0.43 19.24 -18.36
C GLN A 173 0.20 19.90 -19.74
N SER A 174 -0.70 20.89 -19.79
CA SER A 174 -0.93 21.72 -21.00
C SER A 174 -1.84 22.94 -20.70
N LEU A 175 -3.16 22.70 -20.70
CA LEU A 175 -4.17 23.65 -20.23
C LEU A 175 -4.33 23.37 -18.73
N ALA A 176 -5.27 24.07 -18.08
CA ALA A 176 -5.62 23.82 -16.69
C ALA A 176 -6.38 22.52 -16.54
N ARG A 177 -6.42 21.97 -15.34
CA ARG A 177 -7.02 20.67 -15.07
C ARG A 177 -8.53 20.74 -14.98
N ASP A 178 -9.20 19.95 -15.83
CA ASP A 178 -10.65 19.87 -15.84
C ASP A 178 -11.06 18.50 -15.31
N GLN A 179 -12.10 18.45 -14.48
CA GLN A 179 -12.58 17.19 -13.89
C GLN A 179 -13.67 16.53 -14.73
N ILE A 180 -13.74 15.20 -14.68
CA ILE A 180 -14.63 14.41 -15.54
C ILE A 180 -16.03 14.19 -14.98
N ASN A 181 -17.05 14.33 -15.83
CA ASN A 181 -18.42 13.97 -15.47
C ASN A 181 -18.81 12.60 -16.01
N ALA A 182 -18.79 11.60 -15.14
CA ALA A 182 -19.01 10.21 -15.51
C ALA A 182 -20.43 9.88 -15.96
N VAL A 183 -21.34 10.84 -15.78
CA VAL A 183 -22.74 10.67 -16.19
C VAL A 183 -23.19 11.73 -17.20
N THR A 184 -24.38 11.54 -17.78
CA THR A 184 -24.91 12.44 -18.79
C THR A 184 -25.54 13.66 -18.14
N SER A 185 -25.30 14.82 -18.74
CA SER A 185 -25.71 16.12 -18.21
C SER A 185 -27.20 16.44 -18.27
N PHE A 186 -27.94 15.74 -19.12
CA PHE A 186 -29.38 15.96 -19.24
C PHE A 186 -30.14 15.31 -18.09
N LEU A 187 -31.29 15.86 -17.75
CA LEU A 187 -32.16 15.27 -16.73
C LEU A 187 -32.89 14.12 -17.39
N ASP A 188 -32.22 12.95 -17.45
CA ASP A 188 -32.69 11.84 -18.29
C ASP A 188 -32.84 10.49 -17.60
N ALA A 189 -33.04 10.50 -16.28
CA ALA A 189 -33.18 9.25 -15.51
C ALA A 189 -32.06 8.26 -15.84
N SER A 190 -30.82 8.70 -15.63
CA SER A 190 -29.66 7.88 -15.90
C SER A 190 -29.27 7.09 -14.66
N LEU A 191 -29.78 7.51 -13.50
CA LEU A 191 -29.56 6.77 -12.26
C LEU A 191 -30.11 5.36 -12.47
N VAL A 192 -31.18 5.28 -13.23
CA VAL A 192 -31.86 4.02 -13.46
C VAL A 192 -31.26 3.25 -14.63
N TYR A 193 -31.09 3.93 -15.77
CA TYR A 193 -30.74 3.23 -17.01
C TYR A 193 -29.25 3.21 -17.36
N GLY A 194 -28.43 3.96 -16.62
CA GLY A 194 -26.98 3.96 -16.83
C GLY A 194 -26.47 4.98 -17.82
N SER A 195 -25.17 5.26 -17.75
CA SER A 195 -24.51 6.21 -18.67
C SER A 195 -23.55 5.55 -19.66
N GLU A 196 -23.34 4.25 -19.49
CA GLU A 196 -22.48 3.48 -20.37
C GLU A 196 -23.29 2.43 -21.13
N PRO A 197 -23.17 2.39 -22.46
CA PRO A 197 -23.92 1.39 -23.22
C PRO A 197 -23.62 0.00 -22.70
N SEP A 198 -22.44 -0.15 -22.12
CA SEP A 198 -21.98 -1.42 -21.56
CB SEP A 198 -20.48 -1.36 -21.22
OG SEP A 198 -20.11 -0.10 -20.64
C SEP A 198 -22.79 -1.83 -20.33
O SEP A 198 -23.20 -2.99 -20.22
P SEP A 198 -19.32 0.81 -21.73
O1P SEP A 198 -19.30 0.10 -23.19
O2P SEP A 198 -17.79 1.11 -21.33
O3P SEP A 198 -20.11 2.22 -21.82
N LEU A 199 -23.03 -0.90 -19.42
CA LEU A 199 -23.77 -1.18 -18.19
C LEU A 199 -25.26 -1.13 -18.41
N ALA A 200 -25.69 -0.27 -19.33
CA ALA A 200 -27.11 -0.06 -19.60
C ALA A 200 -27.82 -1.36 -19.95
N SER A 201 -27.06 -2.25 -20.59
CA SER A 201 -27.54 -3.56 -21.00
C SER A 201 -27.58 -4.55 -19.84
N ARG A 202 -26.56 -4.50 -18.99
CA ARG A 202 -26.41 -5.43 -17.89
C ARG A 202 -27.60 -5.37 -16.93
N LEU A 203 -28.23 -4.20 -16.88
CA LEU A 203 -29.34 -3.99 -15.95
C LEU A 203 -30.69 -4.41 -16.51
N ARG A 204 -30.68 -4.91 -17.74
CA ARG A 204 -31.91 -5.29 -18.45
C ARG A 204 -32.20 -6.79 -18.40
N ASN A 205 -33.48 -7.12 -18.36
CA ASN A 205 -33.95 -8.51 -18.49
C ASN A 205 -34.06 -8.81 -19.98
N LEU A 206 -32.96 -9.27 -20.56
CA LEU A 206 -32.95 -9.62 -21.99
C LEU A 206 -33.31 -11.09 -22.19
N SER A 207 -33.89 -11.69 -21.15
CA SER A 207 -34.40 -13.06 -21.16
C SER A 207 -35.80 -13.19 -21.74
N SER A 208 -36.59 -12.13 -21.65
CA SER A 208 -37.93 -12.12 -22.23
C SER A 208 -38.13 -10.93 -23.18
N PRO A 209 -39.04 -11.04 -24.16
CA PRO A 209 -39.36 -9.90 -25.02
C PRO A 209 -40.37 -8.90 -24.41
N LEU A 210 -40.11 -8.44 -23.19
CA LEU A 210 -41.04 -7.53 -22.51
C LEU A 210 -40.46 -6.16 -22.15
N GLY A 211 -39.19 -5.93 -22.47
CA GLY A 211 -38.53 -4.67 -22.15
C GLY A 211 -38.43 -4.38 -20.67
N LEU A 212 -38.46 -5.43 -19.86
CA LEU A 212 -38.36 -5.30 -18.42
C LEU A 212 -36.92 -5.07 -18.01
N MET A 213 -36.69 -4.78 -16.73
CA MET A 213 -35.35 -4.56 -16.21
C MET A 213 -34.98 -5.56 -15.14
N ALA A 214 -33.73 -6.01 -15.16
CA ALA A 214 -33.25 -7.05 -14.26
C ALA A 214 -33.67 -6.74 -12.84
N VAL A 215 -34.22 -7.75 -12.17
CA VAL A 215 -34.65 -7.64 -10.78
C VAL A 215 -34.03 -8.74 -9.91
N ASN A 216 -34.03 -8.53 -8.60
CA ASN A 216 -33.44 -9.46 -7.66
C ASN A 216 -34.21 -10.76 -7.65
N GLN A 217 -33.48 -11.86 -7.57
CA GLN A 217 -34.08 -13.18 -7.55
C GLN A 217 -34.13 -13.72 -6.12
N GLU A 218 -33.17 -13.29 -5.30
CA GLU A 218 -33.03 -13.76 -3.92
C GLU A 218 -34.14 -13.23 -3.02
N ALA A 219 -34.31 -11.91 -2.98
CA ALA A 219 -35.27 -11.32 -2.05
C ALA A 219 -36.48 -10.68 -2.74
N TRP A 220 -37.57 -10.62 -2.01
CA TRP A 220 -38.83 -10.06 -2.51
C TRP A 220 -39.51 -9.23 -1.43
N ASP A 221 -39.94 -8.03 -1.80
CA ASP A 221 -40.61 -7.12 -0.88
C ASP A 221 -42.13 -7.19 -1.08
N HIS A 222 -42.76 -8.20 -0.49
CA HIS A 222 -44.21 -8.47 -0.61
C HIS A 222 -44.69 -8.61 -2.08
N GLY A 223 -43.94 -9.39 -2.86
CA GLY A 223 -44.28 -9.62 -4.25
C GLY A 223 -43.82 -8.52 -5.19
N LEU A 224 -43.37 -7.42 -4.60
CA LEU A 224 -42.85 -6.31 -5.36
C LEU A 224 -41.34 -6.43 -5.42
N ALA A 225 -40.76 -5.82 -6.44
CA ALA A 225 -39.36 -6.03 -6.81
C ALA A 225 -38.33 -5.26 -5.97
N TYR A 226 -37.10 -5.77 -5.96
CA TYR A 226 -35.94 -5.05 -5.47
C TYR A 226 -34.97 -4.90 -6.64
N PRO A 227 -33.98 -4.01 -6.51
CA PRO A 227 -32.93 -3.93 -7.52
C PRO A 227 -32.04 -5.16 -7.43
N PRO A 228 -31.30 -5.50 -8.51
CA PRO A 228 -30.42 -6.67 -8.48
C PRO A 228 -29.27 -6.43 -7.52
N PHE A 229 -28.65 -7.51 -7.04
CA PHE A 229 -27.46 -7.39 -6.21
C PHE A 229 -26.24 -7.11 -7.07
N ASN A 230 -25.26 -6.46 -6.47
CA ASN A 230 -23.99 -6.24 -7.14
C ASN A 230 -23.00 -7.30 -6.68
N ASN A 231 -22.98 -8.44 -7.38
CA ASN A 231 -22.11 -9.55 -7.02
C ASN A 231 -20.67 -9.28 -7.41
N VAL A 232 -20.15 -8.16 -6.93
CA VAL A 232 -18.75 -7.82 -7.15
C VAL A 232 -18.08 -7.60 -5.80
N LYS A 233 -17.51 -8.68 -5.27
CA LYS A 233 -16.88 -8.71 -3.96
C LYS A 233 -15.41 -8.32 -4.03
N PRO A 234 -14.90 -7.58 -3.04
CA PRO A 234 -15.53 -7.18 -1.78
C PRO A 234 -16.42 -5.97 -1.96
N SER A 235 -17.50 -5.91 -1.19
CA SER A 235 -18.46 -4.83 -1.30
C SER A 235 -18.61 -4.16 0.05
N PRO A 236 -18.88 -2.84 0.04
CA PRO A 236 -19.05 -2.09 1.28
C PRO A 236 -20.27 -2.51 2.11
N CYS A 237 -21.35 -2.88 1.43
CA CYS A 237 -22.59 -3.29 2.10
C CYS A 237 -22.44 -4.55 2.94
N GLU A 238 -21.62 -5.48 2.47
CA GLU A 238 -21.36 -6.71 3.20
C GLU A 238 -20.54 -6.42 4.44
N PHE A 239 -19.54 -5.56 4.31
CA PHE A 239 -18.62 -5.25 5.41
C PHE A 239 -19.31 -4.78 6.69
N ILE A 240 -20.35 -3.96 6.56
CA ILE A 240 -20.98 -3.32 7.73
C ILE A 240 -21.69 -4.28 8.68
N ASN A 241 -22.38 -5.28 8.13
CA ASN A 241 -22.89 -6.42 8.91
C ASN A 241 -22.54 -7.72 8.22
N THR A 242 -21.48 -8.36 8.71
CA THR A 242 -20.91 -9.55 8.08
C THR A 242 -21.84 -10.74 8.21
N THR A 243 -22.54 -10.80 9.34
CA THR A 243 -23.42 -11.93 9.64
C THR A 243 -24.59 -11.98 8.65
N ALA A 244 -24.99 -10.81 8.16
CA ALA A 244 -26.12 -10.68 7.23
C ALA A 244 -25.82 -11.20 5.82
N HIS A 245 -24.65 -10.85 5.29
CA HIS A 245 -24.23 -11.27 3.94
C HIS A 245 -24.94 -10.52 2.82
N VAL A 246 -25.57 -9.38 3.13
CA VAL A 246 -26.36 -8.66 2.14
C VAL A 246 -25.55 -7.56 1.46
N PRO A 247 -25.24 -7.74 0.16
CA PRO A 247 -24.53 -6.79 -0.68
C PRO A 247 -25.38 -5.62 -1.17
N CYS A 248 -24.73 -4.68 -1.85
CA CYS A 248 -25.37 -3.47 -2.35
C CYS A 248 -26.27 -3.74 -3.53
N PHE A 249 -27.22 -2.84 -3.76
CA PHE A 249 -28.03 -2.86 -4.97
C PHE A 249 -27.21 -2.38 -6.15
N GLN A 250 -27.63 -2.74 -7.35
CA GLN A 250 -26.98 -2.26 -8.56
C GLN A 250 -27.96 -1.50 -9.45
N ALA A 251 -27.63 -0.24 -9.71
CA ALA A 251 -28.39 0.58 -10.63
C ALA A 251 -27.43 1.23 -11.60
N GLY A 252 -27.94 2.13 -12.43
CA GLY A 252 -27.13 2.84 -13.42
C GLY A 252 -26.18 3.86 -12.82
N ASP A 253 -26.24 4.02 -11.50
CA ASP A 253 -25.36 4.95 -10.79
C ASP A 253 -24.68 4.26 -9.62
N SER A 254 -23.35 4.42 -9.53
CA SER A 254 -22.53 3.77 -8.50
C SER A 254 -22.91 4.10 -7.07
N ARG A 255 -23.49 5.29 -6.87
CA ARG A 255 -23.75 5.78 -5.52
C ARG A 255 -25.10 5.34 -4.96
N ALA A 256 -25.77 4.43 -5.68
CA ALA A 256 -27.14 4.02 -5.36
C ALA A 256 -27.32 3.51 -3.93
N SER A 257 -26.29 2.82 -3.42
CA SER A 257 -26.34 2.21 -2.10
C SER A 257 -25.61 3.00 -1.03
N GLU A 258 -25.27 4.27 -1.24
CA GLU A 258 -24.54 5.02 -0.22
C GLU A 258 -25.31 5.16 1.02
N GLN A 259 -26.59 5.48 0.90
CA GLN A 259 -27.42 5.51 2.10
C GLN A 259 -28.73 4.75 1.86
N ILE A 260 -29.45 4.46 2.94
CA ILE A 260 -30.63 3.60 2.88
C ILE A 260 -31.83 4.20 2.15
N LEU A 261 -32.01 5.51 2.27
CA LEU A 261 -33.16 6.17 1.65
C LEU A 261 -32.97 6.42 0.15
N LEU A 262 -31.72 6.58 -0.27
CA LEU A 262 -31.40 6.77 -1.69
C LEU A 262 -31.63 5.47 -2.47
N ALA A 263 -31.33 4.34 -1.84
CA ALA A 263 -31.61 3.03 -2.42
C ALA A 263 -33.10 2.74 -2.49
N THR A 264 -33.85 3.39 -1.59
CA THR A 264 -35.30 3.25 -1.49
C THR A 264 -36.01 3.88 -2.68
N VAL A 265 -35.67 5.13 -3.00
CA VAL A 265 -36.25 5.79 -4.18
C VAL A 265 -35.74 5.13 -5.47
N HIS A 266 -34.57 4.50 -5.39
CA HIS A 266 -34.04 3.70 -6.49
C HIS A 266 -34.90 2.45 -6.77
N THR A 267 -35.45 1.89 -5.69
CA THR A 267 -36.38 0.76 -5.76
C THR A 267 -37.72 1.19 -6.39
N LEU A 268 -38.24 2.34 -5.96
CA LEU A 268 -39.47 2.89 -6.53
C LEU A 268 -39.37 3.20 -8.04
N LEU A 269 -38.24 3.77 -8.46
CA LEU A 269 -38.02 4.12 -9.86
C LEU A 269 -37.90 2.88 -10.76
N LEU A 270 -37.07 1.93 -10.35
CA LEU A 270 -36.93 0.64 -11.03
C LEU A 270 -38.27 -0.06 -11.12
N ARG A 271 -39.05 0.05 -10.04
CA ARG A 271 -40.37 -0.55 -9.99
C ARG A 271 -41.34 0.02 -11.02
N GLU A 272 -41.34 1.33 -11.20
CA GLU A 272 -42.28 1.91 -12.16
C GLU A 272 -41.81 1.80 -13.61
N HIS A 273 -40.53 1.56 -13.84
CA HIS A 273 -40.09 1.26 -15.18
C HIS A 273 -40.83 0.01 -15.66
N ASN A 274 -40.77 -1.03 -14.86
CA ASN A 274 -41.43 -2.28 -15.15
C ASN A 274 -42.96 -2.17 -15.23
N ARG A 275 -43.54 -1.29 -14.42
CA ARG A 275 -45.00 -1.10 -14.43
C ARG A 275 -45.46 -0.44 -15.72
N LEU A 276 -44.73 0.58 -16.17
CA LEU A 276 -44.99 1.23 -17.44
C LEU A 276 -44.76 0.22 -18.56
N ALA A 277 -43.65 -0.51 -18.47
CA ALA A 277 -43.30 -1.54 -19.44
C ALA A 277 -44.40 -2.60 -19.58
N ARG A 278 -45.00 -2.98 -18.47
CA ARG A 278 -46.06 -3.99 -18.45
C ARG A 278 -47.38 -3.44 -18.97
N GLU A 279 -47.71 -2.21 -18.56
CA GLU A 279 -48.94 -1.55 -19.03
C GLU A 279 -48.90 -1.22 -20.52
N LEU A 280 -47.70 -1.00 -21.05
CA LEU A 280 -47.53 -0.73 -22.48
C LEU A 280 -47.66 -1.98 -23.35
N LYS A 281 -47.40 -3.16 -22.79
CA LYS A 281 -47.62 -4.42 -23.52
C LYS A 281 -49.07 -4.87 -23.37
N ARG A 282 -49.74 -4.38 -22.33
CA ARG A 282 -51.18 -4.54 -22.20
C ARG A 282 -51.88 -3.82 -23.36
N LEU A 283 -51.45 -2.58 -23.64
CA LEU A 283 -52.07 -1.73 -24.64
C LEU A 283 -51.52 -1.98 -26.05
N ASN A 284 -50.23 -2.27 -26.15
CA ASN A 284 -49.57 -2.50 -27.43
C ASN A 284 -48.88 -3.86 -27.48
N PRO A 285 -49.66 -4.94 -27.70
CA PRO A 285 -49.16 -6.32 -27.64
C PRO A 285 -48.15 -6.67 -28.75
N HIS A 286 -48.22 -5.95 -29.87
CA HIS A 286 -47.37 -6.22 -31.03
C HIS A 286 -45.95 -5.64 -30.90
N TRP A 287 -45.72 -4.85 -29.86
CA TRP A 287 -44.42 -4.20 -29.63
C TRP A 287 -43.32 -5.17 -29.22
N ASP A 288 -42.12 -4.98 -29.78
CA ASP A 288 -40.94 -5.75 -29.40
C ASP A 288 -40.34 -5.18 -28.11
N GLY A 289 -39.41 -5.92 -27.53
CA GLY A 289 -38.79 -5.54 -26.24
C GLY A 289 -38.09 -4.20 -26.25
N GLU A 290 -37.48 -3.86 -27.39
CA GLU A 290 -36.74 -2.62 -27.54
C GLU A 290 -37.64 -1.39 -27.44
N MET A 291 -38.76 -1.38 -28.18
CA MET A 291 -39.74 -0.29 -28.07
C MET A 291 -40.24 -0.14 -26.64
N LEU A 292 -40.52 -1.27 -26.00
CA LEU A 292 -40.99 -1.30 -24.59
C LEU A 292 -40.02 -0.62 -23.63
N TYR A 293 -38.80 -1.15 -23.53
CA TYR A 293 -37.73 -0.54 -22.73
C TYR A 293 -37.59 0.96 -23.00
N GLN A 294 -37.56 1.32 -24.29
CA GLN A 294 -37.34 2.71 -24.70
C GLN A 294 -38.54 3.60 -24.40
N GLU A 295 -39.75 3.12 -24.69
CA GLU A 295 -40.97 3.89 -24.42
C GLU A 295 -41.17 4.11 -22.94
N ALA A 296 -40.90 3.09 -22.14
CA ALA A 296 -40.92 3.21 -20.69
C ALA A 296 -39.86 4.18 -20.21
N ARG A 297 -38.64 4.03 -20.74
CA ARG A 297 -37.50 4.90 -20.42
C ARG A 297 -37.81 6.38 -20.70
N LYS A 298 -38.63 6.63 -21.72
CA LYS A 298 -39.01 7.97 -22.13
C LYS A 298 -40.04 8.60 -21.18
N ILE A 299 -41.03 7.81 -20.75
CA ILE A 299 -42.03 8.30 -19.79
C ILE A 299 -41.37 8.65 -18.46
N LEU A 300 -40.51 7.75 -17.99
CA LEU A 300 -39.83 7.92 -16.71
C LEU A 300 -38.93 9.14 -16.70
N GLY A 301 -38.26 9.37 -17.84
CA GLY A 301 -37.50 10.60 -18.06
C GLY A 301 -38.38 11.81 -17.79
N ALA A 302 -39.45 11.92 -18.58
CA ALA A 302 -40.47 12.95 -18.42
C ALA A 302 -41.00 13.05 -16.99
N PHE A 303 -41.16 11.89 -16.35
CA PHE A 303 -41.58 11.85 -14.95
C PHE A 303 -40.61 12.68 -14.10
N ILE A 304 -39.33 12.36 -14.16
CA ILE A 304 -38.31 13.03 -13.34
C ILE A 304 -38.14 14.52 -13.73
N GLN A 305 -38.53 14.87 -14.95
CA GLN A 305 -38.49 16.26 -15.40
C GLN A 305 -39.61 17.10 -14.78
N ILE A 306 -40.85 16.60 -14.86
CA ILE A 306 -42.03 17.28 -14.31
C ILE A 306 -41.94 17.43 -12.78
N ILE A 307 -41.51 16.37 -12.10
CA ILE A 307 -41.37 16.44 -10.64
C ILE A 307 -40.30 17.46 -10.20
N THR A 308 -39.13 17.38 -10.83
CA THR A 308 -38.00 18.28 -10.54
C THR A 308 -38.33 19.77 -10.75
N PHE A 309 -38.96 20.10 -11.86
CA PHE A 309 -39.19 21.51 -12.25
C PHE A 309 -40.52 22.11 -11.78
N ARG A 310 -41.57 21.28 -11.68
CA ARG A 310 -42.88 21.75 -11.22
C ARG A 310 -42.98 21.73 -9.70
N ASP A 311 -42.44 20.69 -9.08
CA ASP A 311 -42.64 20.43 -7.65
C ASP A 311 -41.43 20.76 -6.77
N TYR A 312 -40.23 20.34 -7.19
CA TYR A 312 -39.00 20.50 -6.40
C TYR A 312 -38.40 21.90 -6.47
N LEU A 313 -38.04 22.33 -7.69
CA LEU A 313 -37.34 23.59 -7.89
C LEU A 313 -38.03 24.84 -7.33
N PRO A 314 -39.36 25.00 -7.57
CA PRO A 314 -40.07 26.17 -7.02
C PRO A 314 -39.95 26.36 -5.51
N ILE A 315 -39.73 25.28 -4.76
CA ILE A 315 -39.57 25.38 -3.31
C ILE A 315 -38.10 25.42 -2.85
N VAL A 316 -37.19 25.28 -3.83
CA VAL A 316 -35.75 25.44 -3.57
C VAL A 316 -35.33 26.88 -3.82
N LEU A 317 -35.45 27.32 -5.07
CA LEU A 317 -35.02 28.66 -5.48
C LEU A 317 -35.96 29.75 -4.98
N GLY A 318 -37.22 29.38 -4.80
CA GLY A 318 -38.26 30.29 -4.30
C GLY A 318 -38.51 31.48 -5.21
N SER A 319 -38.70 32.65 -4.58
CA SER A 319 -38.95 33.90 -5.30
C SER A 319 -37.95 34.16 -6.41
N GLU A 320 -36.79 33.53 -6.31
CA GLU A 320 -35.70 33.69 -7.28
C GLU A 320 -35.87 32.90 -8.57
N MET A 321 -36.84 31.98 -8.63
CA MET A 321 -36.98 31.10 -9.78
C MET A 321 -37.29 31.81 -11.09
N GLN A 322 -38.36 32.60 -11.13
CA GLN A 322 -38.77 33.31 -12.34
C GLN A 322 -37.69 34.25 -12.89
N LYS A 323 -36.82 34.72 -11.99
CA LYS A 323 -35.66 35.52 -12.34
C LYS A 323 -34.61 34.71 -13.13
N TRP A 324 -34.56 33.41 -12.89
CA TRP A 324 -33.53 32.55 -13.48
C TRP A 324 -34.08 31.48 -14.42
N ILE A 325 -35.19 30.86 -14.02
CA ILE A 325 -35.88 29.87 -14.85
C ILE A 325 -37.24 30.44 -15.27
N PRO A 326 -37.25 31.25 -16.34
CA PRO A 326 -38.52 31.78 -16.86
C PRO A 326 -39.34 30.64 -17.48
N PRO A 327 -40.59 30.92 -17.91
CA PRO A 327 -41.38 29.91 -18.61
C PRO A 327 -40.70 29.38 -19.90
N TYR A 328 -41.05 28.16 -20.29
CA TYR A 328 -40.47 27.49 -21.46
C TYR A 328 -40.85 28.16 -22.76
N GLN A 329 -39.89 28.28 -23.68
CA GLN A 329 -40.16 28.86 -25.00
C GLN A 329 -39.52 28.11 -26.16
N GLY A 330 -39.07 26.88 -25.92
CA GLY A 330 -38.58 26.01 -26.98
C GLY A 330 -37.10 25.68 -26.93
N TYR A 331 -36.70 24.69 -27.72
CA TYR A 331 -35.33 24.20 -27.75
C TYR A 331 -34.38 25.16 -28.47
N ASN A 332 -33.49 25.75 -27.68
CA ASN A 332 -32.44 26.62 -28.19
C ASN A 332 -31.17 25.78 -28.45
N ASN A 333 -30.83 25.60 -29.72
CA ASN A 333 -29.64 24.80 -30.07
C ASN A 333 -28.29 25.48 -29.81
N SER A 334 -28.33 26.71 -29.29
CA SER A 334 -27.12 27.47 -28.96
C SER A 334 -26.75 27.44 -27.47
N VAL A 335 -27.63 26.88 -26.64
CA VAL A 335 -27.39 26.81 -25.20
C VAL A 335 -26.57 25.58 -24.81
N ASP A 336 -25.49 25.81 -24.07
CA ASP A 336 -24.62 24.74 -23.58
C ASP A 336 -25.31 23.93 -22.48
N PRO A 337 -25.64 22.66 -22.78
CA PRO A 337 -26.36 21.83 -21.82
C PRO A 337 -25.47 21.23 -20.73
N ARG A 338 -24.14 21.23 -20.96
CA ARG A 338 -23.17 20.63 -20.04
C ARG A 338 -23.25 21.18 -18.62
N ILE A 339 -22.97 20.31 -17.66
CA ILE A 339 -22.96 20.70 -16.26
C ILE A 339 -21.62 21.30 -15.88
N SER A 340 -21.64 22.53 -15.37
CA SER A 340 -20.43 23.22 -14.94
C SER A 340 -19.82 22.64 -13.67
N ASN A 341 -18.52 22.89 -13.48
CA ASN A 341 -17.78 22.42 -12.32
C ASN A 341 -18.38 22.93 -10.99
N VAL A 342 -18.57 24.25 -10.88
CA VAL A 342 -19.15 24.88 -9.69
C VAL A 342 -20.50 24.32 -9.27
N PHE A 343 -21.31 23.89 -10.25
CA PHE A 343 -22.62 23.32 -9.96
C PHE A 343 -22.52 22.10 -9.08
N THR A 344 -21.46 21.30 -9.27
CA THR A 344 -21.24 20.10 -8.45
C THR A 344 -20.91 20.45 -6.99
N PHE A 345 -20.77 21.75 -6.72
CA PHE A 345 -20.56 22.22 -5.36
C PHE A 345 -21.72 23.09 -4.88
N ALA A 346 -22.47 23.64 -5.84
CA ALA A 346 -23.66 24.42 -5.53
C ALA A 346 -24.77 23.50 -5.02
N PHE A 347 -24.98 22.38 -5.71
CA PHE A 347 -26.05 21.43 -5.39
C PHE A 347 -25.78 20.69 -4.09
N ARG A 348 -24.54 20.78 -3.59
CA ARG A 348 -24.17 20.14 -2.34
C ARG A 348 -24.84 20.82 -1.15
N PHE A 349 -25.53 21.92 -1.41
CA PHE A 349 -26.30 22.66 -0.41
C PHE A 349 -27.12 21.71 0.46
N GLY A 350 -27.52 20.59 -0.13
CA GLY A 350 -28.37 19.60 0.50
C GLY A 350 -27.75 18.86 1.67
N HIS A 351 -26.41 18.85 1.75
CA HIS A 351 -25.74 18.15 2.84
C HIS A 351 -26.14 18.70 4.20
N MET A 352 -26.63 19.94 4.21
CA MET A 352 -27.10 20.62 5.42
C MET A 352 -28.62 20.50 5.58
N GLU A 353 -29.20 19.52 4.91
CA GLU A 353 -30.63 19.24 4.98
C GLU A 353 -30.85 17.79 5.42
N VAL A 354 -29.77 17.07 5.66
CA VAL A 354 -29.86 15.70 6.11
C VAL A 354 -29.93 15.67 7.63
N PRO A 355 -31.03 15.13 8.19
CA PRO A 355 -31.22 15.09 9.64
C PRO A 355 -30.46 13.92 10.27
N SER A 356 -30.45 13.88 11.60
CA SER A 356 -29.67 12.88 12.34
C SER A 356 -30.24 11.46 12.30
N THR A 357 -31.56 11.32 12.21
CA THR A 357 -32.18 9.98 12.28
C THR A 357 -33.17 9.66 11.15
N VAL A 358 -33.14 8.41 10.69
CA VAL A 358 -34.12 7.87 9.75
C VAL A 358 -35.09 6.97 10.50
N SER A 359 -36.39 7.23 10.35
CA SER A 359 -37.43 6.50 11.07
C SER A 359 -38.17 5.52 10.16
N ARG A 360 -38.70 4.46 10.76
CA ARG A 360 -39.53 3.48 10.06
C ARG A 360 -40.90 3.37 10.72
N LEU A 361 -41.95 3.64 9.95
CA LEU A 361 -43.31 3.70 10.47
C LEU A 361 -44.21 2.58 9.93
N ASP A 362 -45.22 2.19 10.69
CA ASP A 362 -46.15 1.14 10.27
C ASP A 362 -47.35 1.70 9.51
N GLU A 363 -48.33 0.83 9.21
CA GLU A 363 -49.55 1.21 8.47
C GLU A 363 -50.28 2.39 9.10
N ASN A 364 -50.35 2.40 10.42
CA ASN A 364 -50.99 3.48 11.17
C ASN A 364 -50.11 4.73 11.32
N TYR A 365 -48.99 4.77 10.60
CA TYR A 365 -47.96 5.81 10.73
C TYR A 365 -47.45 5.96 12.16
N GLN A 366 -47.36 4.82 12.85
CA GLN A 366 -46.79 4.74 14.19
C GLN A 366 -45.41 4.10 14.14
N PRO A 367 -44.51 4.48 15.08
CA PRO A 367 -43.16 3.91 15.11
C PRO A 367 -43.18 2.39 14.97
N TRP A 368 -42.38 1.87 14.03
CA TRP A 368 -42.40 0.45 13.67
C TRP A 368 -41.40 -0.35 14.49
N GLY A 369 -41.91 -0.97 15.55
CA GLY A 369 -41.11 -1.89 16.34
C GLY A 369 -40.18 -1.24 17.35
N PRO A 370 -39.27 -2.05 17.94
CA PRO A 370 -38.36 -1.63 19.00
C PRO A 370 -37.31 -0.64 18.51
N GLU A 371 -36.79 -0.88 17.31
CA GLU A 371 -35.73 -0.06 16.73
C GLU A 371 -36.27 0.69 15.52
N ALA A 372 -37.25 1.55 15.77
CA ALA A 372 -37.89 2.31 14.70
C ALA A 372 -37.01 3.47 14.22
N GLU A 373 -36.47 4.23 15.18
CA GLU A 373 -35.68 5.41 14.87
C GLU A 373 -34.18 5.13 14.98
N LEU A 374 -33.53 4.92 13.82
CA LEU A 374 -32.11 4.57 13.76
C LEU A 374 -31.22 5.81 13.54
N PRO A 375 -29.99 5.80 14.10
CA PRO A 375 -28.98 6.80 13.71
C PRO A 375 -28.57 6.65 12.24
N LEU A 376 -28.40 7.78 11.55
CA LEU A 376 -28.10 7.80 10.12
C LEU A 376 -26.77 7.14 9.78
N HIS A 377 -25.79 7.26 10.67
CA HIS A 377 -24.46 6.75 10.38
C HIS A 377 -24.43 5.23 10.24
N THR A 378 -25.38 4.57 10.88
CA THR A 378 -25.50 3.11 10.80
C THR A 378 -26.12 2.69 9.47
N LEU A 379 -26.52 3.67 8.67
CA LEU A 379 -27.27 3.42 7.44
C LEU A 379 -26.48 3.67 6.15
N PHE A 380 -25.22 4.08 6.28
CA PHE A 380 -24.36 4.21 5.09
C PHE A 380 -23.99 2.83 4.55
N PHE A 381 -24.40 2.57 3.32
CA PHE A 381 -24.20 1.29 2.63
C PHE A 381 -24.93 0.16 3.35
N ASN A 382 -26.07 0.53 3.93
CA ASN A 382 -26.93 -0.40 4.65
C ASN A 382 -28.09 -0.85 3.78
N THR A 383 -27.99 -2.08 3.29
CA THR A 383 -29.04 -2.69 2.48
C THR A 383 -29.74 -3.80 3.26
N TRP A 384 -29.04 -4.36 4.25
CA TRP A 384 -29.59 -5.45 5.07
C TRP A 384 -30.78 -5.00 5.90
N ARG A 385 -30.86 -3.70 6.20
CA ARG A 385 -32.02 -3.14 6.89
C ARG A 385 -33.23 -3.05 5.98
N ILE A 386 -33.02 -2.86 4.68
CA ILE A 386 -34.12 -2.89 3.73
C ILE A 386 -34.60 -4.34 3.61
N ILE A 387 -33.72 -5.20 3.09
CA ILE A 387 -34.06 -6.59 2.73
C ILE A 387 -34.50 -7.47 3.90
N LYS A 388 -33.93 -7.24 5.09
CA LYS A 388 -34.16 -8.09 6.27
C LYS A 388 -34.77 -7.39 7.51
N ASP A 389 -35.44 -6.25 7.29
CA ASP A 389 -36.06 -5.50 8.40
C ASP A 389 -37.21 -4.60 7.94
N GLY A 390 -38.13 -5.18 7.16
CA GLY A 390 -39.38 -4.48 6.83
C GLY A 390 -39.71 -4.20 5.37
N GLY A 391 -38.70 -4.21 4.51
CA GLY A 391 -38.89 -3.81 3.11
C GLY A 391 -38.85 -2.29 3.01
N ILE A 392 -39.33 -1.74 1.90
CA ILE A 392 -39.27 -0.28 1.69
C ILE A 392 -40.50 0.47 2.26
N ASP A 393 -41.59 -0.25 2.47
CA ASP A 393 -42.83 0.35 3.00
C ASP A 393 -42.69 1.19 4.26
N PRO A 394 -42.00 0.67 5.30
CA PRO A 394 -41.76 1.52 6.49
C PRO A 394 -40.89 2.75 6.22
N LEU A 395 -39.91 2.61 5.32
CA LEU A 395 -38.98 3.69 4.99
C LEU A 395 -39.63 4.78 4.11
N VAL A 396 -40.59 4.37 3.28
CA VAL A 396 -41.29 5.30 2.38
C VAL A 396 -42.26 6.16 3.21
N ARG A 397 -42.96 5.53 4.16
CA ARG A 397 -43.85 6.24 5.08
C ARG A 397 -43.08 7.29 5.89
N GLY A 398 -41.86 6.93 6.27
CA GLY A 398 -40.96 7.83 6.99
C GLY A 398 -40.66 9.07 6.19
N LEU A 399 -40.37 8.88 4.90
CA LEU A 399 -40.11 9.99 3.98
C LEU A 399 -41.27 10.99 3.93
N LEU A 400 -42.49 10.47 3.89
CA LEU A 400 -43.67 11.32 3.74
C LEU A 400 -44.10 12.00 5.05
N ALA A 401 -43.77 11.39 6.18
CA ALA A 401 -44.24 11.88 7.48
C ALA A 401 -43.21 12.69 8.29
N LYS A 402 -41.93 12.36 8.13
CA LYS A 402 -40.86 12.97 8.90
C LYS A 402 -40.24 14.15 8.17
N ASN A 403 -39.89 15.19 8.94
CA ASN A 403 -39.33 16.45 8.40
C ASN A 403 -37.90 16.33 7.87
N SER A 404 -37.52 17.27 6.99
CA SER A 404 -36.12 17.45 6.61
C SER A 404 -35.42 18.28 7.65
N LYS A 405 -34.09 18.29 7.63
CA LYS A 405 -33.31 19.21 8.46
C LYS A 405 -33.23 20.56 7.77
N LEU A 406 -33.49 21.64 8.51
CA LEU A 406 -33.38 22.99 7.99
C LEU A 406 -31.97 23.52 8.12
N MET A 407 -31.48 24.14 7.06
CA MET A 407 -30.19 24.82 7.08
C MET A 407 -30.19 25.90 8.17
N ASN A 408 -29.04 26.06 8.82
CA ASN A 408 -28.89 26.97 9.94
C ASN A 408 -27.45 27.45 9.99
N GLN A 409 -27.26 28.73 10.31
CA GLN A 409 -25.91 29.31 10.38
C GLN A 409 -25.14 28.83 11.63
N ASN A 410 -25.87 28.47 12.68
CA ASN A 410 -25.28 27.97 13.93
C ASN A 410 -25.30 26.44 14.02
N LYS A 411 -26.01 25.83 13.06
CA LYS A 411 -26.17 24.37 13.01
C LYS A 411 -26.20 23.90 11.54
N MET A 412 -25.04 23.56 10.99
CA MET A 412 -24.91 23.33 9.54
C MET A 412 -25.09 21.88 9.09
N VAL A 413 -24.04 21.08 9.25
CA VAL A 413 -24.09 19.68 8.85
C VAL A 413 -24.17 18.80 10.10
N THR A 414 -25.06 17.81 10.06
CA THR A 414 -25.19 16.83 11.14
C THR A 414 -23.88 16.14 11.42
N SER A 415 -23.63 15.85 12.70
CA SER A 415 -22.43 15.12 13.12
C SER A 415 -22.43 13.67 12.64
N GLU A 416 -23.60 13.19 12.22
CA GLU A 416 -23.72 11.86 11.63
C GLU A 416 -23.14 11.84 10.20
N LEU A 417 -23.02 13.02 9.59
CA LEU A 417 -22.38 13.17 8.29
C LEU A 417 -21.00 13.80 8.42
N ARG A 418 -20.85 14.69 9.39
CA ARG A 418 -19.64 15.50 9.56
C ARG A 418 -18.59 14.84 10.46
N ASN A 419 -18.94 13.72 11.08
CA ASN A 419 -18.06 13.10 12.05
C ASN A 419 -18.02 11.57 11.93
N LYS A 420 -19.09 10.99 11.40
CA LYS A 420 -19.24 9.54 11.38
C LYS A 420 -19.48 8.91 10.00
N LEU A 421 -19.08 9.59 8.93
CA LEU A 421 -19.30 9.10 7.57
C LEU A 421 -18.46 7.86 7.22
N PHE A 422 -19.10 6.92 6.54
CA PHE A 422 -18.43 5.74 6.00
C PHE A 422 -18.16 5.97 4.52
N GLN A 423 -16.93 5.72 4.10
CA GLN A 423 -16.54 5.80 2.71
C GLN A 423 -16.29 4.37 2.20
N PRO A 424 -16.86 4.03 1.02
CA PRO A 424 -16.96 2.65 0.52
C PRO A 424 -15.68 1.81 0.62
N THR A 425 -14.54 2.36 0.23
CA THR A 425 -13.30 1.59 0.23
C THR A 425 -12.70 1.44 1.63
N HIS A 426 -12.72 2.51 2.41
CA HIS A 426 -12.15 2.51 3.75
C HIS A 426 -13.04 1.78 4.77
N LYS A 427 -12.51 1.55 5.98
CA LYS A 427 -13.16 0.65 6.96
C LYS A 427 -13.94 1.34 8.09
N VAL A 428 -13.40 2.42 8.65
CA VAL A 428 -13.98 3.11 9.82
C VAL A 428 -15.20 3.99 9.51
N HIS A 429 -16.00 4.24 10.54
CA HIS A 429 -17.13 5.15 10.45
C HIS A 429 -16.74 6.55 10.97
N GLY A 430 -15.87 7.24 10.24
CA GLY A 430 -15.33 8.51 10.74
C GLY A 430 -14.70 9.49 9.78
N PHE A 431 -15.32 9.68 8.62
CA PHE A 431 -14.90 10.74 7.72
C PHE A 431 -15.74 11.98 7.94
N ASP A 432 -15.27 13.11 7.42
CA ASP A 432 -15.99 14.39 7.54
C ASP A 432 -16.41 14.88 6.15
N LEU A 433 -17.72 14.81 5.89
CA LEU A 433 -18.28 15.30 4.64
C LEU A 433 -18.06 16.80 4.45
N ALA A 434 -18.05 17.55 5.54
CA ALA A 434 -17.75 18.99 5.49
C ALA A 434 -16.32 19.24 5.04
N ALA A 435 -15.37 18.46 5.59
CA ALA A 435 -13.97 18.54 5.19
C ALA A 435 -13.75 18.00 3.78
N ILE A 436 -14.48 16.93 3.44
CA ILE A 436 -14.40 16.33 2.10
C ILE A 436 -14.91 17.27 1.00
N ASN A 437 -16.00 17.98 1.27
CA ASN A 437 -16.49 19.01 0.35
C ASN A 437 -15.46 20.12 0.15
N LEU A 438 -14.80 20.50 1.24
CA LEU A 438 -13.90 21.65 1.25
C LEU A 438 -12.56 21.44 0.55
N GLN A 439 -12.09 20.20 0.47
CA GLN A 439 -10.89 19.95 -0.32
C GLN A 439 -11.18 19.62 -1.79
N ARG A 440 -12.40 19.18 -2.07
CA ARG A 440 -12.84 18.98 -3.45
C ARG A 440 -13.01 20.30 -4.17
N CYS A 441 -13.51 21.31 -3.46
CA CYS A 441 -13.55 22.67 -3.98
C CYS A 441 -12.15 23.01 -4.46
N ARG A 442 -11.18 22.77 -3.58
CA ARG A 442 -9.78 23.09 -3.85
C ARG A 442 -9.17 22.19 -4.92
N ASP A 443 -9.58 20.93 -4.92
CA ASP A 443 -9.12 19.94 -5.89
C ASP A 443 -9.59 20.32 -7.30
N HIS A 444 -10.86 20.68 -7.40
CA HIS A 444 -11.46 21.05 -8.68
C HIS A 444 -10.99 22.42 -9.15
N GLY A 445 -10.25 23.11 -8.29
CA GLY A 445 -9.65 24.40 -8.62
C GLY A 445 -10.66 25.53 -8.68
N MET A 446 -11.64 25.49 -7.79
CA MET A 446 -12.66 26.52 -7.71
C MET A 446 -12.05 27.88 -7.42
N PRO A 447 -12.55 28.92 -8.11
CA PRO A 447 -12.29 30.28 -7.66
C PRO A 447 -13.04 30.56 -6.36
N GLY A 448 -12.57 31.52 -5.58
CA GLY A 448 -13.15 31.83 -4.26
C GLY A 448 -14.58 32.35 -4.26
N TYR A 449 -15.09 32.63 -3.07
CA TYR A 449 -16.46 33.14 -2.87
C TYR A 449 -16.79 34.37 -3.71
N ASN A 450 -15.84 35.29 -3.81
CA ASN A 450 -16.08 36.58 -4.44
C ASN A 450 -16.17 36.57 -5.96
N SER A 451 -15.31 35.79 -6.61
CA SER A 451 -15.40 35.63 -8.04
C SER A 451 -16.83 35.24 -8.39
N TRP A 452 -17.32 34.18 -7.73
CA TRP A 452 -18.68 33.70 -7.95
C TRP A 452 -19.76 34.72 -7.58
N ARG A 453 -19.57 35.43 -6.46
CA ARG A 453 -20.45 36.54 -6.11
C ARG A 453 -20.58 37.51 -7.28
N GLY A 454 -19.43 37.94 -7.80
CA GLY A 454 -19.37 38.89 -8.92
C GLY A 454 -19.93 38.31 -10.20
N PHE A 455 -19.56 37.05 -10.47
CA PHE A 455 -20.09 36.29 -11.61
C PHE A 455 -21.60 36.44 -11.69
N CYS A 456 -22.26 36.37 -10.54
CA CYS A 456 -23.71 36.45 -10.45
C CYS A 456 -24.24 37.88 -10.32
N GLY A 457 -23.34 38.85 -10.11
CA GLY A 457 -23.71 40.26 -10.03
C GLY A 457 -24.22 40.64 -8.66
N LEU A 458 -23.42 40.33 -7.65
CA LEU A 458 -23.74 40.60 -6.25
C LEU A 458 -22.54 41.26 -5.58
N SER A 459 -22.80 42.17 -4.64
CA SER A 459 -21.72 42.89 -3.95
C SER A 459 -20.63 41.95 -3.45
N GLN A 460 -19.38 42.26 -3.81
CA GLN A 460 -18.23 41.45 -3.41
C GLN A 460 -17.67 41.93 -2.08
N PRO A 461 -18.05 41.27 -0.96
CA PRO A 461 -17.69 41.77 0.36
C PRO A 461 -16.19 41.61 0.57
N LYS A 462 -15.55 42.66 1.05
CA LYS A 462 -14.10 42.66 1.21
C LYS A 462 -13.68 42.89 2.67
N THR A 463 -14.55 43.52 3.44
CA THR A 463 -14.27 43.87 4.82
C THR A 463 -15.10 43.01 5.77
N LEU A 464 -14.69 42.99 7.04
CA LEU A 464 -15.43 42.30 8.09
C LEU A 464 -16.87 42.82 8.14
N LYS A 465 -17.01 44.15 8.12
CA LYS A 465 -18.32 44.82 8.14
C LYS A 465 -19.13 44.51 6.89
N GLY A 466 -18.44 44.36 5.76
CA GLY A 466 -19.07 44.03 4.49
C GLY A 466 -19.70 42.65 4.50
N LEU A 467 -18.91 41.65 4.89
CA LEU A 467 -19.37 40.27 4.97
C LEU A 467 -20.56 40.14 5.92
N GLN A 468 -20.54 40.89 7.03
CA GLN A 468 -21.65 40.95 7.99
C GLN A 468 -22.99 41.26 7.32
N ALA A 469 -23.00 42.31 6.49
CA ALA A 469 -24.21 42.78 5.83
C ALA A 469 -24.84 41.71 4.94
N VAL A 470 -23.99 40.90 4.31
CA VAL A 470 -24.45 39.85 3.40
C VAL A 470 -24.96 38.64 4.18
N LEU A 471 -24.23 38.23 5.20
CA LEU A 471 -24.55 37.03 5.98
C LEU A 471 -25.55 37.28 7.09
N LYS A 472 -25.89 38.55 7.32
CA LYS A 472 -26.83 38.98 8.37
C LYS A 472 -26.57 38.27 9.70
N ASN A 473 -25.28 38.16 10.03
CA ASN A 473 -24.82 37.38 11.18
C ASN A 473 -23.40 37.80 11.53
N LYS A 474 -23.24 38.47 12.67
CA LYS A 474 -21.94 39.03 13.08
C LYS A 474 -20.96 37.95 13.56
N VAL A 475 -21.46 36.99 14.32
CA VAL A 475 -20.61 35.95 14.90
C VAL A 475 -20.05 34.99 13.84
N LEU A 476 -20.89 34.57 12.89
CA LEU A 476 -20.44 33.67 11.80
C LEU A 476 -19.43 34.34 10.87
N ALA A 477 -19.70 35.57 10.47
CA ALA A 477 -18.83 36.31 9.55
C ALA A 477 -17.45 36.54 10.15
N LYS A 478 -17.39 36.64 11.48
CA LYS A 478 -16.13 36.84 12.22
C LYS A 478 -15.31 35.56 12.28
N LYS A 479 -15.98 34.43 12.56
CA LYS A 479 -15.33 33.13 12.56
C LYS A 479 -14.78 32.78 11.18
N LEU A 480 -15.57 33.08 10.14
CA LEU A 480 -15.17 32.82 8.76
C LEU A 480 -13.87 33.55 8.42
N LEU A 481 -13.80 34.82 8.78
CA LEU A 481 -12.63 35.64 8.48
C LEU A 481 -11.41 35.35 9.37
N ASP A 482 -11.64 34.94 10.62
CA ASP A 482 -10.53 34.55 11.49
C ASP A 482 -9.74 33.38 10.89
N LEU A 483 -10.43 32.57 10.09
CA LEU A 483 -9.83 31.42 9.41
C LEU A 483 -9.34 31.74 8.00
N TYR A 484 -10.19 32.38 7.20
CA TYR A 484 -9.89 32.64 5.78
C TYR A 484 -9.09 33.92 5.52
N LYS A 485 -9.10 34.83 6.49
CA LYS A 485 -8.35 36.10 6.45
C LYS A 485 -8.90 37.13 5.46
N THR A 486 -9.59 36.66 4.43
CA THR A 486 -10.24 37.52 3.44
C THR A 486 -11.45 36.81 2.84
N PRO A 487 -12.52 37.57 2.48
CA PRO A 487 -13.68 36.93 1.87
C PRO A 487 -13.43 36.44 0.44
N ASP A 488 -12.35 36.94 -0.18
CA ASP A 488 -11.89 36.46 -1.49
C ASP A 488 -11.54 34.97 -1.45
N ASN A 489 -11.12 34.49 -0.29
CA ASN A 489 -10.60 33.14 -0.15
C ASN A 489 -11.57 32.09 0.36
N ILE A 490 -12.72 32.53 0.89
CA ILE A 490 -13.74 31.62 1.37
C ILE A 490 -14.07 30.60 0.26
N ASP A 491 -14.01 29.32 0.62
CA ASP A 491 -14.35 28.22 -0.32
C ASP A 491 -15.82 28.31 -0.74
N ILE A 492 -16.08 28.12 -2.04
CA ILE A 492 -17.44 28.33 -2.60
C ILE A 492 -18.56 27.63 -1.81
N TRP A 493 -18.30 26.39 -1.38
CA TRP A 493 -19.29 25.59 -0.67
C TRP A 493 -19.80 26.26 0.60
N ILE A 494 -18.89 26.55 1.53
CA ILE A 494 -19.25 27.16 2.82
C ILE A 494 -19.69 28.62 2.68
N GLY A 495 -19.06 29.35 1.76
CA GLY A 495 -19.39 30.75 1.51
C GLY A 495 -20.81 30.90 0.97
N GLY A 496 -21.12 30.11 -0.06
CA GLY A 496 -22.45 30.08 -0.65
C GLY A 496 -23.52 29.57 0.29
N ASN A 497 -23.17 28.59 1.12
CA ASN A 497 -24.10 28.03 2.09
C ASN A 497 -24.37 28.90 3.32
N ALA A 498 -23.36 29.69 3.72
CA ALA A 498 -23.47 30.53 4.91
C ALA A 498 -24.53 31.62 4.73
N GLU A 499 -24.68 32.10 3.49
CA GLU A 499 -25.66 33.13 3.15
C GLU A 499 -27.06 32.76 3.66
N PRO A 500 -27.83 33.76 4.13
CA PRO A 500 -29.21 33.52 4.52
C PRO A 500 -30.06 33.18 3.32
N MET A 501 -31.16 32.48 3.56
CA MET A 501 -32.03 32.01 2.49
C MET A 501 -32.87 33.14 1.90
N VAL A 502 -33.08 33.07 0.58
CA VAL A 502 -34.00 33.97 -0.12
C VAL A 502 -35.43 33.80 0.37
N GLU A 503 -36.33 34.66 -0.12
CA GLU A 503 -37.73 34.60 0.27
C GLU A 503 -38.48 33.43 -0.39
N ARG A 504 -39.23 32.68 0.42
CA ARG A 504 -40.07 31.55 -0.04
C ARG A 504 -39.28 30.34 -0.58
N GLY A 505 -37.96 30.34 -0.41
CA GLY A 505 -37.09 29.24 -0.88
C GLY A 505 -36.16 28.68 0.20
N ARG A 506 -35.25 27.78 -0.21
CA ARG A 506 -34.35 27.12 0.74
C ARG A 506 -32.85 27.29 0.47
N VAL A 507 -32.50 28.26 -0.37
CA VAL A 507 -31.11 28.61 -0.63
C VAL A 507 -30.96 30.13 -0.70
N GLY A 508 -29.74 30.62 -0.50
CA GLY A 508 -29.47 32.06 -0.52
C GLY A 508 -29.16 32.64 -1.91
N PRO A 509 -29.01 33.98 -1.99
CA PRO A 509 -28.70 34.76 -3.19
C PRO A 509 -27.73 34.11 -4.17
N LEU A 510 -26.51 33.76 -3.72
CA LEU A 510 -25.50 33.24 -4.64
C LEU A 510 -25.85 31.86 -5.19
N LEU A 511 -26.36 30.99 -4.32
CA LEU A 511 -26.72 29.63 -4.72
C LEU A 511 -27.92 29.59 -5.66
N ALA A 512 -28.91 30.43 -5.39
CA ALA A 512 -30.08 30.57 -6.27
C ALA A 512 -29.66 30.86 -7.70
N CYS A 513 -28.63 31.70 -7.84
CA CYS A 513 -28.07 32.07 -9.14
C CYS A 513 -27.41 30.89 -9.84
N LEU A 514 -26.38 30.33 -9.19
CA LEU A 514 -25.63 29.19 -9.70
C LEU A 514 -26.53 28.02 -10.05
N LEU A 515 -27.45 27.67 -9.14
CA LEU A 515 -28.42 26.61 -9.37
C LEU A 515 -29.41 27.01 -10.47
N GLY A 516 -29.94 28.22 -10.36
CA GLY A 516 -30.90 28.75 -11.33
C GLY A 516 -30.42 28.68 -12.78
N ARG A 517 -29.17 29.08 -13.01
CA ARG A 517 -28.61 29.07 -14.35
C ARG A 517 -28.47 27.65 -14.91
N GLN A 518 -27.98 26.73 -14.10
CA GLN A 518 -27.78 25.36 -14.57
C GLN A 518 -29.10 24.74 -15.00
N PHE A 519 -30.11 24.83 -14.14
CA PHE A 519 -31.38 24.18 -14.40
C PHE A 519 -32.11 24.72 -15.61
N GLN A 520 -31.90 26.01 -15.92
CA GLN A 520 -32.44 26.58 -17.16
C GLN A 520 -31.65 26.12 -18.40
N GLN A 521 -30.33 25.99 -18.25
CA GLN A 521 -29.47 25.54 -19.34
C GLN A 521 -29.76 24.08 -19.73
N ILE A 522 -30.05 23.24 -18.73
CA ILE A 522 -30.33 21.81 -18.96
C ILE A 522 -31.77 21.56 -19.39
N ARG A 523 -32.63 22.56 -19.16
CA ARG A 523 -33.97 22.53 -19.73
C ARG A 523 -33.94 23.01 -21.18
N ASP A 524 -33.36 24.19 -21.39
CA ASP A 524 -33.35 24.84 -22.70
C ASP A 524 -32.40 24.19 -23.71
N GLY A 525 -31.33 23.57 -23.22
CA GLY A 525 -30.35 22.92 -24.11
C GLY A 525 -30.61 21.45 -24.41
N ASP A 526 -31.76 20.95 -23.96
CA ASP A 526 -32.15 19.54 -24.09
C ASP A 526 -33.18 19.34 -25.20
N ARG A 527 -32.78 18.63 -26.26
CA ARG A 527 -33.64 18.40 -27.43
C ARG A 527 -34.82 17.51 -27.08
N PHE A 528 -34.71 16.81 -25.96
CA PHE A 528 -35.71 15.81 -25.56
C PHE A 528 -36.55 16.21 -24.33
N TRP A 529 -36.37 17.45 -23.85
CA TRP A 529 -37.23 17.99 -22.80
C TRP A 529 -38.70 17.77 -23.19
N TRP A 530 -39.46 17.16 -22.29
CA TRP A 530 -40.80 16.66 -22.57
C TRP A 530 -41.74 17.65 -23.26
N GLU A 531 -41.67 18.91 -22.85
CA GLU A 531 -42.55 19.95 -23.35
C GLU A 531 -42.25 20.37 -24.77
N ASN A 532 -40.99 20.24 -25.18
CA ASN A 532 -40.58 20.61 -26.54
C ASN A 532 -41.40 19.87 -27.58
N PRO A 533 -42.11 20.62 -28.45
CA PRO A 533 -42.95 20.00 -29.46
C PRO A 533 -42.19 18.92 -30.26
N GLY A 534 -42.82 17.77 -30.46
CA GLY A 534 -42.21 16.68 -31.21
C GLY A 534 -41.84 15.46 -30.37
N VAL A 535 -41.24 15.72 -29.21
CA VAL A 535 -40.80 14.66 -28.28
C VAL A 535 -41.97 13.79 -27.81
N PHE A 536 -42.96 14.42 -27.17
CA PHE A 536 -44.20 13.74 -26.83
C PHE A 536 -45.36 14.35 -27.61
N THR A 537 -46.33 13.52 -27.98
CA THR A 537 -47.51 13.96 -28.74
C THR A 537 -48.42 14.80 -27.83
N GLU A 538 -49.17 15.71 -28.44
CA GLU A 538 -49.97 16.68 -27.70
C GLU A 538 -50.78 16.03 -26.60
N LYS A 539 -51.38 14.88 -26.92
CA LYS A 539 -52.17 14.13 -25.94
C LYS A 539 -51.30 13.51 -24.84
N GLN A 540 -50.15 12.96 -25.22
CA GLN A 540 -49.24 12.32 -24.27
C GLN A 540 -48.81 13.26 -23.15
N ARG A 541 -48.60 14.53 -23.51
CA ARG A 541 -48.18 15.56 -22.56
C ARG A 541 -49.24 15.84 -21.50
N ASP A 542 -50.51 15.76 -21.91
CA ASP A 542 -51.64 16.08 -21.03
C ASP A 542 -51.77 15.11 -19.86
N SER A 543 -51.44 13.84 -20.09
CA SER A 543 -51.41 12.83 -19.04
C SER A 543 -50.17 12.99 -18.16
N LEU A 544 -49.05 13.38 -18.77
CA LEU A 544 -47.79 13.55 -18.07
C LEU A 544 -47.84 14.71 -17.08
N GLN A 545 -48.74 15.66 -17.34
CA GLN A 545 -48.95 16.79 -16.42
C GLN A 545 -49.54 16.33 -15.09
N LYS A 546 -50.18 15.17 -15.11
CA LYS A 546 -50.92 14.65 -13.95
C LYS A 546 -50.08 13.83 -12.97
N VAL A 547 -48.84 13.51 -13.34
CA VAL A 547 -47.99 12.71 -12.46
C VAL A 547 -47.69 13.44 -11.14
N SER A 548 -47.56 12.65 -10.08
CA SER A 548 -47.10 13.14 -8.78
C SER A 548 -46.26 12.06 -8.12
N PHE A 549 -45.32 12.45 -7.28
CA PHE A 549 -44.50 11.48 -6.55
C PHE A 549 -45.40 10.59 -5.67
N SER A 550 -46.52 11.14 -5.21
CA SER A 550 -47.51 10.39 -4.46
C SER A 550 -48.00 9.20 -5.30
N ARG A 551 -48.27 9.43 -6.58
CA ARG A 551 -48.71 8.36 -7.47
C ARG A 551 -47.62 7.32 -7.73
N LEU A 552 -46.36 7.74 -7.72
CA LEU A 552 -45.26 6.80 -7.83
C LEU A 552 -45.29 5.85 -6.64
N ILE A 553 -45.61 6.38 -5.46
CA ILE A 553 -45.67 5.58 -4.24
C ILE A 553 -46.88 4.64 -4.25
N CYS A 554 -48.04 5.18 -4.62
CA CYS A 554 -49.29 4.42 -4.65
C CYS A 554 -49.22 3.19 -5.56
N ASP A 555 -48.74 3.39 -6.78
CA ASP A 555 -48.71 2.32 -7.78
C ASP A 555 -47.58 1.29 -7.58
N ASN A 556 -46.65 1.59 -6.67
CA ASN A 556 -45.47 0.74 -6.46
C ASN A 556 -45.16 0.36 -5.00
N THR A 557 -46.17 0.45 -4.14
CA THR A 557 -46.01 0.17 -2.71
C THR A 557 -47.33 -0.33 -2.11
N HIS A 558 -47.28 -0.78 -0.86
CA HIS A 558 -48.49 -1.04 -0.10
C HIS A 558 -48.72 0.04 0.95
N ILE A 559 -48.29 1.26 0.63
CA ILE A 559 -48.74 2.45 1.34
C ILE A 559 -50.05 2.85 0.68
N THR A 560 -51.04 3.16 1.51
CA THR A 560 -52.37 3.48 1.02
C THR A 560 -52.73 4.90 1.39
N LYS A 561 -52.09 5.42 2.43
CA LYS A 561 -52.28 6.79 2.89
C LYS A 561 -51.09 7.63 2.45
N VAL A 562 -51.37 8.63 1.61
CA VAL A 562 -50.33 9.51 1.06
C VAL A 562 -50.81 10.95 1.11
N PRO A 563 -49.88 11.91 1.29
CA PRO A 563 -50.31 13.29 1.14
C PRO A 563 -50.35 13.66 -0.34
N LEU A 564 -51.17 14.66 -0.68
CA LEU A 564 -51.22 15.16 -2.05
C LEU A 564 -49.90 15.84 -2.40
N HIS A 565 -49.53 16.84 -1.60
CA HIS A 565 -48.31 17.61 -1.83
C HIS A 565 -47.17 17.01 -1.01
N ALA A 566 -46.37 16.17 -1.67
CA ALA A 566 -45.41 15.28 -1.01
C ALA A 566 -44.09 15.92 -0.59
N PHE A 567 -43.88 17.18 -0.96
CA PHE A 567 -42.65 17.88 -0.60
C PHE A 567 -42.82 18.86 0.55
N GLN A 568 -44.07 19.13 0.94
CA GLN A 568 -44.34 19.97 2.09
C GLN A 568 -44.61 19.13 3.34
N ALA A 569 -44.49 19.74 4.51
CA ALA A 569 -44.62 19.03 5.79
C ALA A 569 -46.07 18.67 6.08
N ASN A 570 -46.33 17.36 6.09
CA ASN A 570 -47.67 16.84 6.31
C ASN A 570 -47.76 15.98 7.58
N ASN A 571 -48.84 16.15 8.33
CA ASN A 571 -49.06 15.36 9.54
C ASN A 571 -50.16 14.33 9.39
N TYR A 572 -50.01 13.21 10.10
CA TYR A 572 -50.99 12.14 10.11
C TYR A 572 -51.99 12.30 11.26
N PRO A 573 -53.30 12.10 11.00
CA PRO A 573 -53.90 11.67 9.73
C PRO A 573 -54.44 12.75 8.79
N HIS A 574 -54.58 13.99 9.28
CA HIS A 574 -55.31 15.03 8.55
C HIS A 574 -54.85 15.30 7.13
N ASP A 575 -53.54 15.38 6.93
CA ASP A 575 -53.00 15.73 5.61
C ASP A 575 -52.92 14.55 4.66
N PHE A 576 -53.20 13.36 5.18
CA PHE A 576 -53.15 12.14 4.38
C PHE A 576 -54.54 11.72 3.88
N VAL A 577 -54.57 11.23 2.65
CA VAL A 577 -55.80 10.78 2.00
C VAL A 577 -55.56 9.42 1.35
N ASP A 578 -56.61 8.81 0.81
CA ASP A 578 -56.50 7.53 0.09
C ASP A 578 -55.78 7.72 -1.25
N CYS A 579 -55.12 6.66 -1.71
CA CYS A 579 -54.46 6.65 -3.01
C CYS A 579 -55.43 6.95 -4.17
N SER A 580 -56.70 6.61 -3.95
CA SER A 580 -57.76 6.84 -4.94
C SER A 580 -58.02 8.32 -5.26
N ALA A 581 -57.67 9.21 -4.34
CA ALA A 581 -57.83 10.65 -4.54
C ALA A 581 -56.70 11.21 -5.41
N VAL A 582 -55.63 10.43 -5.57
CA VAL A 582 -54.46 10.84 -6.32
C VAL A 582 -54.60 10.46 -7.80
N ASP A 583 -54.48 11.46 -8.66
CA ASP A 583 -54.64 11.30 -10.10
C ASP A 583 -53.71 10.26 -10.68
N LYS A 584 -54.27 9.34 -11.48
CA LYS A 584 -53.50 8.31 -12.18
C LYS A 584 -52.87 8.82 -13.48
N LEU A 585 -51.78 8.18 -13.87
CA LEU A 585 -51.12 8.44 -15.15
C LEU A 585 -51.78 7.60 -16.23
N ASP A 586 -52.59 8.23 -17.07
CA ASP A 586 -53.29 7.53 -18.15
C ASP A 586 -52.34 7.26 -19.31
N LEU A 587 -52.11 5.99 -19.60
CA LEU A 587 -51.18 5.60 -20.64
C LEU A 587 -51.87 5.25 -21.97
N SER A 588 -53.16 5.60 -22.07
CA SER A 588 -53.95 5.36 -23.29
C SER A 588 -53.32 5.94 -24.57
N PRO A 589 -52.88 7.22 -24.54
CA PRO A 589 -52.38 7.85 -25.77
C PRO A 589 -51.14 7.17 -26.40
N TRP A 590 -50.52 6.26 -25.65
CA TRP A 590 -49.38 5.50 -26.16
C TRP A 590 -49.82 4.32 -27.03
N ALA A 591 -51.14 4.05 -27.05
CA ALA A 591 -51.69 2.94 -27.82
C ALA A 591 -51.63 3.17 -29.33
N SER A 592 -50.61 2.62 -29.96
CA SER A 592 -50.43 2.71 -31.41
C SER A 592 -51.29 1.66 -32.11
N ARG A 593 -51.74 1.97 -33.34
CA ARG A 593 -52.70 1.13 -34.08
C ARG A 593 -52.21 0.74 -35.47
N GLU A 594 -52.96 -0.13 -36.15
CA GLU A 594 -52.52 -0.75 -37.41
C GLU A 594 -53.12 -0.17 -38.71
N ASN A 595 -54.28 -0.70 -39.11
CA ASN A 595 -54.88 -0.40 -40.42
C ASN A 595 -55.14 1.08 -40.69
N SER B 1 24.82 7.90 -19.32
CA SER B 1 24.20 6.82 -18.50
C SER B 1 23.08 7.34 -17.60
N TRP B 2 22.82 6.60 -16.53
CA TRP B 2 21.73 6.89 -15.59
C TRP B 2 22.03 8.05 -14.65
N GLU B 3 21.07 8.33 -13.76
CA GLU B 3 21.22 9.37 -12.74
C GLU B 3 22.41 9.01 -11.86
N VAL B 4 23.37 9.92 -11.78
CA VAL B 4 24.62 9.68 -11.07
C VAL B 4 24.54 9.87 -9.54
N GLY B 5 23.39 10.36 -9.04
CA GLY B 5 23.23 10.60 -7.60
C GLY B 5 21.82 10.67 -7.02
N CYS B 6 21.24 9.53 -6.65
CA CYS B 6 20.04 9.46 -5.80
C CYS B 6 20.43 8.85 -4.44
N GLY B 7 19.44 8.38 -3.67
CA GLY B 7 19.68 7.62 -2.45
C GLY B 7 19.94 8.40 -1.17
N ALA B 8 19.64 7.77 -0.05
CA ALA B 8 19.89 8.31 1.29
C ALA B 8 21.05 7.54 1.94
N PRO B 9 22.04 8.25 2.45
CA PRO B 9 23.19 7.66 3.11
C PRO B 9 23.35 8.28 4.48
N VAL B 10 24.02 7.62 5.43
CA VAL B 10 24.18 8.25 6.71
C VAL B 10 24.88 9.52 6.36
N PRO B 11 24.23 10.62 6.75
CA PRO B 11 24.68 11.95 6.33
C PRO B 11 25.75 12.73 7.06
N LEU B 12 26.18 13.80 6.40
CA LEU B 12 26.99 14.81 7.01
C LEU B 12 28.23 14.22 7.63
N VAL B 13 29.06 13.61 6.78
CA VAL B 13 30.30 12.97 7.25
C VAL B 13 31.55 13.58 6.61
N THR B 14 32.22 14.46 7.33
CA THR B 14 33.46 15.07 6.82
C THR B 14 34.67 14.22 7.18
N CYS B 15 35.51 13.98 6.18
CA CYS B 15 36.67 13.09 6.30
C CYS B 15 37.81 13.70 7.10
N ASP B 16 38.76 12.86 7.50
CA ASP B 16 39.96 13.31 8.18
C ASP B 16 41.21 13.11 7.33
N GLU B 17 41.31 11.95 6.71
CA GLU B 17 42.45 11.57 5.84
C GLU B 17 43.81 11.44 6.54
N GLN B 18 43.92 12.08 7.71
CA GLN B 18 45.11 11.99 8.53
C GLN B 18 44.87 11.04 9.69
N SER B 19 43.61 10.62 9.85
CA SER B 19 43.24 9.63 10.86
C SER B 19 43.82 8.27 10.49
N PRO B 20 44.40 7.55 11.48
CA PRO B 20 44.88 6.19 11.29
C PRO B 20 43.81 5.12 11.58
N TYR B 21 42.56 5.56 11.76
CA TYR B 21 41.44 4.67 12.10
C TYR B 21 40.27 4.80 11.13
N ARG B 22 39.59 3.69 10.88
CA ARG B 22 38.44 3.65 9.96
C ARG B 22 37.24 4.38 10.54
N THR B 23 36.33 4.80 9.67
CA THR B 23 35.05 5.31 10.12
C THR B 23 34.10 4.15 10.34
N ILE B 24 33.17 4.32 11.27
CA ILE B 24 32.18 3.30 11.57
C ILE B 24 31.33 2.99 10.33
N THR B 25 30.92 4.04 9.63
CA THR B 25 30.05 3.92 8.46
C THR B 25 30.78 3.40 7.24
N GLY B 26 32.10 3.39 7.30
CA GLY B 26 32.91 2.93 6.18
C GLY B 26 33.24 4.01 5.19
N ASP B 27 32.82 5.24 5.50
CA ASP B 27 33.14 6.41 4.70
C ASP B 27 34.64 6.72 4.75
N CYS B 28 35.10 7.59 3.86
CA CYS B 28 36.46 8.15 3.86
C CYS B 28 37.60 7.16 3.62
N ASN B 29 37.27 5.94 3.19
CA ASN B 29 38.29 4.96 2.83
C ASN B 29 38.98 5.38 1.55
N ASN B 30 38.21 5.47 0.47
CA ASN B 30 38.70 6.00 -0.80
C ASN B 30 38.63 7.51 -0.79
N ARG B 31 39.72 8.16 -1.20
CA ARG B 31 39.86 9.61 -1.10
C ARG B 31 39.21 10.41 -2.24
N ARG B 32 39.24 9.90 -3.46
CA ARG B 32 38.59 10.57 -4.58
C ARG B 32 37.07 10.41 -4.53
N SER B 33 36.59 9.20 -4.28
CA SER B 33 35.18 8.96 -3.99
C SER B 33 35.03 8.34 -2.60
N PRO B 34 34.69 9.17 -1.60
CA PRO B 34 34.60 8.77 -0.19
C PRO B 34 33.42 7.85 0.18
N ALA B 35 32.41 7.77 -0.67
CA ALA B 35 31.25 6.95 -0.39
C ALA B 35 31.42 5.50 -0.83
N LEU B 36 32.48 5.20 -1.57
CA LEU B 36 32.70 3.85 -2.06
C LEU B 36 33.02 2.91 -0.93
N GLY B 37 32.22 1.85 -0.83
CA GLY B 37 32.39 0.83 0.20
C GLY B 37 31.66 1.12 1.49
N ALA B 38 31.04 2.29 1.57
CA ALA B 38 30.31 2.69 2.76
C ALA B 38 28.95 1.98 2.88
N ALA B 39 28.39 2.01 4.09
CA ALA B 39 27.10 1.38 4.35
C ALA B 39 25.92 2.23 3.88
N ASN B 40 24.77 1.58 3.70
CA ASN B 40 23.51 2.22 3.29
C ASN B 40 23.48 2.82 1.89
N ARG B 41 24.20 2.18 0.99
CA ARG B 41 24.20 2.57 -0.41
C ARG B 41 23.74 1.39 -1.26
N ALA B 42 23.49 1.66 -2.53
CA ALA B 42 23.10 0.63 -3.48
C ALA B 42 24.15 -0.47 -3.53
N LEU B 43 23.70 -1.70 -3.75
CA LEU B 43 24.61 -2.79 -4.08
C LEU B 43 25.10 -2.56 -5.50
N ALA B 44 26.38 -2.82 -5.75
CA ALA B 44 26.97 -2.63 -7.09
C ALA B 44 26.38 -3.59 -8.10
N ARG B 45 26.38 -3.20 -9.38
CA ARG B 45 25.92 -4.10 -10.43
C ARG B 45 27.04 -4.43 -11.39
N TRP B 46 27.39 -5.71 -11.45
CA TRP B 46 28.35 -6.17 -12.45
C TRP B 46 27.65 -6.45 -13.76
N LEU B 47 26.33 -6.61 -13.69
CA LEU B 47 25.48 -6.75 -14.85
C LEU B 47 24.16 -5.99 -14.65
N PRO B 48 23.51 -5.57 -15.76
CA PRO B 48 22.21 -4.88 -15.74
C PRO B 48 21.08 -5.69 -15.10
N ALA B 49 20.22 -4.99 -14.34
CA ALA B 49 19.11 -5.61 -13.63
C ALA B 49 18.10 -6.20 -14.59
N GLU B 50 17.38 -7.22 -14.13
CA GLU B 50 16.39 -7.87 -14.97
C GLU B 50 15.04 -7.99 -14.28
N TYR B 51 14.03 -7.39 -14.91
CA TYR B 51 12.67 -7.39 -14.39
C TYR B 51 11.65 -7.52 -15.53
N GLU B 52 10.43 -7.95 -15.19
CA GLU B 52 9.34 -8.05 -16.16
C GLU B 52 9.20 -6.76 -16.94
N ASP B 53 8.98 -5.67 -16.21
CA ASP B 53 8.75 -4.35 -16.77
C ASP B 53 10.06 -3.69 -17.12
N GLY B 54 11.15 -4.42 -16.93
CA GLY B 54 12.49 -3.91 -17.17
C GLY B 54 13.00 -3.04 -16.04
N LEU B 55 12.10 -2.62 -15.15
CA LEU B 55 12.44 -1.67 -14.09
C LEU B 55 12.46 -2.18 -12.66
N ALA B 56 11.40 -2.84 -12.20
CA ALA B 56 11.32 -3.16 -10.76
C ALA B 56 10.50 -4.38 -10.34
N VAL B 57 9.72 -4.94 -11.26
CA VAL B 57 8.82 -6.05 -10.92
C VAL B 57 9.50 -7.41 -11.08
N PRO B 58 9.51 -8.22 -10.02
CA PRO B 58 10.23 -9.49 -10.04
C PRO B 58 9.67 -10.40 -11.12
N PHE B 59 10.50 -11.29 -11.67
CA PHE B 59 9.99 -12.34 -12.54
C PHE B 59 9.22 -13.31 -11.66
N GLY B 60 8.03 -13.70 -12.09
CA GLY B 60 7.16 -14.54 -11.28
C GLY B 60 6.00 -13.80 -10.65
N TRP B 61 6.03 -12.48 -10.76
CA TRP B 61 4.96 -11.63 -10.25
C TRP B 61 3.67 -11.80 -11.05
N THR B 62 3.73 -11.44 -12.33
CA THR B 62 2.56 -11.53 -13.22
C THR B 62 2.55 -12.88 -13.94
N GLN B 63 1.37 -13.48 -14.07
CA GLN B 63 1.24 -14.81 -14.68
C GLN B 63 1.30 -14.80 -16.21
N ARG B 64 0.63 -13.83 -16.84
CA ARG B 64 0.67 -13.68 -18.30
C ARG B 64 2.08 -13.47 -18.86
N LYS B 65 2.92 -12.76 -18.11
CA LYS B 65 4.29 -12.48 -18.51
C LYS B 65 5.22 -13.66 -18.29
N THR B 66 6.29 -13.71 -19.08
CA THR B 66 7.22 -14.82 -19.04
C THR B 66 8.67 -14.34 -19.05
N ARG B 67 9.61 -15.26 -18.91
CA ARG B 67 11.01 -14.93 -19.08
C ARG B 67 11.60 -15.77 -20.21
N ASN B 68 12.10 -15.09 -21.24
CA ASN B 68 12.66 -15.75 -22.43
C ASN B 68 11.68 -16.74 -23.09
N GLY B 69 10.39 -16.46 -22.93
CA GLY B 69 9.34 -17.25 -23.54
C GLY B 69 8.60 -18.15 -22.57
N PHE B 70 9.32 -18.60 -21.55
CA PHE B 70 8.76 -19.57 -20.60
C PHE B 70 8.43 -18.96 -19.26
N ARG B 71 7.46 -19.57 -18.58
CA ARG B 71 7.04 -19.15 -17.25
C ARG B 71 8.02 -19.67 -16.21
N VAL B 72 8.46 -18.78 -15.31
CA VAL B 72 9.37 -19.18 -14.22
C VAL B 72 8.66 -20.07 -13.22
N PRO B 73 9.30 -21.19 -12.81
CA PRO B 73 8.70 -22.09 -11.84
C PRO B 73 8.70 -21.50 -10.43
N LEU B 74 7.74 -21.95 -9.61
CA LEU B 74 7.60 -21.48 -8.22
C LEU B 74 8.80 -21.88 -7.38
N ALA B 75 9.36 -20.94 -6.65
CA ALA B 75 10.55 -21.17 -5.83
C ALA B 75 10.43 -22.42 -4.96
N ARG B 76 9.28 -22.58 -4.31
CA ARG B 76 9.02 -23.74 -3.45
C ARG B 76 9.04 -25.06 -4.23
N GLU B 77 8.51 -25.04 -5.45
CA GLU B 77 8.46 -26.26 -6.29
C GLU B 77 9.85 -26.65 -6.80
N VAL B 78 10.77 -25.69 -6.79
CA VAL B 78 12.17 -25.99 -7.10
C VAL B 78 12.81 -26.60 -5.86
N SER B 79 12.46 -26.03 -4.70
CA SER B 79 12.90 -26.51 -3.39
C SER B 79 12.38 -27.92 -3.07
N ASN B 80 11.14 -28.21 -3.49
CA ASN B 80 10.53 -29.52 -3.28
C ASN B 80 11.21 -30.63 -4.04
N LYS B 81 11.67 -30.32 -5.25
CA LYS B 81 12.06 -31.35 -6.20
C LYS B 81 13.56 -31.55 -6.32
N ILE B 82 14.33 -30.48 -6.14
CA ILE B 82 15.76 -30.50 -6.41
C ILE B 82 16.60 -30.35 -5.14
N VAL B 83 16.18 -29.43 -4.27
CA VAL B 83 17.01 -28.98 -3.15
C VAL B 83 16.84 -29.82 -1.87
N GLY B 84 15.85 -30.73 -1.88
CA GLY B 84 15.51 -31.52 -0.69
C GLY B 84 15.88 -33.00 -0.69
N TYR B 85 15.99 -33.56 0.51
CA TYR B 85 16.31 -34.97 0.72
C TYR B 85 15.86 -35.42 2.12
N LEU B 86 15.96 -36.73 2.38
CA LEU B 86 15.53 -37.30 3.66
C LEU B 86 16.69 -37.91 4.46
N ASP B 87 17.67 -38.44 3.74
CA ASP B 87 18.73 -39.26 4.36
C ASP B 87 19.96 -38.43 4.71
N GLU B 88 20.11 -38.15 6.00
CA GLU B 88 21.24 -37.35 6.49
C GLU B 88 22.51 -38.19 6.60
N GLU B 89 22.42 -39.48 6.27
CA GLU B 89 23.58 -40.38 6.31
C GLU B 89 24.56 -40.07 5.19
N GLY B 90 25.80 -39.79 5.56
CA GLY B 90 26.88 -39.61 4.60
C GLY B 90 27.03 -38.19 4.10
N VAL B 91 26.16 -37.29 4.55
CA VAL B 91 26.21 -35.89 4.11
C VAL B 91 27.42 -35.13 4.65
N LEU B 92 27.94 -35.56 5.80
CA LEU B 92 29.01 -34.84 6.50
C LEU B 92 30.29 -34.75 5.69
N ASP B 93 30.93 -33.59 5.77
CA ASP B 93 32.21 -33.34 5.12
C ASP B 93 33.30 -34.11 5.85
N GLN B 94 34.19 -34.74 5.11
CA GLN B 94 35.25 -35.57 5.70
C GLN B 94 36.49 -34.78 6.12
N ASN B 95 36.66 -33.58 5.56
CA ASN B 95 37.81 -32.74 5.85
C ASN B 95 37.45 -31.26 6.10
N ARG B 96 36.23 -31.01 6.58
CA ARG B 96 35.82 -29.66 6.99
C ARG B 96 35.07 -29.67 8.32
N SER B 97 35.60 -28.94 9.30
CA SER B 97 34.94 -28.77 10.59
C SER B 97 33.67 -27.92 10.46
N LEU B 98 32.85 -27.89 11.51
CA LEU B 98 31.65 -27.07 11.55
C LEU B 98 32.02 -25.59 11.50
N LEU B 99 33.22 -25.27 12.00
CA LEU B 99 33.75 -23.92 11.95
C LEU B 99 34.04 -23.44 10.51
N PHE B 100 34.12 -24.37 9.55
CA PHE B 100 34.26 -24.02 8.13
C PHE B 100 32.99 -23.36 7.62
N MET B 101 31.84 -23.94 7.98
CA MET B 101 30.55 -23.35 7.71
C MET B 101 30.46 -22.01 8.43
N GLN B 102 30.75 -22.05 9.73
CA GLN B 102 30.49 -20.93 10.65
C GLN B 102 31.19 -19.63 10.27
N TRP B 103 32.52 -19.68 10.13
CA TRP B 103 33.32 -18.50 9.77
C TRP B 103 32.84 -17.91 8.45
N GLY B 104 32.35 -18.77 7.57
CA GLY B 104 31.72 -18.33 6.33
C GLY B 104 30.58 -17.36 6.58
N GLN B 105 29.75 -17.68 7.58
CA GLN B 105 28.62 -16.84 7.94
C GLN B 105 29.03 -15.58 8.70
N ILE B 106 30.20 -15.64 9.34
CA ILE B 106 30.77 -14.50 10.03
C ILE B 106 31.25 -13.46 9.01
N VAL B 107 32.09 -13.91 8.06
CA VAL B 107 32.58 -13.06 6.97
C VAL B 107 31.42 -12.46 6.17
N ASP B 108 30.47 -13.30 5.80
CA ASP B 108 29.30 -12.86 5.04
C ASP B 108 28.52 -11.76 5.75
N HIS B 109 28.25 -11.97 7.03
CA HIS B 109 27.50 -11.01 7.83
C HIS B 109 28.27 -9.72 8.01
N ASP B 110 29.60 -9.81 7.91
CA ASP B 110 30.49 -8.65 7.97
C ASP B 110 30.29 -7.79 6.72
N LEU B 111 30.07 -8.45 5.58
CA LEU B 111 30.10 -7.78 4.28
C LEU B 111 28.78 -7.27 3.71
N ASP B 112 27.65 -7.95 3.88
CA ASP B 112 26.42 -7.49 3.27
C ASP B 112 25.13 -7.81 4.06
N PHE B 113 24.20 -6.87 3.92
CA PHE B 113 22.86 -6.98 4.51
C PHE B 113 21.89 -6.12 3.72
N ALA B 114 20.98 -6.76 2.99
CA ALA B 114 19.88 -6.06 2.36
C ALA B 114 18.67 -6.29 3.23
N PRO B 115 18.30 -5.29 4.00
CA PRO B 115 17.27 -5.34 5.02
C PRO B 115 15.93 -5.41 4.44
N GLU B 116 14.99 -6.05 5.10
CA GLU B 116 13.67 -6.27 4.57
C GLU B 116 12.80 -5.09 4.68
N THR B 117 11.84 -5.08 3.76
CA THR B 117 10.89 -3.99 3.61
C THR B 117 10.04 -3.83 4.84
N GLU B 118 9.70 -4.96 5.44
CA GLU B 118 8.81 -4.93 6.59
C GLU B 118 9.41 -4.64 7.96
N LEU B 119 8.98 -3.48 8.45
CA LEU B 119 9.16 -2.96 9.77
C LEU B 119 8.37 -1.68 9.60
N GLY B 120 7.06 -1.79 9.51
CA GLY B 120 6.15 -0.67 9.32
C GLY B 120 5.40 -0.25 10.56
N SER B 121 4.89 0.98 10.60
CA SER B 121 4.21 1.44 11.79
C SER B 121 2.80 0.92 11.90
N SER B 122 2.55 0.21 12.98
CA SER B 122 1.22 -0.40 13.17
C SER B 122 0.66 -0.94 11.86
N GLU B 123 0.97 -2.18 11.53
CA GLU B 123 0.81 -2.70 10.19
C GLU B 123 -0.44 -3.51 9.92
N HIS B 124 -1.14 -3.12 8.87
CA HIS B 124 -2.26 -3.87 8.34
C HIS B 124 -1.74 -4.67 7.16
N SER B 125 -0.65 -4.18 6.57
CA SER B 125 0.00 -4.82 5.41
C SER B 125 0.64 -6.16 5.76
N LYS B 126 1.10 -6.28 7.01
CA LYS B 126 1.72 -7.51 7.49
C LYS B 126 0.76 -8.68 7.38
N VAL B 127 -0.48 -8.44 7.80
CA VAL B 127 -1.50 -9.49 7.89
C VAL B 127 -1.94 -10.02 6.52
N GLN B 128 -2.14 -9.13 5.56
CA GLN B 128 -2.65 -9.48 4.24
C GLN B 128 -1.72 -10.45 3.50
N CYS B 129 -0.43 -10.35 3.78
CA CYS B 129 0.55 -11.25 3.18
C CYS B 129 0.49 -12.65 3.81
N GLU B 130 0.47 -12.71 5.14
CA GLU B 130 0.47 -14.00 5.83
C GLU B 130 -0.84 -14.75 5.70
N GLU B 131 -1.92 -14.09 6.11
CA GLU B 131 -3.23 -14.74 6.21
C GLU B 131 -3.90 -14.98 4.88
N TYR B 132 -3.65 -14.11 3.89
CA TYR B 132 -4.40 -14.13 2.64
C TYR B 132 -3.56 -14.41 1.39
N CYS B 133 -2.26 -14.11 1.46
CA CYS B 133 -1.32 -14.33 0.36
C CYS B 133 -1.69 -13.49 -0.86
N VAL B 134 -1.84 -12.19 -0.66
CA VAL B 134 -2.17 -11.32 -1.78
C VAL B 134 -1.00 -10.43 -2.12
N GLN B 135 -0.56 -10.52 -3.37
CA GLN B 135 0.37 -9.56 -3.92
C GLN B 135 -0.38 -8.22 -3.96
N GLY B 136 0.35 -7.10 -3.85
CA GLY B 136 1.79 -7.13 -3.74
C GLY B 136 2.42 -5.76 -3.54
N ASP B 137 3.74 -5.75 -3.42
CA ASP B 137 4.51 -4.57 -3.07
C ASP B 137 3.90 -3.93 -1.83
N GLU B 138 4.54 -4.15 -0.68
CA GLU B 138 5.84 -4.79 -0.63
C GLU B 138 5.84 -6.31 -0.43
N CYS B 139 4.66 -6.91 -0.46
CA CYS B 139 4.55 -8.36 -0.29
C CYS B 139 4.63 -9.17 -1.59
N PHE B 140 5.53 -10.16 -1.60
CA PHE B 140 5.72 -11.04 -2.73
C PHE B 140 5.76 -12.44 -2.12
N PRO B 141 4.64 -13.20 -2.24
CA PRO B 141 4.51 -14.44 -1.49
C PRO B 141 5.04 -15.68 -2.19
N ILE B 142 5.51 -16.65 -1.40
CA ILE B 142 5.94 -17.94 -1.92
C ILE B 142 4.75 -18.89 -1.86
N MET B 143 4.12 -19.08 -3.01
CA MET B 143 2.92 -19.90 -3.14
C MET B 143 3.26 -21.37 -3.05
N PHE B 144 2.28 -22.18 -2.66
CA PHE B 144 2.47 -23.61 -2.55
C PHE B 144 1.93 -24.33 -3.78
N PRO B 145 2.77 -25.22 -4.36
CA PRO B 145 2.43 -26.00 -5.53
C PRO B 145 1.55 -27.19 -5.20
N LYS B 146 1.06 -27.87 -6.22
CA LYS B 146 0.21 -29.05 -6.05
C LYS B 146 0.94 -30.14 -5.25
N ASN B 147 0.20 -30.75 -4.31
CA ASN B 147 0.72 -31.82 -3.45
C ASN B 147 1.91 -31.42 -2.56
N ASP B 148 1.88 -30.20 -2.05
CA ASP B 148 2.80 -29.78 -1.00
C ASP B 148 2.17 -30.23 0.30
N PRO B 149 2.97 -30.80 1.21
CA PRO B 149 2.45 -31.20 2.51
C PRO B 149 2.32 -30.02 3.46
N LYS B 150 2.75 -28.85 3.00
CA LYS B 150 2.59 -27.62 3.77
C LYS B 150 1.19 -27.05 3.56
N LEU B 151 0.57 -27.44 2.45
CA LEU B 151 -0.80 -27.05 2.15
C LEU B 151 -1.75 -27.49 3.24
N LYS B 152 -1.60 -28.73 3.68
CA LYS B 152 -2.47 -29.32 4.68
C LYS B 152 -2.28 -28.75 6.08
N THR B 153 -1.13 -28.14 6.35
CA THR B 153 -0.81 -27.69 7.71
C THR B 153 -0.68 -26.18 7.92
N GLN B 154 -0.04 -25.48 6.98
CA GLN B 154 0.34 -24.09 7.19
C GLN B 154 -0.53 -23.02 6.54
N GLY B 155 -0.75 -23.14 5.23
CA GLY B 155 -1.52 -22.15 4.48
C GLY B 155 -1.44 -22.42 2.99
N LYS B 156 -1.59 -21.38 2.19
CA LYS B 156 -1.44 -21.51 0.75
C LYS B 156 -0.06 -21.02 0.33
N CYS B 157 0.60 -20.30 1.22
CA CYS B 157 1.82 -19.58 0.88
C CYS B 157 2.71 -19.30 2.08
N MET B 158 3.93 -18.87 1.79
CA MET B 158 4.86 -18.39 2.81
C MET B 158 5.04 -16.88 2.65
N PRO B 159 4.80 -16.11 3.72
CA PRO B 159 4.91 -14.66 3.63
C PRO B 159 6.35 -14.25 3.35
N PHE B 160 6.53 -13.39 2.35
CA PHE B 160 7.85 -12.95 1.91
C PHE B 160 7.78 -11.49 1.48
N PHE B 161 8.49 -10.63 2.21
CA PHE B 161 8.53 -9.21 1.89
C PHE B 161 9.78 -8.88 1.10
N ARG B 162 9.66 -7.94 0.15
CA ARG B 162 10.74 -7.57 -0.75
C ARG B 162 11.80 -6.76 -0.06
N ALA B 163 13.03 -6.84 -0.58
CA ALA B 163 14.19 -6.20 0.04
C ALA B 163 14.27 -4.71 -0.23
N GLY B 164 14.70 -3.96 0.76
CA GLY B 164 14.76 -2.50 0.69
C GLY B 164 15.59 -1.99 -0.46
N PHE B 165 15.15 -0.88 -1.04
CA PHE B 165 15.75 -0.33 -2.26
C PHE B 165 16.15 1.13 -2.08
N VAL B 166 16.81 1.67 -3.10
CA VAL B 166 17.42 3.01 -3.04
C VAL B 166 16.44 4.16 -3.21
N CYS B 167 16.98 5.38 -3.20
CA CYS B 167 16.18 6.59 -3.04
C CYS B 167 15.44 6.37 -1.70
N PRO B 168 14.12 6.43 -1.64
CA PRO B 168 13.32 6.25 -0.42
C PRO B 168 12.73 4.84 -0.14
N THR B 169 11.55 4.79 0.47
CA THR B 169 10.83 3.59 0.93
C THR B 169 9.47 3.24 0.27
N PRO B 170 8.99 4.12 -0.60
CA PRO B 170 7.80 3.80 -1.42
C PRO B 170 8.09 2.95 -2.69
N PRO B 171 7.57 3.34 -3.87
CA PRO B 171 7.93 2.70 -5.13
C PRO B 171 8.77 3.55 -6.11
N TYR B 172 8.16 4.59 -6.67
CA TYR B 172 8.77 5.51 -7.64
C TYR B 172 8.93 4.93 -9.05
N GLN B 173 9.47 5.72 -9.97
CA GLN B 173 9.57 5.29 -11.34
C GLN B 173 10.82 5.75 -12.10
N SER B 174 11.03 5.14 -13.26
CA SER B 174 11.97 5.48 -14.36
C SER B 174 13.45 4.97 -14.37
N LEU B 175 13.97 4.42 -13.27
CA LEU B 175 15.34 3.82 -13.35
C LEU B 175 15.37 2.59 -12.46
N ALA B 176 15.87 1.50 -13.05
CA ALA B 176 15.97 0.19 -12.41
C ALA B 176 16.40 0.27 -10.95
N ARG B 177 15.75 -0.56 -10.14
CA ARG B 177 15.94 -0.41 -8.71
C ARG B 177 17.05 -1.29 -8.22
N ASP B 178 17.97 -0.69 -7.47
CA ASP B 178 19.02 -1.43 -6.81
C ASP B 178 18.60 -1.61 -5.36
N GLN B 179 19.06 -2.69 -4.75
CA GLN B 179 18.79 -2.95 -3.35
C GLN B 179 19.91 -2.40 -2.49
N ILE B 180 19.67 -2.35 -1.19
CA ILE B 180 20.59 -1.66 -0.29
C ILE B 180 21.51 -2.57 0.52
N ASN B 181 22.74 -2.12 0.73
CA ASN B 181 23.65 -2.79 1.64
C ASN B 181 23.70 -1.98 2.93
N ALA B 182 23.24 -2.58 4.03
CA ALA B 182 23.12 -1.85 5.29
C ALA B 182 24.37 -1.96 6.17
N VAL B 183 25.45 -2.47 5.57
CA VAL B 183 26.74 -2.64 6.26
C VAL B 183 27.91 -2.25 5.37
N THR B 184 29.08 -2.02 5.99
CA THR B 184 30.28 -1.62 5.27
C THR B 184 30.80 -2.80 4.47
N SER B 185 31.11 -2.54 3.20
CA SER B 185 31.62 -3.55 2.28
C SER B 185 33.01 -4.06 2.63
N PHE B 186 33.75 -3.29 3.43
CA PHE B 186 35.08 -3.69 3.82
C PHE B 186 35.06 -4.79 4.88
N LEU B 187 36.06 -5.66 4.86
CA LEU B 187 36.17 -6.72 5.85
C LEU B 187 36.77 -6.13 7.10
N ASP B 188 35.92 -5.51 7.93
CA ASP B 188 36.38 -4.67 9.04
C ASP B 188 35.67 -4.89 10.38
N ALA B 189 35.08 -6.07 10.57
CA ALA B 189 34.31 -6.37 11.77
C ALA B 189 33.08 -5.48 11.93
N SER B 190 32.32 -5.34 10.85
CA SER B 190 31.05 -4.61 10.84
C SER B 190 29.96 -5.35 11.63
N LEU B 191 30.21 -6.62 11.91
CA LEU B 191 29.33 -7.46 12.70
C LEU B 191 29.57 -7.25 14.21
N VAL B 192 30.74 -6.72 14.55
CA VAL B 192 31.13 -6.55 15.96
C VAL B 192 30.93 -5.12 16.45
N TYR B 193 31.25 -4.14 15.61
CA TYR B 193 31.30 -2.73 16.03
C TYR B 193 30.17 -1.83 15.54
N GLY B 194 29.35 -2.33 14.62
CA GLY B 194 28.24 -1.57 14.03
C GLY B 194 28.62 -0.82 12.76
N SER B 195 27.63 -0.59 11.89
CA SER B 195 27.83 0.17 10.64
C SER B 195 27.16 1.53 10.68
N GLU B 196 26.69 1.90 11.86
CA GLU B 196 25.99 3.15 12.07
C GLU B 196 26.65 3.84 13.25
N PRO B 197 27.06 5.12 13.08
CA PRO B 197 27.75 5.91 14.12
C PRO B 197 27.00 6.04 15.43
N SEP B 198 25.68 5.88 15.37
CA SEP B 198 24.81 5.95 16.54
CB SEP B 198 23.41 6.39 16.10
OG SEP B 198 22.95 5.59 15.02
C SEP B 198 24.74 4.61 17.27
O SEP B 198 24.82 4.58 18.50
P SEP B 198 23.16 6.31 13.57
O1P SEP B 198 22.81 7.89 13.66
O2P SEP B 198 22.24 5.62 12.44
O3P SEP B 198 24.68 6.12 13.11
N LEU B 199 24.58 3.52 16.53
CA LEU B 199 24.57 2.20 17.14
C LEU B 199 25.90 1.91 17.82
N ALA B 200 26.99 2.15 17.11
CA ALA B 200 28.33 1.87 17.62
C ALA B 200 28.56 2.51 18.97
N SER B 201 27.86 3.60 19.24
CA SER B 201 27.95 4.30 20.51
C SER B 201 27.30 3.49 21.63
N ARG B 202 26.08 3.02 21.39
CA ARG B 202 25.29 2.24 22.34
C ARG B 202 26.01 0.94 22.75
N LEU B 203 26.75 0.35 21.83
CA LEU B 203 27.45 -0.91 22.05
C LEU B 203 28.67 -0.78 22.97
N ARG B 204 29.13 0.46 23.17
CA ARG B 204 30.34 0.72 23.93
C ARG B 204 30.08 0.96 25.41
N ASN B 205 31.09 0.67 26.22
CA ASN B 205 31.08 1.01 27.64
C ASN B 205 31.80 2.33 27.83
N LEU B 206 31.12 3.42 27.48
CA LEU B 206 31.73 4.74 27.45
C LEU B 206 31.93 5.34 28.84
N SER B 207 31.08 4.92 29.79
CA SER B 207 31.15 5.42 31.17
C SER B 207 32.35 4.88 31.95
N SER B 208 33.30 4.27 31.24
CA SER B 208 34.59 3.85 31.80
C SER B 208 35.70 4.37 30.89
N PRO B 209 36.94 4.47 31.40
CA PRO B 209 38.02 4.99 30.56
C PRO B 209 38.85 3.91 29.83
N LEU B 210 38.40 2.67 29.89
CA LEU B 210 39.22 1.53 29.47
C LEU B 210 39.06 1.15 27.99
N GLY B 211 38.13 1.81 27.31
CA GLY B 211 37.87 1.55 25.89
C GLY B 211 37.26 0.17 25.63
N LEU B 212 36.34 -0.23 26.50
CA LEU B 212 35.73 -1.55 26.42
C LEU B 212 34.40 -1.51 25.67
N MET B 213 34.00 -2.67 25.15
CA MET B 213 32.66 -2.86 24.62
C MET B 213 31.75 -3.25 25.79
N ALA B 214 30.50 -2.77 25.77
CA ALA B 214 29.53 -3.07 26.82
C ALA B 214 29.23 -4.56 26.88
N VAL B 215 29.06 -5.08 28.09
CA VAL B 215 28.79 -6.51 28.30
C VAL B 215 27.49 -6.74 29.09
N ASN B 216 27.07 -7.99 29.18
CA ASN B 216 25.83 -8.35 29.89
C ASN B 216 26.01 -8.28 31.40
N GLN B 217 25.06 -7.64 32.07
CA GLN B 217 25.11 -7.46 33.52
C GLN B 217 24.22 -8.46 34.28
N GLU B 218 23.48 -9.29 33.54
CA GLU B 218 22.58 -10.28 34.13
C GLU B 218 23.12 -11.71 34.07
N ALA B 219 23.78 -12.06 32.97
CA ALA B 219 24.29 -13.41 32.79
C ALA B 219 25.80 -13.39 32.67
N TRP B 220 26.44 -14.43 33.18
CA TRP B 220 27.90 -14.54 33.19
C TRP B 220 28.34 -15.94 32.82
N ASP B 221 29.52 -16.05 32.22
CA ASP B 221 30.06 -17.34 31.80
C ASP B 221 31.41 -17.58 32.48
N HIS B 222 31.33 -18.04 33.73
CA HIS B 222 32.52 -18.36 34.56
C HIS B 222 33.55 -17.22 34.62
N GLY B 223 33.07 -16.00 34.81
CA GLY B 223 33.94 -14.82 34.86
C GLY B 223 34.03 -14.07 33.54
N LEU B 224 33.84 -14.80 32.44
CA LEU B 224 33.81 -14.23 31.10
C LEU B 224 32.38 -13.80 30.80
N ALA B 225 32.20 -12.92 29.81
CA ALA B 225 30.91 -12.24 29.61
C ALA B 225 30.24 -12.47 28.27
N TYR B 226 28.91 -12.47 28.28
CA TYR B 226 28.09 -12.49 27.06
C TYR B 226 27.84 -11.06 26.59
N PRO B 227 27.38 -10.89 25.34
CA PRO B 227 26.98 -9.55 24.90
C PRO B 227 25.72 -9.09 25.66
N PRO B 228 25.45 -7.77 25.68
CA PRO B 228 24.29 -7.23 26.40
C PRO B 228 22.96 -7.60 25.75
N PHE B 229 21.94 -7.82 26.59
CA PHE B 229 20.60 -8.17 26.14
C PHE B 229 19.98 -7.04 25.33
N ASN B 230 19.46 -7.39 24.15
CA ASN B 230 18.61 -6.49 23.39
C ASN B 230 17.19 -6.61 23.96
N ASN B 231 16.81 -5.61 24.74
CA ASN B 231 15.53 -5.65 25.47
C ASN B 231 14.38 -5.00 24.71
N VAL B 232 14.45 -5.03 23.38
CA VAL B 232 13.38 -4.57 22.51
C VAL B 232 12.26 -5.61 22.51
N LYS B 233 11.14 -5.28 23.16
CA LYS B 233 9.97 -6.15 23.17
C LYS B 233 8.97 -5.72 22.09
N PRO B 234 8.41 -6.68 21.34
CA PRO B 234 8.66 -8.12 21.46
C PRO B 234 9.99 -8.54 20.85
N SER B 235 10.57 -9.63 21.35
CA SER B 235 11.79 -10.18 20.79
C SER B 235 11.56 -11.64 20.38
N PRO B 236 12.13 -12.05 19.23
CA PRO B 236 11.98 -13.41 18.72
C PRO B 236 12.59 -14.46 19.63
N CYS B 237 13.54 -14.06 20.46
CA CYS B 237 14.28 -14.98 21.33
C CYS B 237 13.52 -15.39 22.59
N GLU B 238 12.60 -14.53 23.03
CA GLU B 238 11.74 -14.86 24.16
C GLU B 238 10.60 -15.78 23.72
N PHE B 239 10.14 -15.57 22.49
CA PHE B 239 8.97 -16.27 21.94
C PHE B 239 9.12 -17.80 21.87
N ILE B 240 10.33 -18.28 21.54
CA ILE B 240 10.54 -19.71 21.33
C ILE B 240 10.58 -20.51 22.65
N ASN B 241 10.85 -19.82 23.75
CA ASN B 241 10.71 -20.39 25.09
C ASN B 241 10.30 -19.29 26.06
N THR B 242 8.99 -19.20 26.29
CA THR B 242 8.39 -18.11 27.06
C THR B 242 8.77 -18.13 28.54
N THR B 243 8.96 -19.34 29.08
CA THR B 243 9.28 -19.56 30.50
C THR B 243 10.69 -19.07 30.87
N ALA B 244 11.62 -19.17 29.92
CA ALA B 244 13.02 -18.82 30.17
C ALA B 244 13.26 -17.32 30.38
N HIS B 245 12.43 -16.50 29.73
CA HIS B 245 12.59 -15.04 29.68
C HIS B 245 13.99 -14.62 29.20
N VAL B 246 14.42 -15.13 28.06
CA VAL B 246 15.75 -14.79 27.52
C VAL B 246 15.70 -14.12 26.15
N PRO B 247 16.04 -12.82 26.09
CA PRO B 247 16.02 -12.10 24.81
C PRO B 247 17.30 -12.30 23.99
N CYS B 248 17.30 -11.71 22.80
CA CYS B 248 18.42 -11.85 21.86
C CYS B 248 19.64 -11.05 22.29
N PHE B 249 20.80 -11.42 21.75
CA PHE B 249 22.01 -10.64 21.95
C PHE B 249 21.99 -9.38 21.10
N GLN B 250 22.67 -8.33 21.57
CA GLN B 250 22.75 -7.07 20.83
C GLN B 250 24.18 -6.79 20.38
N ALA B 251 24.48 -7.15 19.14
CA ALA B 251 25.82 -6.99 18.61
C ALA B 251 25.85 -5.93 17.51
N GLY B 252 27.01 -5.78 16.88
CA GLY B 252 27.21 -4.87 15.76
C GLY B 252 26.25 -5.14 14.61
N ASP B 253 26.01 -6.41 14.32
CA ASP B 253 25.05 -6.81 13.30
C ASP B 253 23.74 -7.19 13.96
N SER B 254 22.63 -6.84 13.31
CA SER B 254 21.30 -7.12 13.84
C SER B 254 20.92 -8.62 13.80
N ARG B 255 21.61 -9.40 12.97
CA ARG B 255 21.27 -10.82 12.78
C ARG B 255 21.96 -11.76 13.77
N ALA B 256 22.73 -11.20 14.70
CA ALA B 256 23.66 -11.97 15.53
C ALA B 256 23.09 -13.19 16.27
N SER B 257 21.77 -13.24 16.43
CA SER B 257 21.12 -14.31 17.20
C SER B 257 20.26 -15.27 16.36
N GLU B 258 20.52 -15.35 15.06
CA GLU B 258 19.74 -16.19 14.14
C GLU B 258 19.91 -17.70 14.38
N GLN B 259 21.11 -18.11 14.77
CA GLN B 259 21.36 -19.47 15.23
C GLN B 259 22.36 -19.45 16.38
N ILE B 260 22.34 -20.49 17.21
CA ILE B 260 23.08 -20.51 18.49
C ILE B 260 24.60 -20.32 18.31
N LEU B 261 25.14 -20.92 17.24
CA LEU B 261 26.59 -20.91 17.01
C LEU B 261 27.10 -19.60 16.42
N LEU B 262 26.24 -18.91 15.67
CA LEU B 262 26.55 -17.56 15.20
C LEU B 262 26.75 -16.64 16.40
N ALA B 263 25.87 -16.79 17.40
CA ALA B 263 25.97 -16.04 18.66
C ALA B 263 27.23 -16.45 19.42
N THR B 264 27.57 -17.73 19.36
CA THR B 264 28.79 -18.24 19.98
C THR B 264 30.03 -17.50 19.48
N VAL B 265 30.29 -17.55 18.17
CA VAL B 265 31.46 -16.86 17.60
C VAL B 265 31.35 -15.34 17.81
N HIS B 266 30.12 -14.83 17.89
CA HIS B 266 29.89 -13.42 18.22
C HIS B 266 30.42 -13.07 19.62
N THR B 267 30.19 -13.98 20.57
CA THR B 267 30.68 -13.81 21.95
C THR B 267 32.20 -13.89 22.02
N LEU B 268 32.80 -14.92 21.40
CA LEU B 268 34.25 -14.98 21.24
C LEU B 268 34.85 -13.65 20.77
N LEU B 269 34.26 -13.07 19.71
CA LEU B 269 34.79 -11.84 19.11
C LEU B 269 34.71 -10.64 20.05
N LEU B 270 33.56 -10.45 20.69
CA LEU B 270 33.38 -9.38 21.68
C LEU B 270 34.39 -9.52 22.80
N ARG B 271 34.64 -10.78 23.17
CA ARG B 271 35.61 -11.09 24.21
C ARG B 271 37.04 -10.83 23.76
N GLU B 272 37.31 -11.02 22.47
CA GLU B 272 38.63 -10.73 21.93
C GLU B 272 38.94 -9.24 22.03
N HIS B 273 37.90 -8.42 21.90
CA HIS B 273 38.06 -6.96 22.01
C HIS B 273 38.51 -6.55 23.41
N ASN B 274 37.60 -6.69 24.37
CA ASN B 274 37.88 -6.30 25.74
C ASN B 274 39.25 -6.76 26.23
N ARG B 275 39.64 -7.98 25.86
CA ARG B 275 40.93 -8.56 26.23
C ARG B 275 42.11 -7.74 25.70
N LEU B 276 42.01 -7.34 24.44
CA LEU B 276 43.05 -6.56 23.77
C LEU B 276 43.13 -5.15 24.36
N ALA B 277 41.97 -4.56 24.63
CA ALA B 277 41.86 -3.25 25.25
C ALA B 277 42.45 -3.21 26.67
N ARG B 278 42.37 -4.33 27.38
CA ARG B 278 42.99 -4.45 28.70
C ARG B 278 44.51 -4.60 28.59
N GLU B 279 44.95 -5.46 27.67
CA GLU B 279 46.38 -5.70 27.46
C GLU B 279 47.12 -4.51 26.84
N LEU B 280 46.47 -3.85 25.88
CA LEU B 280 47.02 -2.61 25.29
C LEU B 280 47.09 -1.48 26.30
N LYS B 281 46.33 -1.59 27.40
CA LYS B 281 46.41 -0.60 28.48
C LYS B 281 47.53 -0.93 29.46
N ARG B 282 47.72 -2.21 29.75
CA ARG B 282 48.83 -2.62 30.61
C ARG B 282 50.15 -2.14 30.02
N LEU B 283 50.35 -2.41 28.73
CA LEU B 283 51.54 -1.96 28.01
C LEU B 283 51.57 -0.46 27.76
N ASN B 284 50.39 0.16 27.69
CA ASN B 284 50.28 1.61 27.47
C ASN B 284 49.30 2.31 28.41
N PRO B 285 49.70 2.49 29.69
CA PRO B 285 48.85 3.08 30.74
C PRO B 285 48.36 4.51 30.49
N HIS B 286 49.05 5.26 29.62
CA HIS B 286 48.68 6.66 29.36
C HIS B 286 47.50 6.81 28.40
N TRP B 287 47.36 5.88 27.45
CA TRP B 287 46.29 5.90 26.44
C TRP B 287 44.90 6.04 27.06
N ASP B 288 44.08 6.91 26.46
CA ASP B 288 42.70 7.14 26.92
C ASP B 288 41.73 6.15 26.26
N GLY B 289 40.47 6.21 26.66
CA GLY B 289 39.45 5.25 26.21
C GLY B 289 39.24 5.13 24.71
N GLU B 290 39.27 6.27 24.02
CA GLU B 290 39.06 6.32 22.58
C GLU B 290 40.15 5.55 21.83
N MET B 291 41.42 5.81 22.16
CA MET B 291 42.52 5.17 21.45
C MET B 291 42.62 3.67 21.75
N LEU B 292 42.18 3.26 22.94
CA LEU B 292 42.10 1.84 23.30
C LEU B 292 41.08 1.14 22.42
N TYR B 293 39.84 1.62 22.46
CA TYR B 293 38.78 1.10 21.59
C TYR B 293 39.24 0.96 20.13
N GLN B 294 39.91 1.99 19.61
CA GLN B 294 40.27 2.05 18.20
C GLN B 294 41.45 1.15 17.81
N GLU B 295 42.50 1.11 18.65
CA GLU B 295 43.66 0.26 18.39
C GLU B 295 43.28 -1.21 18.39
N ALA B 296 42.45 -1.61 19.35
CA ALA B 296 41.91 -2.97 19.45
C ALA B 296 41.04 -3.30 18.24
N ARG B 297 40.22 -2.32 17.83
CA ARG B 297 39.37 -2.44 16.64
C ARG B 297 40.22 -2.72 15.39
N LYS B 298 41.37 -2.08 15.30
CA LYS B 298 42.30 -2.35 14.21
C LYS B 298 42.82 -3.78 14.30
N ILE B 299 43.26 -4.17 15.49
CA ILE B 299 43.81 -5.53 15.71
C ILE B 299 42.77 -6.59 15.40
N LEU B 300 41.54 -6.39 15.86
CA LEU B 300 40.45 -7.34 15.66
C LEU B 300 40.05 -7.47 14.19
N GLY B 301 40.00 -6.33 13.50
CA GLY B 301 39.70 -6.31 12.07
C GLY B 301 40.79 -6.98 11.27
N ALA B 302 42.04 -6.75 11.68
CA ALA B 302 43.22 -7.38 11.06
C ALA B 302 43.23 -8.88 11.32
N PHE B 303 42.61 -9.28 12.42
CA PHE B 303 42.44 -10.69 12.73
C PHE B 303 41.48 -11.32 11.71
N ILE B 304 40.26 -10.79 11.63
CA ILE B 304 39.23 -11.32 10.74
C ILE B 304 39.69 -11.38 9.28
N GLN B 305 40.51 -10.41 8.88
CA GLN B 305 41.08 -10.40 7.53
C GLN B 305 42.07 -11.55 7.31
N ILE B 306 43.01 -11.71 8.24
CA ILE B 306 44.04 -12.76 8.15
C ILE B 306 43.42 -14.16 8.04
N ILE B 307 42.53 -14.46 8.98
CA ILE B 307 41.90 -15.79 9.03
C ILE B 307 41.07 -16.05 7.76
N THR B 308 40.34 -15.03 7.31
CA THR B 308 39.50 -15.13 6.13
C THR B 308 40.30 -15.37 4.85
N PHE B 309 41.50 -14.81 4.76
CA PHE B 309 42.30 -14.91 3.54
C PHE B 309 43.40 -15.99 3.53
N ARG B 310 43.85 -16.40 4.72
CA ARG B 310 44.90 -17.41 4.87
C ARG B 310 44.35 -18.79 5.17
N ASP B 311 43.35 -18.86 6.03
CA ASP B 311 42.81 -20.13 6.50
C ASP B 311 41.48 -20.51 5.85
N TYR B 312 40.64 -19.53 5.55
CA TYR B 312 39.30 -19.78 5.00
C TYR B 312 39.25 -19.90 3.47
N LEU B 313 39.50 -18.80 2.77
CA LEU B 313 39.30 -18.75 1.31
C LEU B 313 40.08 -19.79 0.49
N PRO B 314 41.35 -20.07 0.84
CA PRO B 314 42.11 -21.11 0.12
C PRO B 314 41.41 -22.46 0.08
N ILE B 315 40.61 -22.77 1.11
CA ILE B 315 39.88 -24.04 1.16
C ILE B 315 38.42 -23.94 0.74
N VAL B 316 38.01 -22.76 0.26
CA VAL B 316 36.73 -22.62 -0.44
C VAL B 316 37.01 -22.69 -1.94
N LEU B 317 37.95 -21.88 -2.40
CA LEU B 317 38.24 -21.73 -3.84
C LEU B 317 39.17 -22.82 -4.40
N GLY B 318 40.07 -23.32 -3.56
CA GLY B 318 40.97 -24.41 -3.93
C GLY B 318 41.95 -24.03 -5.01
N SER B 319 41.94 -24.81 -6.09
CA SER B 319 42.77 -24.58 -7.27
C SER B 319 42.67 -23.15 -7.79
N GLU B 320 41.51 -22.54 -7.58
CA GLU B 320 41.18 -21.26 -8.21
C GLU B 320 41.36 -20.06 -7.29
N MET B 321 42.09 -20.26 -6.20
CA MET B 321 42.53 -19.19 -5.33
C MET B 321 43.51 -18.27 -6.07
N GLN B 322 44.46 -18.88 -6.77
CA GLN B 322 45.49 -18.17 -7.56
C GLN B 322 44.92 -17.48 -8.80
N LYS B 323 44.01 -18.15 -9.50
CA LYS B 323 43.45 -17.62 -10.75
C LYS B 323 42.69 -16.29 -10.58
N TRP B 324 42.14 -16.07 -9.40
CA TRP B 324 41.30 -14.89 -9.13
C TRP B 324 41.89 -13.93 -8.10
N ILE B 325 42.55 -14.48 -7.08
CA ILE B 325 43.15 -13.68 -6.01
C ILE B 325 44.67 -13.87 -6.03
N PRO B 326 45.38 -13.15 -6.91
CA PRO B 326 46.84 -13.22 -6.96
C PRO B 326 47.44 -12.61 -5.69
N PRO B 327 48.77 -12.73 -5.47
CA PRO B 327 49.35 -12.21 -4.23
C PRO B 327 49.26 -10.67 -4.14
N TYR B 328 49.33 -10.15 -2.92
CA TYR B 328 49.15 -8.72 -2.66
C TYR B 328 50.16 -7.83 -3.39
N GLN B 329 49.62 -6.79 -4.03
CA GLN B 329 50.45 -5.85 -4.81
C GLN B 329 50.40 -4.45 -4.24
N GLY B 330 49.51 -4.24 -3.25
CA GLY B 330 49.34 -2.92 -2.64
C GLY B 330 48.06 -2.25 -3.07
N TYR B 331 47.78 -1.10 -2.45
CA TYR B 331 46.53 -0.36 -2.65
C TYR B 331 46.30 0.13 -4.09
N ASN B 332 45.14 -0.23 -4.64
CA ASN B 332 44.67 0.20 -5.95
C ASN B 332 43.44 1.07 -5.73
N ASN B 333 43.63 2.39 -5.66
CA ASN B 333 42.53 3.30 -5.32
C ASN B 333 41.41 3.37 -6.37
N SER B 334 41.71 2.89 -7.57
CA SER B 334 40.75 2.85 -8.66
C SER B 334 40.02 1.50 -8.78
N VAL B 335 39.99 0.74 -7.69
CA VAL B 335 39.28 -0.55 -7.65
C VAL B 335 38.04 -0.45 -6.77
N ASP B 336 36.91 -0.86 -7.32
CA ASP B 336 35.63 -0.82 -6.62
C ASP B 336 35.56 -1.87 -5.50
N PRO B 337 35.49 -1.41 -4.22
CA PRO B 337 35.45 -2.33 -3.09
C PRO B 337 34.03 -2.68 -2.64
N ARG B 338 33.02 -2.19 -3.34
CA ARG B 338 31.63 -2.45 -3.00
C ARG B 338 31.19 -3.87 -3.28
N ILE B 339 30.34 -4.41 -2.42
CA ILE B 339 29.74 -5.72 -2.63
C ILE B 339 28.78 -5.64 -3.80
N SER B 340 28.87 -6.60 -4.72
CA SER B 340 27.91 -6.71 -5.81
C SER B 340 26.66 -7.45 -5.34
N ASN B 341 25.53 -7.13 -5.97
CA ASN B 341 24.26 -7.77 -5.66
C ASN B 341 24.41 -9.30 -5.71
N VAL B 342 24.99 -9.77 -6.81
CA VAL B 342 25.17 -11.21 -7.07
C VAL B 342 26.01 -11.93 -6.02
N PHE B 343 26.94 -11.21 -5.38
CA PHE B 343 27.75 -11.76 -4.29
C PHE B 343 26.88 -12.17 -3.10
N THR B 344 25.80 -11.43 -2.88
CA THR B 344 24.88 -11.74 -1.79
C THR B 344 24.04 -12.99 -2.08
N PHE B 345 24.25 -13.57 -3.27
CA PHE B 345 23.60 -14.82 -3.64
C PHE B 345 24.63 -15.90 -3.94
N ALA B 346 25.81 -15.47 -4.37
CA ALA B 346 26.94 -16.36 -4.57
C ALA B 346 27.39 -16.94 -3.23
N PHE B 347 27.49 -16.09 -2.22
CA PHE B 347 27.96 -16.49 -0.88
C PHE B 347 26.95 -17.41 -0.18
N ARG B 348 25.68 -17.35 -0.57
CA ARG B 348 24.63 -18.18 0.04
C ARG B 348 24.88 -19.68 -0.20
N PHE B 349 25.98 -20.00 -0.89
CA PHE B 349 26.41 -21.38 -1.07
C PHE B 349 26.52 -22.07 0.28
N GLY B 350 26.80 -21.28 1.31
CA GLY B 350 26.97 -21.77 2.67
C GLY B 350 25.77 -22.53 3.22
N HIS B 351 24.58 -22.13 2.78
CA HIS B 351 23.33 -22.74 3.26
C HIS B 351 23.31 -24.26 3.09
N MET B 352 24.17 -24.75 2.19
CA MET B 352 24.26 -26.18 1.89
C MET B 352 25.36 -26.86 2.68
N GLU B 353 25.92 -26.12 3.64
CA GLU B 353 26.94 -26.66 4.54
C GLU B 353 26.43 -26.72 5.98
N VAL B 354 25.17 -26.33 6.18
CA VAL B 354 24.57 -26.41 7.50
C VAL B 354 24.09 -27.85 7.74
N PRO B 355 24.63 -28.51 8.78
CA PRO B 355 24.22 -29.88 9.12
C PRO B 355 22.96 -29.89 9.97
N SER B 356 22.29 -31.05 10.02
CA SER B 356 20.97 -31.16 10.64
C SER B 356 20.96 -30.99 12.16
N THR B 357 22.12 -31.17 12.79
CA THR B 357 22.23 -31.07 14.25
C THR B 357 23.43 -30.26 14.73
N VAL B 358 23.34 -29.78 15.96
CA VAL B 358 24.42 -29.11 16.66
C VAL B 358 24.65 -29.82 17.99
N SER B 359 25.89 -30.26 18.23
CA SER B 359 26.23 -30.95 19.47
C SER B 359 26.88 -30.04 20.52
N ARG B 360 26.96 -30.56 21.75
CA ARG B 360 27.61 -29.87 22.87
C ARG B 360 28.40 -30.90 23.69
N LEU B 361 29.66 -30.58 23.97
CA LEU B 361 30.62 -31.57 24.50
C LEU B 361 31.31 -31.16 25.80
N ASP B 362 31.52 -32.12 26.70
CA ASP B 362 32.23 -31.89 27.97
C ASP B 362 33.74 -31.67 27.77
N GLU B 363 34.48 -31.59 28.87
CA GLU B 363 35.92 -31.40 28.85
C GLU B 363 36.66 -32.45 28.01
N ASN B 364 36.18 -33.68 28.08
CA ASN B 364 36.79 -34.80 27.36
C ASN B 364 36.31 -34.94 25.91
N TYR B 365 35.60 -33.91 25.43
CA TYR B 365 34.99 -33.92 24.09
C TYR B 365 34.04 -35.10 23.92
N GLN B 366 33.29 -35.37 24.98
CA GLN B 366 32.23 -36.36 25.00
C GLN B 366 30.87 -35.66 25.13
N PRO B 367 29.76 -36.35 24.78
CA PRO B 367 28.43 -35.77 24.92
C PRO B 367 28.13 -35.18 26.31
N TRP B 368 27.76 -33.91 26.34
CA TRP B 368 27.50 -33.17 27.56
C TRP B 368 26.02 -33.31 27.96
N GLY B 369 25.72 -34.35 28.72
CA GLY B 369 24.36 -34.57 29.22
C GLY B 369 23.40 -35.23 28.26
N PRO B 370 22.16 -35.53 28.74
CA PRO B 370 21.14 -36.32 28.03
C PRO B 370 20.73 -35.72 26.70
N GLU B 371 20.74 -34.39 26.63
CA GLU B 371 20.34 -33.65 25.45
C GLU B 371 21.58 -32.92 24.95
N ALA B 372 22.55 -33.70 24.49
CA ALA B 372 23.80 -33.15 23.96
C ALA B 372 23.59 -32.69 22.53
N GLU B 373 23.05 -33.57 21.70
CA GLU B 373 22.83 -33.31 20.28
C GLU B 373 21.39 -32.92 19.99
N LEU B 374 21.21 -31.71 19.48
CA LEU B 374 19.89 -31.12 19.28
C LEU B 374 19.58 -30.88 17.79
N PRO B 375 18.31 -31.03 17.38
CA PRO B 375 17.92 -30.67 16.00
C PRO B 375 18.10 -29.18 15.77
N LEU B 376 18.59 -28.79 14.59
CA LEU B 376 18.96 -27.40 14.35
C LEU B 376 17.82 -26.42 14.57
N HIS B 377 16.59 -26.79 14.16
CA HIS B 377 15.47 -25.84 14.18
C HIS B 377 15.16 -25.32 15.58
N THR B 378 15.34 -26.19 16.58
CA THR B 378 15.26 -25.84 18.00
C THR B 378 16.13 -24.62 18.34
N LEU B 379 17.16 -24.39 17.53
CA LEU B 379 18.21 -23.44 17.89
C LEU B 379 18.11 -22.08 17.21
N PHE B 380 17.18 -21.90 16.27
CA PHE B 380 16.97 -20.57 15.67
C PHE B 380 16.45 -19.56 16.67
N PHE B 381 17.23 -18.51 16.90
CA PHE B 381 16.92 -17.47 17.87
C PHE B 381 16.84 -18.01 19.29
N ASN B 382 17.60 -19.07 19.55
CA ASN B 382 17.67 -19.69 20.87
C ASN B 382 18.88 -19.18 21.65
N THR B 383 18.64 -18.23 22.54
CA THR B 383 19.69 -17.68 23.38
C THR B 383 19.74 -18.35 24.75
N TRP B 384 18.63 -19.00 25.12
CA TRP B 384 18.51 -19.59 26.46
C TRP B 384 19.39 -20.81 26.68
N ARG B 385 19.69 -21.53 25.60
CA ARG B 385 20.58 -22.71 25.67
C ARG B 385 22.08 -22.34 25.74
N ILE B 386 22.37 -21.05 25.65
CA ILE B 386 23.72 -20.54 25.94
C ILE B 386 23.76 -20.09 27.38
N ILE B 387 22.89 -19.14 27.73
CA ILE B 387 22.90 -18.49 29.03
C ILE B 387 22.49 -19.43 30.16
N LYS B 388 21.47 -20.26 29.90
CA LYS B 388 20.93 -21.15 30.92
C LYS B 388 21.29 -22.63 30.76
N ASP B 389 22.22 -22.97 29.86
CA ASP B 389 22.49 -24.37 29.56
C ASP B 389 23.96 -24.73 29.31
N GLY B 390 24.88 -24.08 30.04
CA GLY B 390 26.29 -24.48 29.98
C GLY B 390 27.31 -23.48 29.46
N GLY B 391 26.86 -22.36 28.91
CA GLY B 391 27.78 -21.35 28.38
C GLY B 391 28.18 -21.64 26.94
N ILE B 392 29.27 -21.02 26.48
CA ILE B 392 29.73 -21.24 25.10
C ILE B 392 30.75 -22.37 24.99
N ASP B 393 31.45 -22.65 26.09
CA ASP B 393 32.45 -23.73 26.15
C ASP B 393 32.02 -25.02 25.46
N PRO B 394 30.88 -25.63 25.89
CA PRO B 394 30.37 -26.82 25.20
C PRO B 394 30.17 -26.63 23.68
N LEU B 395 29.59 -25.50 23.29
CA LEU B 395 29.31 -25.21 21.89
C LEU B 395 30.58 -24.97 21.07
N VAL B 396 31.59 -24.34 21.69
CA VAL B 396 32.88 -24.10 21.04
C VAL B 396 33.57 -25.42 20.71
N ARG B 397 33.50 -26.37 21.64
CA ARG B 397 34.03 -27.71 21.45
C ARG B 397 33.28 -28.42 20.30
N GLY B 398 31.98 -28.16 20.22
CA GLY B 398 31.15 -28.67 19.13
C GLY B 398 31.75 -28.24 17.80
N LEU B 399 32.00 -26.94 17.67
CA LEU B 399 32.60 -26.36 16.45
C LEU B 399 33.92 -27.03 16.06
N LEU B 400 34.77 -27.31 17.04
CA LEU B 400 36.09 -27.87 16.78
C LEU B 400 36.03 -29.34 16.39
N ALA B 401 35.14 -30.09 17.04
CA ALA B 401 35.09 -31.53 16.89
C ALA B 401 34.10 -32.01 15.85
N LYS B 402 32.91 -31.40 15.81
CA LYS B 402 31.88 -31.83 14.88
C LYS B 402 32.14 -31.46 13.42
N ASN B 403 31.40 -32.08 12.52
CA ASN B 403 31.61 -31.92 11.08
C ASN B 403 30.59 -31.05 10.38
N SER B 404 31.08 -30.31 9.38
CA SER B 404 30.25 -29.53 8.47
C SER B 404 29.51 -30.47 7.51
N LYS B 405 28.60 -29.92 6.73
CA LYS B 405 27.87 -30.70 5.74
C LYS B 405 28.51 -30.56 4.37
N LEU B 406 28.77 -31.69 3.71
CA LEU B 406 29.29 -31.69 2.35
C LEU B 406 28.16 -31.49 1.35
N MET B 407 28.46 -30.73 0.30
CA MET B 407 27.57 -30.52 -0.81
C MET B 407 27.33 -31.80 -1.59
N ASN B 408 26.06 -32.09 -1.82
CA ASN B 408 25.63 -33.20 -2.69
C ASN B 408 24.61 -32.68 -3.70
N GLN B 409 24.78 -33.07 -4.95
CA GLN B 409 23.83 -32.71 -5.98
C GLN B 409 22.47 -33.37 -5.71
N ASN B 410 22.50 -34.48 -4.96
CA ASN B 410 21.30 -35.22 -4.59
C ASN B 410 20.81 -34.85 -3.19
N LYS B 411 21.65 -34.14 -2.43
CA LYS B 411 21.33 -33.75 -1.04
C LYS B 411 21.84 -32.32 -0.76
N MET B 412 21.01 -31.33 -1.03
CA MET B 412 21.46 -29.94 -1.04
C MET B 412 21.31 -29.20 0.29
N VAL B 413 20.07 -28.86 0.66
CA VAL B 413 19.81 -28.14 1.90
C VAL B 413 19.03 -29.05 2.84
N THR B 414 19.49 -29.15 4.09
CA THR B 414 18.84 -30.03 5.08
C THR B 414 17.44 -29.55 5.43
N SER B 415 16.58 -30.50 5.80
CA SER B 415 15.17 -30.24 6.06
C SER B 415 14.96 -29.27 7.23
N GLU B 416 15.96 -29.18 8.10
CA GLU B 416 15.90 -28.28 9.24
C GLU B 416 15.89 -26.82 8.76
N LEU B 417 16.49 -26.61 7.60
CA LEU B 417 16.54 -25.29 6.96
C LEU B 417 15.55 -25.14 5.80
N ARG B 418 15.19 -26.27 5.20
CA ARG B 418 14.30 -26.28 4.04
C ARG B 418 12.82 -26.35 4.41
N ASN B 419 12.51 -26.96 5.55
CA ASN B 419 11.12 -27.02 6.02
C ASN B 419 10.87 -26.34 7.36
N LYS B 420 11.88 -26.30 8.23
CA LYS B 420 11.67 -25.88 9.61
C LYS B 420 12.40 -24.59 10.02
N LEU B 421 12.44 -23.60 9.13
CA LEU B 421 13.09 -22.31 9.43
C LEU B 421 12.16 -21.39 10.25
N PHE B 422 12.71 -20.82 11.31
CA PHE B 422 11.98 -19.83 12.12
C PHE B 422 12.35 -18.44 11.61
N GLN B 423 11.35 -17.59 11.45
CA GLN B 423 11.61 -16.19 11.09
C GLN B 423 11.05 -15.26 12.16
N PRO B 424 11.88 -14.28 12.60
CA PRO B 424 11.65 -13.44 13.78
C PRO B 424 10.34 -12.64 13.78
N THR B 425 9.86 -12.24 12.61
CA THR B 425 8.60 -11.52 12.47
C THR B 425 7.43 -12.42 12.85
N HIS B 426 7.43 -13.62 12.28
CA HIS B 426 6.32 -14.55 12.34
C HIS B 426 6.44 -15.49 13.55
N LYS B 427 5.73 -16.62 13.53
CA LYS B 427 5.63 -17.48 14.72
C LYS B 427 6.00 -18.95 14.52
N VAL B 428 5.75 -19.49 13.33
CA VAL B 428 5.96 -20.92 13.06
C VAL B 428 7.39 -21.30 12.65
N HIS B 429 7.78 -22.52 13.00
CA HIS B 429 9.02 -23.13 12.53
C HIS B 429 8.74 -23.90 11.24
N GLY B 430 8.24 -23.19 10.23
CA GLY B 430 7.80 -23.81 8.99
C GLY B 430 8.19 -23.09 7.71
N PHE B 431 9.19 -22.23 7.79
CA PHE B 431 9.67 -21.51 6.61
C PHE B 431 10.67 -22.33 5.81
N ASP B 432 11.00 -21.83 4.62
CA ASP B 432 11.89 -22.51 3.68
C ASP B 432 13.02 -21.59 3.24
N LEU B 433 14.23 -21.88 3.67
CA LEU B 433 15.38 -21.08 3.28
C LEU B 433 15.71 -21.21 1.79
N ALA B 434 15.59 -22.43 1.25
CA ALA B 434 15.90 -22.68 -0.16
C ALA B 434 14.87 -22.04 -1.11
N ALA B 435 13.63 -21.95 -0.67
CA ALA B 435 12.61 -21.22 -1.43
C ALA B 435 12.81 -19.71 -1.29
N ILE B 436 13.07 -19.27 -0.06
CA ILE B 436 13.32 -17.84 0.21
C ILE B 436 14.49 -17.31 -0.62
N ASN B 437 15.56 -18.12 -0.74
CA ASN B 437 16.71 -17.76 -1.56
C ASN B 437 16.37 -17.56 -3.03
N LEU B 438 15.41 -18.33 -3.53
CA LEU B 438 15.10 -18.32 -4.95
C LEU B 438 14.20 -17.16 -5.36
N GLN B 439 13.31 -16.72 -4.47
CA GLN B 439 12.51 -15.54 -4.77
C GLN B 439 13.34 -14.28 -4.60
N ARG B 440 14.25 -14.30 -3.62
CA ARG B 440 15.14 -13.18 -3.34
C ARG B 440 16.02 -12.90 -4.57
N CYS B 441 16.38 -13.96 -5.29
CA CYS B 441 17.07 -13.83 -6.58
C CYS B 441 16.23 -13.03 -7.55
N ARG B 442 14.93 -13.34 -7.60
CA ARG B 442 14.02 -12.67 -8.51
C ARG B 442 13.69 -11.27 -8.03
N ASP B 443 13.69 -11.09 -6.70
CA ASP B 443 13.44 -9.80 -6.05
C ASP B 443 14.57 -8.82 -6.34
N HIS B 444 15.79 -9.35 -6.42
CA HIS B 444 16.96 -8.51 -6.65
C HIS B 444 17.27 -8.32 -8.13
N GLY B 445 16.41 -8.88 -8.97
CA GLY B 445 16.52 -8.72 -10.42
C GLY B 445 17.77 -9.36 -10.97
N MET B 446 18.06 -10.57 -10.48
CA MET B 446 19.20 -11.33 -10.93
C MET B 446 19.06 -11.75 -12.38
N PRO B 447 20.14 -11.56 -13.17
CA PRO B 447 20.24 -12.21 -14.47
C PRO B 447 20.35 -13.71 -14.31
N GLY B 448 20.02 -14.47 -15.36
CA GLY B 448 20.03 -15.92 -15.30
C GLY B 448 21.42 -16.56 -15.25
N TYR B 449 21.41 -17.89 -15.14
CA TYR B 449 22.63 -18.71 -15.08
C TYR B 449 23.66 -18.38 -16.18
N ASN B 450 23.24 -18.43 -17.44
CA ASN B 450 24.16 -18.22 -18.57
C ASN B 450 24.72 -16.82 -18.70
N SER B 451 23.96 -15.82 -18.24
CA SER B 451 24.45 -14.44 -18.16
C SER B 451 25.69 -14.41 -17.26
N TRP B 452 25.69 -15.24 -16.22
CA TRP B 452 26.80 -15.32 -15.27
C TRP B 452 27.93 -16.23 -15.74
N ARG B 453 27.57 -17.36 -16.36
CA ARG B 453 28.56 -18.20 -17.04
C ARG B 453 29.32 -17.33 -18.05
N GLY B 454 28.55 -16.57 -18.85
CA GLY B 454 29.12 -15.66 -19.83
C GLY B 454 29.99 -14.60 -19.19
N PHE B 455 29.50 -14.04 -18.09
CA PHE B 455 30.23 -13.01 -17.32
C PHE B 455 31.61 -13.50 -16.91
N CYS B 456 31.69 -14.73 -16.44
CA CYS B 456 32.96 -15.33 -16.04
C CYS B 456 33.74 -15.94 -17.20
N GLY B 457 33.15 -15.91 -18.38
CA GLY B 457 33.74 -16.52 -19.57
C GLY B 457 33.72 -18.03 -19.46
N LEU B 458 32.54 -18.58 -19.14
CA LEU B 458 32.34 -20.02 -19.02
C LEU B 458 31.24 -20.49 -19.98
N SER B 459 31.45 -21.66 -20.58
CA SER B 459 30.53 -22.20 -21.60
C SER B 459 29.07 -22.11 -21.16
N GLN B 460 28.21 -21.70 -22.09
CA GLN B 460 26.81 -21.43 -21.80
C GLN B 460 25.89 -22.48 -22.41
N PRO B 461 25.35 -23.38 -21.55
CA PRO B 461 24.53 -24.51 -22.00
C PRO B 461 23.17 -24.05 -22.51
N LYS B 462 22.72 -24.62 -23.62
CA LYS B 462 21.43 -24.28 -24.20
C LYS B 462 20.52 -25.51 -24.30
N THR B 463 21.11 -26.68 -24.13
CA THR B 463 20.43 -27.95 -24.40
C THR B 463 20.48 -28.93 -23.22
N LEU B 464 19.55 -29.88 -23.22
CA LEU B 464 19.51 -30.96 -22.23
C LEU B 464 20.90 -31.56 -22.07
N LYS B 465 21.43 -32.06 -23.19
CA LYS B 465 22.77 -32.63 -23.25
C LYS B 465 23.84 -31.61 -22.82
N GLY B 466 23.60 -30.33 -23.12
CA GLY B 466 24.55 -29.27 -22.81
C GLY B 466 24.78 -29.02 -21.33
N LEU B 467 23.68 -28.95 -20.58
CA LEU B 467 23.72 -28.70 -19.14
C LEU B 467 24.23 -29.93 -18.40
N GLN B 468 24.02 -31.09 -19.01
CA GLN B 468 24.50 -32.36 -18.48
C GLN B 468 26.04 -32.41 -18.41
N ALA B 469 26.68 -31.94 -19.48
CA ALA B 469 28.13 -31.88 -19.57
C ALA B 469 28.74 -31.05 -18.43
N VAL B 470 28.07 -29.95 -18.08
CA VAL B 470 28.56 -29.01 -17.08
C VAL B 470 28.41 -29.55 -15.65
N LEU B 471 27.19 -29.93 -15.27
CA LEU B 471 26.91 -30.39 -13.91
C LEU B 471 27.41 -31.83 -13.66
N LYS B 472 27.83 -32.51 -14.72
CA LYS B 472 28.26 -33.92 -14.70
C LYS B 472 27.26 -34.85 -14.00
N ASN B 473 25.98 -34.57 -14.20
CA ASN B 473 24.90 -35.36 -13.61
C ASN B 473 23.66 -35.33 -14.50
N LYS B 474 23.44 -36.44 -15.22
CA LYS B 474 22.34 -36.58 -16.19
C LYS B 474 20.94 -36.34 -15.60
N VAL B 475 20.72 -36.90 -14.41
CA VAL B 475 19.41 -36.88 -13.75
C VAL B 475 19.01 -35.48 -13.26
N LEU B 476 19.97 -34.77 -12.66
CA LEU B 476 19.75 -33.41 -12.15
C LEU B 476 19.40 -32.39 -13.23
N ALA B 477 20.17 -32.40 -14.32
CA ALA B 477 19.94 -31.49 -15.44
C ALA B 477 18.52 -31.63 -15.97
N LYS B 478 18.08 -32.87 -16.14
CA LYS B 478 16.73 -33.20 -16.58
C LYS B 478 15.68 -32.56 -15.66
N LYS B 479 15.86 -32.75 -14.34
CA LYS B 479 14.96 -32.19 -13.33
C LYS B 479 15.00 -30.66 -13.37
N LEU B 480 16.20 -30.13 -13.56
CA LEU B 480 16.45 -28.69 -13.59
C LEU B 480 15.79 -28.06 -14.81
N LEU B 481 15.93 -28.73 -15.96
CA LEU B 481 15.34 -28.29 -17.23
C LEU B 481 13.81 -28.45 -17.32
N ASP B 482 13.28 -29.49 -16.68
CA ASP B 482 11.84 -29.71 -16.71
C ASP B 482 11.10 -28.58 -16.02
N LEU B 483 11.69 -28.03 -14.96
CA LEU B 483 11.12 -26.89 -14.25
C LEU B 483 11.39 -25.54 -14.96
N TYR B 484 12.62 -25.37 -15.44
CA TYR B 484 13.10 -24.09 -15.97
C TYR B 484 12.99 -23.94 -17.51
N LYS B 485 12.78 -25.07 -18.19
CA LYS B 485 12.61 -25.14 -19.65
C LYS B 485 13.83 -24.74 -20.46
N THR B 486 14.70 -23.89 -19.90
CA THR B 486 15.96 -23.50 -20.53
C THR B 486 17.02 -23.05 -19.50
N PRO B 487 18.31 -23.34 -19.76
CA PRO B 487 19.33 -22.95 -18.80
C PRO B 487 19.44 -21.42 -18.57
N ASP B 488 19.02 -20.64 -19.56
CA ASP B 488 18.99 -19.15 -19.45
C ASP B 488 18.04 -18.66 -18.35
N ASN B 489 17.17 -19.54 -17.87
CA ASN B 489 16.17 -19.15 -16.90
C ASN B 489 16.40 -19.66 -15.48
N ILE B 490 17.39 -20.55 -15.33
CA ILE B 490 17.78 -21.06 -14.01
C ILE B 490 18.23 -19.92 -13.09
N ASP B 491 17.58 -19.80 -11.93
CA ASP B 491 17.93 -18.79 -10.92
C ASP B 491 19.39 -19.01 -10.49
N ILE B 492 20.14 -17.93 -10.28
CA ILE B 492 21.58 -18.06 -10.04
C ILE B 492 21.96 -18.95 -8.84
N TRP B 493 21.34 -18.69 -7.69
CA TRP B 493 21.64 -19.45 -6.47
C TRP B 493 21.64 -20.96 -6.71
N ILE B 494 20.55 -21.47 -7.28
CA ILE B 494 20.46 -22.91 -7.59
C ILE B 494 21.38 -23.36 -8.73
N GLY B 495 21.41 -22.60 -9.81
CA GLY B 495 22.24 -22.92 -10.98
C GLY B 495 23.70 -23.04 -10.61
N GLY B 496 24.19 -22.04 -9.88
CA GLY B 496 25.59 -21.99 -9.48
C GLY B 496 25.98 -23.07 -8.50
N ASN B 497 25.09 -23.37 -7.56
CA ASN B 497 25.35 -24.40 -6.56
C ASN B 497 25.21 -25.83 -7.08
N ALA B 498 24.61 -25.99 -8.26
CA ALA B 498 24.41 -27.31 -8.86
C ALA B 498 25.67 -27.86 -9.52
N GLU B 499 26.59 -26.97 -9.90
CA GLU B 499 27.87 -27.34 -10.54
C GLU B 499 28.77 -28.12 -9.60
N PRO B 500 29.53 -29.10 -10.12
CA PRO B 500 30.40 -29.90 -9.26
C PRO B 500 31.59 -29.07 -8.78
N MET B 501 32.16 -29.45 -7.64
CA MET B 501 33.22 -28.67 -7.00
C MET B 501 34.56 -28.71 -7.75
N VAL B 502 35.31 -27.62 -7.63
CA VAL B 502 36.68 -27.56 -8.14
C VAL B 502 37.63 -28.37 -7.24
N GLU B 503 38.79 -28.73 -7.79
CA GLU B 503 39.79 -29.49 -7.05
C GLU B 503 40.27 -28.71 -5.83
N ARG B 504 40.25 -29.36 -4.67
CA ARG B 504 40.68 -28.80 -3.38
C ARG B 504 39.80 -27.66 -2.86
N GLY B 505 38.64 -27.47 -3.47
CA GLY B 505 37.72 -26.41 -3.07
C GLY B 505 36.34 -26.92 -2.71
N ARG B 506 35.43 -26.00 -2.37
CA ARG B 506 34.08 -26.37 -1.97
C ARG B 506 32.98 -25.66 -2.76
N VAL B 507 33.34 -25.04 -3.89
CA VAL B 507 32.38 -24.45 -4.82
C VAL B 507 32.85 -24.65 -6.25
N GLY B 508 31.91 -24.53 -7.20
CA GLY B 508 32.19 -24.80 -8.61
C GLY B 508 32.77 -23.63 -9.37
N PRO B 509 33.26 -23.89 -10.61
CA PRO B 509 33.93 -22.88 -11.42
C PRO B 509 33.22 -21.53 -11.46
N LEU B 510 31.88 -21.54 -11.54
CA LEU B 510 31.12 -20.30 -11.62
C LEU B 510 31.15 -19.52 -10.31
N LEU B 511 30.90 -20.21 -9.20
CA LEU B 511 30.92 -19.57 -7.89
C LEU B 511 32.33 -19.14 -7.50
N ALA B 512 33.32 -19.96 -7.84
CA ALA B 512 34.73 -19.65 -7.60
C ALA B 512 35.12 -18.31 -8.23
N CYS B 513 34.50 -18.02 -9.37
CA CYS B 513 34.72 -16.78 -10.10
C CYS B 513 34.14 -15.60 -9.34
N LEU B 514 32.83 -15.64 -9.09
CA LEU B 514 32.12 -14.56 -8.42
C LEU B 514 32.71 -14.24 -7.04
N LEU B 515 32.91 -15.28 -6.23
CA LEU B 515 33.53 -15.15 -4.91
C LEU B 515 34.96 -14.62 -5.03
N GLY B 516 35.74 -15.24 -5.90
CA GLY B 516 37.14 -14.84 -6.13
C GLY B 516 37.33 -13.39 -6.54
N ARG B 517 36.54 -12.95 -7.51
CA ARG B 517 36.59 -11.57 -8.00
C ARG B 517 36.16 -10.57 -6.94
N GLN B 518 35.17 -10.94 -6.12
CA GLN B 518 34.71 -10.04 -5.06
C GLN B 518 35.75 -9.92 -3.97
N PHE B 519 36.30 -11.05 -3.53
CA PHE B 519 37.23 -11.05 -2.42
C PHE B 519 38.53 -10.29 -2.70
N GLN B 520 38.97 -10.28 -3.96
CA GLN B 520 40.13 -9.48 -4.32
C GLN B 520 39.80 -7.99 -4.30
N GLN B 521 38.62 -7.64 -4.78
CA GLN B 521 38.21 -6.24 -4.85
C GLN B 521 38.12 -5.61 -3.47
N ILE B 522 37.59 -6.34 -2.49
CA ILE B 522 37.50 -5.81 -1.11
C ILE B 522 38.88 -5.78 -0.46
N ARG B 523 39.78 -6.61 -0.95
CA ARG B 523 41.15 -6.65 -0.47
C ARG B 523 42.03 -5.60 -1.15
N ASP B 524 41.92 -5.51 -2.47
CA ASP B 524 42.70 -4.54 -3.25
C ASP B 524 42.28 -3.09 -3.02
N GLY B 525 40.97 -2.85 -2.94
CA GLY B 525 40.46 -1.49 -2.83
C GLY B 525 40.17 -1.01 -1.43
N ASP B 526 40.87 -1.58 -0.45
CA ASP B 526 40.71 -1.19 0.96
C ASP B 526 41.98 -0.56 1.51
N ARG B 527 41.88 0.72 1.85
CA ARG B 527 43.02 1.52 2.31
C ARG B 527 43.61 0.99 3.61
N PHE B 528 42.79 0.33 4.42
CA PHE B 528 43.22 -0.12 5.74
C PHE B 528 43.49 -1.63 5.84
N TRP B 529 43.55 -2.30 4.69
CA TRP B 529 43.98 -3.70 4.61
C TRP B 529 45.31 -3.83 5.38
N TRP B 530 45.42 -4.85 6.22
CA TRP B 530 46.57 -4.96 7.12
C TRP B 530 47.92 -4.98 6.40
N GLU B 531 48.00 -5.75 5.31
CA GLU B 531 49.23 -5.87 4.52
C GLU B 531 49.64 -4.62 3.75
N ASN B 532 48.76 -3.62 3.68
CA ASN B 532 49.08 -2.34 3.03
C ASN B 532 50.04 -1.52 3.88
N PRO B 533 51.24 -1.23 3.35
CA PRO B 533 52.26 -0.49 4.09
C PRO B 533 51.70 0.79 4.74
N GLY B 534 52.08 1.02 5.99
CA GLY B 534 51.70 2.24 6.71
C GLY B 534 50.52 2.08 7.65
N VAL B 535 49.72 1.04 7.42
CA VAL B 535 48.55 0.72 8.26
C VAL B 535 49.01 0.14 9.60
N PHE B 536 49.65 -1.03 9.54
CA PHE B 536 50.35 -1.60 10.68
C PHE B 536 51.83 -1.55 10.41
N THR B 537 52.64 -1.28 11.43
CA THR B 537 54.11 -1.22 11.29
C THR B 537 54.67 -2.61 10.95
N GLU B 538 55.89 -2.63 10.44
CA GLU B 538 56.54 -3.87 10.02
C GLU B 538 56.72 -4.85 11.18
N LYS B 539 56.96 -4.31 12.36
CA LYS B 539 57.01 -5.10 13.60
C LYS B 539 55.63 -5.62 14.00
N GLN B 540 54.61 -4.77 13.83
CA GLN B 540 53.22 -5.13 14.14
C GLN B 540 52.69 -6.23 13.23
N ARG B 541 53.09 -6.20 11.96
CA ARG B 541 52.68 -7.19 10.97
C ARG B 541 53.17 -8.60 11.29
N ASP B 542 54.41 -8.71 11.77
CA ASP B 542 54.97 -10.01 12.17
C ASP B 542 54.17 -10.68 13.26
N SER B 543 53.73 -9.89 14.23
CA SER B 543 52.95 -10.37 15.35
C SER B 543 51.51 -10.74 14.96
N LEU B 544 50.95 -10.01 14.00
CA LEU B 544 49.60 -10.30 13.48
C LEU B 544 49.58 -11.52 12.56
N GLN B 545 50.72 -11.82 11.94
CA GLN B 545 50.85 -12.96 11.03
C GLN B 545 50.75 -14.30 11.75
N LYS B 546 50.77 -14.27 13.07
CA LYS B 546 50.80 -15.49 13.87
C LYS B 546 49.49 -15.84 14.57
N VAL B 547 48.46 -15.01 14.42
CA VAL B 547 47.16 -15.30 15.03
C VAL B 547 46.49 -16.48 14.33
N SER B 548 45.76 -17.28 15.11
CA SER B 548 44.95 -18.37 14.57
C SER B 548 43.60 -18.37 15.29
N PHE B 549 42.60 -19.05 14.71
CA PHE B 549 41.29 -19.15 15.37
C PHE B 549 41.40 -19.95 16.66
N SER B 550 42.34 -20.89 16.71
CA SER B 550 42.60 -21.67 17.91
C SER B 550 42.91 -20.78 19.11
N ARG B 551 43.80 -19.82 18.94
CA ARG B 551 44.13 -18.88 20.01
C ARG B 551 42.93 -18.10 20.49
N LEU B 552 42.11 -17.63 19.56
CA LEU B 552 40.88 -16.92 19.89
C LEU B 552 40.15 -17.76 20.92
N ILE B 553 40.02 -19.06 20.63
CA ILE B 553 39.38 -20.00 21.54
C ILE B 553 40.14 -20.09 22.87
N CYS B 554 41.46 -20.24 22.80
CA CYS B 554 42.27 -20.50 23.99
C CYS B 554 42.37 -19.33 24.99
N ASP B 555 42.35 -18.10 24.48
CA ASP B 555 42.46 -16.93 25.35
C ASP B 555 41.16 -16.58 26.09
N ASN B 556 40.03 -16.58 25.38
CA ASN B 556 38.74 -16.20 25.97
C ASN B 556 37.64 -17.27 25.98
N THR B 557 37.96 -18.38 26.63
CA THR B 557 37.07 -19.52 26.87
C THR B 557 37.69 -20.30 28.05
N HIS B 558 37.23 -21.52 28.32
CA HIS B 558 37.95 -22.39 29.24
C HIS B 558 38.21 -23.75 28.62
N ILE B 559 38.46 -23.74 27.31
CA ILE B 559 38.90 -24.94 26.59
C ILE B 559 40.42 -24.93 26.55
N THR B 560 41.00 -26.09 26.84
CA THR B 560 42.45 -26.22 26.96
C THR B 560 43.02 -27.01 25.80
N LYS B 561 42.19 -27.82 25.17
CA LYS B 561 42.64 -28.66 24.07
C LYS B 561 42.00 -28.23 22.76
N VAL B 562 42.83 -27.88 21.80
CA VAL B 562 42.38 -27.36 20.51
C VAL B 562 43.21 -27.94 19.37
N PRO B 563 42.63 -28.01 18.15
CA PRO B 563 43.46 -28.41 17.03
C PRO B 563 44.32 -27.24 16.56
N LEU B 564 45.41 -27.53 15.86
CA LEU B 564 46.24 -26.47 15.29
C LEU B 564 45.55 -25.81 14.11
N HIS B 565 44.99 -26.63 13.22
CA HIS B 565 44.24 -26.13 12.07
C HIS B 565 42.74 -26.36 12.29
N ALA B 566 42.06 -25.32 12.76
CA ALA B 566 40.69 -25.42 13.24
C ALA B 566 39.64 -25.56 12.14
N PHE B 567 40.07 -25.51 10.89
CA PHE B 567 39.13 -25.54 9.75
C PHE B 567 39.04 -26.90 9.07
N GLN B 568 40.07 -27.73 9.23
CA GLN B 568 40.03 -29.10 8.71
C GLN B 568 39.44 -30.05 9.75
N ALA B 569 39.02 -31.23 9.29
CA ALA B 569 38.38 -32.21 10.18
C ALA B 569 39.37 -32.74 11.22
N ASN B 570 38.95 -32.70 12.48
CA ASN B 570 39.78 -33.11 13.60
C ASN B 570 39.09 -34.12 14.50
N ASN B 571 39.87 -35.03 15.05
CA ASN B 571 39.37 -36.04 15.97
C ASN B 571 40.06 -35.93 17.31
N TYR B 572 39.28 -36.10 18.38
CA TYR B 572 39.83 -36.07 19.75
C TYR B 572 40.30 -37.47 20.17
N PRO B 573 41.47 -37.57 20.82
CA PRO B 573 42.41 -36.52 21.21
C PRO B 573 43.65 -36.35 20.30
N HIS B 574 43.72 -37.08 19.18
CA HIS B 574 44.93 -37.09 18.38
C HIS B 574 45.28 -35.72 17.80
N ASP B 575 44.31 -35.10 17.13
CA ASP B 575 44.53 -33.81 16.49
C ASP B 575 44.40 -32.62 17.44
N PHE B 576 44.11 -32.91 18.71
CA PHE B 576 43.95 -31.87 19.72
C PHE B 576 45.18 -31.77 20.61
N VAL B 577 45.76 -30.57 20.65
CA VAL B 577 46.91 -30.28 21.51
C VAL B 577 46.53 -29.24 22.55
N ASP B 578 47.38 -29.07 23.56
CA ASP B 578 47.20 -28.03 24.58
C ASP B 578 47.40 -26.65 23.97
N CYS B 579 46.74 -25.65 24.55
CA CYS B 579 46.91 -24.26 24.14
C CYS B 579 48.37 -23.79 24.14
N SER B 580 49.18 -24.41 25.00
CA SER B 580 50.61 -24.10 25.13
C SER B 580 51.39 -24.33 23.84
N ALA B 581 50.90 -25.21 22.98
CA ALA B 581 51.52 -25.47 21.70
C ALA B 581 51.03 -24.50 20.60
N VAL B 582 50.12 -23.60 20.98
CA VAL B 582 49.56 -22.62 20.05
C VAL B 582 50.24 -21.26 20.20
N ASP B 583 50.76 -20.73 19.11
CA ASP B 583 51.42 -19.43 19.08
C ASP B 583 50.48 -18.31 19.54
N LYS B 584 50.97 -17.47 20.45
CA LYS B 584 50.21 -16.34 20.97
C LYS B 584 50.39 -15.08 20.13
N LEU B 585 49.42 -14.16 20.22
CA LEU B 585 49.57 -12.84 19.64
C LEU B 585 50.46 -12.02 20.57
N ASP B 586 51.59 -11.56 20.06
CA ASP B 586 52.49 -10.76 20.88
C ASP B 586 52.18 -9.28 20.71
N LEU B 587 51.66 -8.66 21.76
CA LEU B 587 51.31 -7.24 21.73
C LEU B 587 52.47 -6.31 22.13
N SER B 588 53.70 -6.74 21.85
CA SER B 588 54.88 -5.93 22.09
C SER B 588 54.95 -4.68 21.20
N PRO B 589 54.76 -4.84 19.88
CA PRO B 589 55.01 -3.71 18.98
C PRO B 589 53.97 -2.59 19.08
N TRP B 590 52.98 -2.77 19.95
CA TRP B 590 51.99 -1.74 20.21
C TRP B 590 52.40 -0.86 21.40
N ALA B 591 53.48 -1.24 22.09
CA ALA B 591 54.01 -0.46 23.21
C ALA B 591 54.61 0.86 22.72
N SER B 592 54.16 1.96 23.32
CA SER B 592 54.53 3.30 22.90
C SER B 592 54.90 4.18 24.11
N ARG B 593 56.15 4.63 24.17
CA ARG B 593 56.62 5.46 25.30
C ARG B 593 56.69 6.96 24.94
N GLU B 594 56.82 7.81 25.98
CA GLU B 594 56.74 9.26 25.85
C GLU B 594 57.93 9.94 25.15
N ASN B 595 59.09 9.97 25.83
CA ASN B 595 60.29 10.62 25.30
C ASN B 595 60.95 9.86 24.15
C1 NAG C . -44.86 25.86 2.97
C2 NAG C . -45.80 27.07 3.05
C3 NAG C . -46.97 26.97 2.06
C4 NAG C . -46.50 26.55 0.66
C5 NAG C . -45.58 25.32 0.77
C6 NAG C . -45.05 24.83 -0.58
C7 NAG C . -45.94 28.32 5.17
C8 NAG C . -44.92 28.11 6.26
N2 NAG C . -46.28 27.26 4.42
O3 NAG C . -47.64 28.21 2.00
O4 NAG C . -47.61 26.29 -0.18
O5 NAG C . -44.48 25.61 1.61
O6 NAG C . -44.65 25.92 -1.37
O7 NAG C . -46.45 29.45 5.00
C1 NAG C . -47.77 27.39 -1.13
C2 NAG C . -48.07 26.91 -2.54
C3 NAG C . -47.87 28.09 -3.48
C4 NAG C . -48.41 29.44 -2.96
C5 NAG C . -48.95 29.48 -1.51
C6 NAG C . -50.44 29.85 -1.47
C7 NAG C . -47.67 24.74 -3.59
C8 NAG C . -47.03 24.48 -4.93
N2 NAG C . -47.21 25.80 -2.92
O3 NAG C . -48.46 27.80 -4.74
O4 NAG C . -47.37 30.40 -3.14
O5 NAG C . -48.80 28.28 -0.74
O6 NAG C . -50.60 31.25 -1.56
O7 NAG C . -48.55 24.00 -3.17
C1 MAN C . -47.89 31.67 -3.62
C2 MAN C . -46.99 32.19 -4.75
C3 MAN C . -46.43 33.59 -4.45
C4 MAN C . -47.48 34.56 -3.95
C5 MAN C . -48.42 33.96 -2.89
C6 MAN C . -49.89 34.07 -3.30
O2 MAN C . -47.71 32.19 -5.98
O3 MAN C . -45.83 34.13 -5.62
O4 MAN C . -46.83 35.69 -3.39
O5 MAN C . -48.07 32.61 -2.57
O6 MAN C . -50.67 34.47 -2.19
C1 NAG D . -37.01 -11.65 -16.29
C2 NAG D . -36.84 -11.95 -14.79
C3 NAG D . -37.60 -13.22 -14.36
C4 NAG D . -39.03 -13.28 -14.91
C5 NAG D . -38.98 -12.99 -16.41
C6 NAG D . -40.37 -13.00 -17.07
C7 NAG D . -34.72 -11.03 -14.01
C8 NAG D . -33.34 -11.34 -13.51
N2 NAG D . -35.45 -12.07 -14.42
O3 NAG D . -37.60 -13.36 -12.95
O4 NAG D . -39.54 -14.57 -14.64
O5 NAG D . -38.37 -11.73 -16.66
O6 NAG D . -41.01 -11.77 -16.86
O7 NAG D . -35.12 -9.87 -14.04
C1 NAG D . -40.74 -14.54 -13.83
C2 NAG D . -41.45 -15.90 -13.95
C3 NAG D . -42.59 -16.08 -12.94
C4 NAG D . -42.38 -15.42 -11.56
C5 NAG D . -41.63 -14.08 -11.69
C6 NAG D . -41.24 -13.50 -10.34
C7 NAG D . -41.49 -16.81 -16.25
C8 NAG D . -41.88 -16.45 -17.65
N2 NAG D . -42.01 -16.04 -15.29
O3 NAG D . -42.83 -17.46 -12.77
O4 NAG D . -43.64 -15.19 -10.93
O5 NAG D . -40.46 -14.24 -12.48
O6 NAG D . -40.15 -14.25 -9.81
O7 NAG D . -40.74 -17.78 -16.04
C1 MAN D . -44.03 -16.16 -9.92
C2 MAN D . -43.18 -16.09 -8.63
C3 MAN D . -43.49 -17.27 -7.71
C4 MAN D . -44.85 -17.88 -8.04
C5 MAN D . -44.99 -18.31 -9.52
C6 MAN D . -46.44 -18.23 -9.98
O2 MAN D . -43.45 -14.87 -7.98
O3 MAN D . -43.48 -16.88 -6.35
O4 MAN D . -45.09 -18.99 -7.19
O5 MAN D . -44.16 -17.50 -10.36
O6 MAN D . -47.05 -19.51 -9.98
C1 NAG E . -26.62 -8.26 11.56
C2 NAG E . -27.15 -7.40 12.71
C3 NAG E . -28.12 -8.22 13.56
C4 NAG E . -29.22 -8.87 12.73
C5 NAG E . -28.72 -9.46 11.41
C6 NAG E . -29.90 -9.64 10.44
C7 NAG E . -25.43 -5.71 13.31
C8 NAG E . -23.95 -5.73 13.63
N2 NAG E . -26.09 -6.85 13.57
O3 NAG E . -28.70 -7.40 14.54
O4 NAG E . -29.74 -9.95 13.49
O5 NAG E . -27.74 -8.65 10.76
O6 NAG E . -29.51 -10.49 9.38
O7 NAG E . -25.94 -4.69 12.84
C1 NAG E . -31.08 -9.77 13.89
C2 NAG E . -31.68 -11.14 14.20
C3 NAG E . -33.15 -10.95 14.52
C4 NAG E . -33.32 -10.03 15.74
C5 NAG E . -32.39 -8.79 15.70
C6 NAG E . -32.11 -8.33 17.14
C7 NAG E . -30.67 -13.15 13.24
C8 NAG E . -31.31 -14.42 13.73
N2 NAG E . -31.47 -12.08 13.12
O3 NAG E . -33.75 -12.21 14.79
O4 NAG E . -34.67 -9.64 15.86
O5 NAG E . -31.13 -9.01 15.08
O6 NAG E . -31.71 -6.98 17.16
O7 NAG E . -29.47 -13.11 12.98
C1 BMA E . -35.29 -10.28 17.01
C2 BMA E . -35.62 -9.29 18.14
C3 BMA E . -36.97 -9.60 18.79
C4 BMA E . -38.08 -9.63 17.75
C5 BMA E . -37.74 -10.56 16.56
C6 BMA E . -37.95 -9.87 15.22
O2 BMA E . -35.61 -7.95 17.64
O3 BMA E . -37.26 -8.63 19.81
O4 BMA E . -39.31 -10.04 18.36
O5 BMA E . -36.40 -11.13 16.65
O6 BMA E . -37.68 -10.78 14.14
C1 NAG F . -31.21 31.23 -27.59
C2 NAG F . -31.73 32.56 -28.12
C3 NAG F . -30.63 33.62 -28.21
C4 NAG F . -29.48 33.52 -27.20
C5 NAG F . -29.24 32.11 -26.66
C6 NAG F . -28.36 32.09 -25.40
C7 NAG F . -33.66 32.12 -29.59
C8 NAG F . -34.12 32.05 -31.02
N2 NAG F . -32.36 32.37 -29.42
O3 NAG F . -31.24 34.89 -28.08
O4 NAG F . -28.29 33.97 -27.82
O5 NAG F . -30.46 31.44 -26.40
O6 NAG F . -29.05 32.63 -24.29
O7 NAG F . -34.45 31.95 -28.67
C1 NAG F . -27.96 35.32 -27.42
C2 NAG F . -26.46 35.43 -27.14
C3 NAG F . -25.78 36.77 -27.48
C4 NAG F . -26.64 37.84 -28.16
C5 NAG F . -28.13 37.59 -27.97
C6 NAG F . -29.00 38.56 -28.76
C7 NAG F . -25.43 34.14 -25.30
C8 NAG F . -25.56 33.77 -23.83
N2 NAG F . -26.23 35.12 -25.74
O3 NAG F . -24.66 36.50 -28.29
O4 NAG F . -26.27 39.13 -27.67
O5 NAG F . -28.41 36.27 -28.37
O6 NAG F . -30.28 38.65 -28.16
O7 NAG F . -24.62 33.54 -26.05
C1 NAG G . 41.89 -30.73 4.21
C2 NAG G . 43.01 -31.26 3.29
C3 NAG G . 44.39 -30.69 3.63
C4 NAG G . 44.43 -29.25 4.16
C5 NAG G . 43.14 -28.86 4.91
C6 NAG G . 43.02 -27.36 5.19
C7 NAG G . 42.22 -33.51 2.60
C8 NAG G . 41.86 -34.83 3.22
N2 NAG G . 43.04 -32.72 3.32
O3 NAG G . 45.23 -30.77 2.49
O4 NAG G . 45.52 -29.15 5.07
O5 NAG G . 41.98 -29.32 4.23
O6 NAG G . 43.42 -27.08 6.53
O7 NAG G . 41.78 -33.21 1.50
C1 NAG G . 46.73 -28.42 4.70
C2 NAG G . 46.54 -26.94 4.31
C3 NAG G . 47.76 -26.04 4.61
C4 NAG G . 49.09 -26.72 5.03
C5 NAG G . 48.89 -28.10 5.69
C6 NAG G . 49.53 -28.11 7.08
C7 NAG G . 45.37 -25.79 2.46
C8 NAG G . 45.10 -25.73 0.97
N2 NAG G . 46.18 -26.78 2.89
O3 NAG G . 47.38 -25.13 5.64
O4 NAG G . 49.97 -26.85 3.92
O5 NAG G . 47.54 -28.42 5.87
O6 NAG G . 49.12 -29.30 7.79
O7 NAG G . 44.84 -24.96 3.22
C1 MAN G . 51.19 -26.05 3.97
C2 MAN G . 52.01 -26.20 5.28
C3 MAN G . 53.23 -25.26 5.29
C4 MAN G . 53.46 -24.66 3.91
C5 MAN G . 52.21 -23.93 3.40
C6 MAN G . 52.33 -23.59 1.91
O2 MAN G . 52.38 -27.55 5.49
O3 MAN G . 54.40 -25.93 5.74
O4 MAN G . 54.57 -23.78 3.95
O5 MAN G . 51.01 -24.67 3.63
O6 MAN G . 51.82 -22.27 1.69
C1 NAG H . 31.71 -0.86 32.09
C2 NAG H . 30.92 -2.02 32.71
C3 NAG H . 31.04 -1.99 34.23
C4 NAG H . 32.52 -1.96 34.63
C5 NAG H . 33.22 -0.76 33.95
C6 NAG H . 34.71 -0.69 34.24
C7 NAG H . 29.08 -2.54 31.17
C8 NAG H . 27.62 -2.38 30.87
N2 NAG H . 29.52 -2.00 32.31
O3 NAG H . 30.40 -3.12 34.79
O4 NAG H . 32.69 -1.91 36.04
O5 NAG H . 33.05 -0.85 32.54
O6 NAG H . 35.35 -1.88 33.84
O7 NAG H . 29.81 -3.14 30.36
C1 NAG H . 33.23 -3.16 36.52
C2 NAG H . 33.58 -3.03 38.01
C3 NAG H . 33.92 -4.39 38.65
C4 NAG H . 33.06 -5.56 38.16
C5 NAG H . 32.83 -5.48 36.64
C6 NAG H . 31.83 -6.52 36.10
C7 NAG H . 34.58 -0.79 38.30
C8 NAG H . 35.71 0.03 37.74
N2 NAG H . 34.70 -2.12 38.20
O3 NAG H . 33.78 -4.29 40.06
O4 NAG H . 33.68 -6.79 38.51
O5 NAG H . 32.31 -4.21 36.34
O6 NAG H . 30.50 -6.17 36.46
O7 NAG H . 33.62 -0.22 38.82
C1 BMA H . 32.81 -7.60 39.34
C2 BMA H . 32.67 -9.04 38.79
C3 BMA H . 33.26 -10.09 39.74
C4 BMA H . 34.57 -9.57 40.36
C5 BMA H . 34.32 -8.31 41.18
C6 BMA H . 35.56 -7.41 41.23
O2 BMA H . 33.25 -9.16 37.49
O3 BMA H . 33.48 -11.33 39.07
O4 BMA H . 35.18 -10.58 41.17
O5 BMA H . 33.17 -7.56 40.75
O6 BMA H . 36.01 -7.29 42.61
C1 NAG I . 12.45 -23.51 28.34
C2 NAG I . 12.29 -25.02 28.12
C3 NAG I . 12.39 -25.79 29.44
C4 NAG I . 13.56 -25.36 30.33
C5 NAG I . 13.69 -23.83 30.37
C6 NAG I . 15.01 -23.39 30.99
C7 NAG I . 10.84 -25.33 26.13
C8 NAG I . 9.47 -24.93 25.67
N2 NAG I . 11.03 -25.33 27.46
O3 NAG I . 12.47 -27.17 29.17
O4 NAG I . 13.34 -25.84 31.64
O5 NAG I . 13.62 -23.23 29.08
O6 NAG I . 14.87 -22.11 31.56
O7 NAG I . 11.72 -25.62 25.32
C1 NAG I . 14.25 -26.90 32.01
C2 NAG I . 14.66 -26.72 33.47
C3 NAG I . 15.68 -27.79 33.84
C4 NAG I . 15.04 -29.17 33.66
C5 NAG I . 14.46 -29.29 32.23
C6 NAG I . 13.60 -30.54 32.09
C7 NAG I . 14.42 -24.49 34.44
C8 NAG I . 15.18 -23.40 35.14
N2 NAG I . 15.15 -25.38 33.74
O3 NAG I . 16.12 -27.59 35.16
O4 NAG I . 15.96 -30.22 33.90
O5 NAG I . 13.66 -28.18 31.86
O6 NAG I . 13.64 -30.96 30.74
O7 NAG I . 13.18 -24.52 34.50
C1 BMA I . 15.73 -30.84 35.21
C2 BMA I . 15.25 -32.31 35.11
C3 BMA I . 16.08 -33.23 36.00
C4 BMA I . 17.59 -33.02 35.80
C5 BMA I . 17.99 -31.53 35.93
C6 BMA I . 18.87 -31.09 34.76
O2 BMA I . 15.31 -32.78 33.76
O3 BMA I . 15.76 -34.60 35.69
O4 BMA I . 18.32 -33.79 36.76
O5 BMA I . 16.84 -30.68 36.11
O6 BMA I . 19.08 -29.67 34.81
C1 NAG J . 44.22 -0.60 -10.40
C2 NAG J . 45.44 -0.90 -11.27
C3 NAG J . 45.16 -0.84 -12.78
C4 NAG J . 43.77 -1.30 -13.21
C5 NAG J . 42.68 -1.08 -12.16
C6 NAG J . 41.42 -1.90 -12.46
C7 NAG J . 47.82 -0.33 -11.12
C8 NAG J . 48.71 0.78 -11.60
N2 NAG J . 46.55 -0.01 -10.92
O3 NAG J . 46.12 -1.64 -13.44
O4 NAG J . 43.44 -0.64 -14.42
O5 NAG J . 43.14 -1.39 -10.85
O6 NAG J . 41.66 -3.28 -12.20
O7 NAG J . 48.28 -1.47 -10.95
C1 NAG J . 43.51 -1.54 -15.56
C2 NAG J . 42.64 -0.99 -16.69
C3 NAG J . 42.83 -1.72 -18.02
C4 NAG J . 44.28 -2.15 -18.30
C5 NAG J . 44.95 -2.73 -17.04
C6 NAG J . 46.43 -3.07 -17.28
C7 NAG J . 40.54 -0.08 -15.75
C8 NAG J . 39.04 -0.15 -15.92
N2 NAG J . 41.23 -1.08 -16.30
O3 NAG J . 42.38 -0.90 -19.08
O4 NAG J . 44.31 -3.08 -19.36
O5 NAG J . 44.84 -1.79 -15.99
O6 NAG J . 46.63 -4.46 -17.14
O7 NAG J . 41.05 0.85 -15.12
CA CA K . -28.27 12.46 -16.61
CHA HEM L . -21.54 13.81 -3.48
CHB HEM L . -22.86 11.42 0.53
CHC HEM L . -27.29 13.37 0.12
CHD HEM L . -25.77 16.24 -3.49
C1A HEM L . -21.48 13.05 -2.34
C2A HEM L . -20.29 12.41 -1.80
C3A HEM L . -20.65 11.75 -0.69
C4A HEM L . -22.08 11.93 -0.49
CMA HEM L . -19.71 10.93 0.22
CAA HEM L . -18.87 12.50 -2.41
CBA HEM L . -18.33 13.91 -2.20
CGA HEM L . -17.00 14.10 -2.90
O1A HEM L . -16.09 13.24 -2.75
O2A HEM L . -16.86 15.14 -3.60
C1B HEM L . -24.19 11.68 0.74
C2B HEM L . -25.06 11.06 1.74
C3B HEM L . -26.28 11.61 1.62
C4B HEM L . -26.23 12.59 0.55
CMB HEM L . -24.64 9.99 2.75
CAB HEM L . -27.55 11.28 2.45
CBB HEM L . -27.47 10.75 3.67
C1C HEM L . -27.27 14.31 -0.88
C2C HEM L . -28.40 15.11 -1.32
C3C HEM L . -27.99 15.91 -2.32
C4C HEM L . -26.58 15.64 -2.55
CMC HEM L . -29.82 15.03 -0.70
CAC HEM L . -28.80 16.95 -3.14
CBC HEM L . -29.78 17.72 -2.62
C1D HEM L . -24.53 15.81 -3.89
C2D HEM L . -23.83 16.25 -5.07
C3D HEM L . -22.51 15.48 -5.06
C4D HEM L . -22.54 14.66 -3.88
CMD HEM L . -24.26 17.27 -6.14
CAD HEM L . -21.40 15.58 -6.12
CBD HEM L . -21.95 14.92 -7.38
CGD HEM L . -20.82 14.64 -8.32
O1D HEM L . -20.51 15.52 -9.17
O2D HEM L . -20.22 13.54 -8.22
NA HEM L . -22.55 12.73 -1.52
NB HEM L . -24.94 12.61 0.04
NC HEM L . -26.17 14.66 -1.65
ND HEM L . -23.75 14.88 -3.21
FE HEM L . -24.30 13.81 -1.57
O OSM M . -23.78 10.97 -2.93
S OSM M . -22.98 9.42 -2.84
C OSM M . -21.38 9.30 -3.56
N OSM M . -20.74 8.08 -3.12
C FMT N . -50.14 2.35 4.59
O1 FMT N . -50.25 3.42 5.20
O2 FMT N . -51.07 1.81 3.97
C FMT O . -17.03 26.88 -13.18
O1 FMT O . -15.80 26.98 -13.14
O2 FMT O . -17.66 25.96 -12.62
CA CA P . 32.41 -4.89 6.68
CHA HEM Q . 21.03 -14.35 4.60
CHB HEM Q . 19.71 -17.84 7.71
CHC HEM Q . 24.27 -19.53 7.57
CHD HEM Q . 25.40 -16.48 3.99
C1A HEM Q . 20.27 -15.14 5.43
C2A HEM Q . 18.86 -14.93 5.73
C3A HEM Q . 18.49 -15.90 6.59
C4A HEM Q . 19.65 -16.74 6.87
CMA HEM Q . 17.08 -16.09 7.19
CAA HEM Q . 17.98 -13.79 5.14
CBA HEM Q . 17.61 -14.10 3.68
CGA HEM Q . 16.87 -12.97 3.02
O1A HEM Q . 15.71 -12.66 3.42
O2A HEM Q . 17.43 -12.37 2.07
C1B HEM Q . 20.84 -18.60 7.99
C2B HEM Q . 20.96 -19.71 8.92
C3B HEM Q . 22.22 -20.18 8.86
C4B HEM Q . 22.94 -19.37 7.91
CMB HEM Q . 19.83 -20.29 9.79
CAB HEM Q . 22.86 -21.35 9.65
CBB HEM Q . 22.50 -21.70 10.89
C1C HEM Q . 24.97 -18.90 6.57
C2C HEM Q . 26.31 -19.21 6.12
C3C HEM Q . 26.63 -18.36 5.13
C4C HEM Q . 25.49 -17.50 4.92
CMC HEM Q . 27.20 -20.34 6.71
CAC HEM Q . 27.95 -18.28 4.32
CBC HEM Q . 29.01 -19.06 4.54
C1D HEM Q . 24.38 -15.56 3.88
C2D HEM Q . 24.42 -14.34 3.09
C3D HEM Q . 23.06 -13.69 3.28
C4D HEM Q . 22.32 -14.57 4.17
CMD HEM Q . 25.57 -13.81 2.22
CAD HEM Q . 22.60 -12.34 2.67
CBD HEM Q . 23.34 -11.27 3.48
CGD HEM Q . 22.82 -9.90 3.15
O1D HEM Q . 23.09 -9.39 2.04
O2D HEM Q . 22.13 -9.33 4.04
NA HEM Q . 20.71 -16.24 6.14
NB HEM Q . 22.07 -18.42 7.39
NC HEM Q . 24.50 -17.85 5.81
ND HEM Q . 23.13 -15.65 4.49
FE HEM Q . 22.54 -17.09 5.84
O OSM R . 22.25 -15.03 7.82
S OSM R . 20.82 -14.95 8.80
C OSM R . 19.65 -13.68 8.41
N OSM R . 18.72 -13.47 9.51
C FMT S . 38.68 -28.48 28.36
O1 FMT S . 39.17 -27.62 29.10
O2 FMT S . 38.53 -28.34 27.15
C FMT T . 25.04 -7.93 -9.85
O1 FMT T . 25.55 -8.01 -8.74
O2 FMT T . 25.68 -7.70 -10.87
#